data_155C
# 
_entry.id   155C 
# 
_audit_conform.dict_name       mmcif_pdbx.dic 
_audit_conform.dict_version    5.397 
_audit_conform.dict_location   http://mmcif.pdb.org/dictionaries/ascii/mmcif_pdbx.dic 
# 
loop_
_database_2.database_id 
_database_2.database_code 
_database_2.pdbx_database_accession 
_database_2.pdbx_DOI 
PDB   155C         pdb_0000155c 10.2210/pdb155c/pdb 
WWPDB D_1000170126 ?            ?                   
# 
loop_
_pdbx_audit_revision_history.ordinal 
_pdbx_audit_revision_history.data_content_type 
_pdbx_audit_revision_history.major_revision 
_pdbx_audit_revision_history.minor_revision 
_pdbx_audit_revision_history.revision_date 
1 'Structure model' 1 0 1976-08-20 
2 'Structure model' 1 1 2008-03-24 
3 'Structure model' 1 2 2011-07-13 
4 'Structure model' 1 3 2024-06-05 
5 'Structure model' 1 4 2024-10-16 
# 
_pdbx_audit_revision_details.ordinal             1 
_pdbx_audit_revision_details.revision_ordinal    1 
_pdbx_audit_revision_details.data_content_type   'Structure model' 
_pdbx_audit_revision_details.provider            repository 
_pdbx_audit_revision_details.type                'Initial release' 
_pdbx_audit_revision_details.description         ? 
_pdbx_audit_revision_details.details             ? 
# 
loop_
_pdbx_audit_revision_group.ordinal 
_pdbx_audit_revision_group.revision_ordinal 
_pdbx_audit_revision_group.data_content_type 
_pdbx_audit_revision_group.group 
1 2 'Structure model' 'Version format compliance' 
2 3 'Structure model' 'Version format compliance' 
3 4 'Structure model' 'Data collection'           
4 4 'Structure model' 'Database references'       
5 4 'Structure model' 'Derived calculations'      
6 4 'Structure model' Other                       
7 5 'Structure model' 'Structure summary'         
# 
loop_
_pdbx_audit_revision_category.ordinal 
_pdbx_audit_revision_category.revision_ordinal 
_pdbx_audit_revision_category.data_content_type 
_pdbx_audit_revision_category.category 
1 4 'Structure model' chem_comp_atom            
2 4 'Structure model' chem_comp_bond            
3 4 'Structure model' database_2                
4 4 'Structure model' pdbx_database_status      
5 4 'Structure model' struct_conn               
6 4 'Structure model' struct_ref_seq_dif        
7 4 'Structure model' struct_site               
8 5 'Structure model' pdbx_entry_details        
9 5 'Structure model' pdbx_modification_feature 
# 
loop_
_pdbx_audit_revision_item.ordinal 
_pdbx_audit_revision_item.revision_ordinal 
_pdbx_audit_revision_item.data_content_type 
_pdbx_audit_revision_item.item 
1 4 'Structure model' '_database_2.pdbx_DOI'                         
2 4 'Structure model' '_database_2.pdbx_database_accession'          
3 4 'Structure model' '_pdbx_database_status.process_site'           
4 4 'Structure model' '_struct_conn.pdbx_leaving_atom_flag'          
5 4 'Structure model' '_struct_ref_seq_dif.details'                  
6 4 'Structure model' '_struct_site.pdbx_auth_asym_id'               
7 4 'Structure model' '_struct_site.pdbx_auth_comp_id'               
8 4 'Structure model' '_struct_site.pdbx_auth_seq_id'                
9 5 'Structure model' '_pdbx_entry_details.has_protein_modification' 
# 
_pdbx_database_status.status_code                     REL 
_pdbx_database_status.entry_id                        155C 
_pdbx_database_status.recvd_initial_deposition_date   1976-08-01 
_pdbx_database_status.deposit_site                    ? 
_pdbx_database_status.process_site                    BNL 
_pdbx_database_status.status_code_sf                  REL 
_pdbx_database_status.status_code_mr                  ? 
_pdbx_database_status.SG_entry                        ? 
_pdbx_database_status.pdb_format_compatible           Y 
_pdbx_database_status.status_code_cs                  ? 
_pdbx_database_status.status_code_nmr_data            ? 
_pdbx_database_status.methods_development_category    ? 
# 
_audit_author.name           'Timkovich, R.' 
_audit_author.pdbx_ordinal   1 
# 
loop_
_citation.id 
_citation.title 
_citation.journal_abbrev 
_citation.journal_volume 
_citation.page_first 
_citation.page_last 
_citation.year 
_citation.journal_id_ASTM 
_citation.country 
_citation.journal_id_ISSN 
_citation.journal_id_CSD 
_citation.book_publisher 
_citation.pdbx_database_id_PubMed 
_citation.pdbx_database_id_DOI 
primary 'The structure of Paracoccus denitrificans cytochrome c550.'      J.Biol.Chem.                                           
251 4033 4046 1976 JBCHA3 US 0021-9258     0071 ?                                                            180013 ? 
1       'Amino Acid Sequence of Paracoccus Denitrificans Cytochrome C550' J.Biol.Chem.                                           
251 2197 ?    1976 JBCHA3 US 0021-9258     0071 ?                                                            ?      ? 
2       ?                                                                 'Atlas of Macromolecular Structure on Microfiche'      ? 
115  ?    1976 ?      ?  0-917934-01-6 0434 'Tracor Jitco Inc.,Rockville,Md.'                            ?      ? 
3       ?                                                                 'Atlas of Protein Sequence and Structure,Supplement 2' 5 
45   ?    1976 ?      ?  0-912466-05-7 435  'National Biomedical Research Foundation, Silver Spring,Md.' ?      ? 
# 
loop_
_citation_author.citation_id 
_citation_author.name 
_citation_author.ordinal 
_citation_author.identifier_ORCID 
primary 'Timkovich, R.'   1 ? 
primary 'Dickerson, R.E.' 2 ? 
1       'Timkovich, R.'   3 ? 
1       'Dickerson, R.E.' 4 ? 
1       'Margoliash, E.'  5 ? 
# 
loop_
_citation_editor.citation_id 
_citation_editor.name 
_citation_editor.ordinal 
2 'Feldmann, R.J.' 1 
3 'Dayhoff, M.O.'  2 
# 
loop_
_entity.id 
_entity.type 
_entity.src_method 
_entity.pdbx_description 
_entity.formula_weight 
_entity.pdbx_number_of_molecules 
_entity.pdbx_ec 
_entity.pdbx_mutation 
_entity.pdbx_fragment 
_entity.details 
1 polymer     man 'CYTOCHROME C550'                 14275.266 1 ? ? ? ? 
2 non-polymer syn 'PROTOPORPHYRIN IX CONTAINING FE' 616.487   1 ? ? ? ? 
# 
_entity_poly.entity_id                      1 
_entity_poly.type                           'polypeptide(L)' 
_entity_poly.nstd_linkage                   no 
_entity_poly.nstd_monomer                   yes 
_entity_poly.pdbx_seq_one_letter_code       
;(ACE)NEGDAAKGEKEFNKCKACHMIQAPDGTDIKGGKTGPNLYGVVGRKIASEEGFKYGEGILEVAEKNPDLTWTEANL
IEYVTDPKPLVKKMTDDKGAKTKMTFKMGKNQADVVAFLAQDDPDA(UNK)(UNK)(UNK)(UNK)(UNK)(UNK)
(UNK)(UNK)(UNK)(UNK)(UNK)(UNK)(UNK)
;
_entity_poly.pdbx_seq_one_letter_code_can   
;XNEGDAAKGEKEFNKCKACHMIQAPDGTDIKGGKTGPNLYGVVGRKIASEEGFKYGEGILEVAEKNPDLTWTEANLIEYV
TDPKPLVKKMTDDKGAKTKMTFKMGKNQADVVAFLAQDDPDAXXXXXXXXXXXXX
;
_entity_poly.pdbx_strand_id                 A 
_entity_poly.pdbx_target_identifier         ? 
# 
_pdbx_entity_nonpoly.entity_id   2 
_pdbx_entity_nonpoly.name        'PROTOPORPHYRIN IX CONTAINING FE' 
_pdbx_entity_nonpoly.comp_id     HEM 
# 
loop_
_entity_poly_seq.entity_id 
_entity_poly_seq.num 
_entity_poly_seq.mon_id 
_entity_poly_seq.hetero 
1 1   ACE n 
1 2   ASN n 
1 3   GLU n 
1 4   GLY n 
1 5   ASP n 
1 6   ALA n 
1 7   ALA n 
1 8   LYS n 
1 9   GLY n 
1 10  GLU n 
1 11  LYS n 
1 12  GLU n 
1 13  PHE n 
1 14  ASN n 
1 15  LYS n 
1 16  CYS n 
1 17  LYS n 
1 18  ALA n 
1 19  CYS n 
1 20  HIS n 
1 21  MET n 
1 22  ILE n 
1 23  GLN n 
1 24  ALA n 
1 25  PRO n 
1 26  ASP n 
1 27  GLY n 
1 28  THR n 
1 29  ASP n 
1 30  ILE n 
1 31  LYS n 
1 32  GLY n 
1 33  GLY n 
1 34  LYS n 
1 35  THR n 
1 36  GLY n 
1 37  PRO n 
1 38  ASN n 
1 39  LEU n 
1 40  TYR n 
1 41  GLY n 
1 42  VAL n 
1 43  VAL n 
1 44  GLY n 
1 45  ARG n 
1 46  LYS n 
1 47  ILE n 
1 48  ALA n 
1 49  SER n 
1 50  GLU n 
1 51  GLU n 
1 52  GLY n 
1 53  PHE n 
1 54  LYS n 
1 55  TYR n 
1 56  GLY n 
1 57  GLU n 
1 58  GLY n 
1 59  ILE n 
1 60  LEU n 
1 61  GLU n 
1 62  VAL n 
1 63  ALA n 
1 64  GLU n 
1 65  LYS n 
1 66  ASN n 
1 67  PRO n 
1 68  ASP n 
1 69  LEU n 
1 70  THR n 
1 71  TRP n 
1 72  THR n 
1 73  GLU n 
1 74  ALA n 
1 75  ASN n 
1 76  LEU n 
1 77  ILE n 
1 78  GLU n 
1 79  TYR n 
1 80  VAL n 
1 81  THR n 
1 82  ASP n 
1 83  PRO n 
1 84  LYS n 
1 85  PRO n 
1 86  LEU n 
1 87  VAL n 
1 88  LYS n 
1 89  LYS n 
1 90  MET n 
1 91  THR n 
1 92  ASP n 
1 93  ASP n 
1 94  LYS n 
1 95  GLY n 
1 96  ALA n 
1 97  LYS n 
1 98  THR n 
1 99  LYS n 
1 100 MET n 
1 101 THR n 
1 102 PHE n 
1 103 LYS n 
1 104 MET n 
1 105 GLY n 
1 106 LYS n 
1 107 ASN n 
1 108 GLN n 
1 109 ALA n 
1 110 ASP n 
1 111 VAL n 
1 112 VAL n 
1 113 ALA n 
1 114 PHE n 
1 115 LEU n 
1 116 ALA n 
1 117 GLN n 
1 118 ASP n 
1 119 ASP n 
1 120 PRO n 
1 121 ASP n 
1 122 ALA n 
1 123 UNK n 
1 124 UNK n 
1 125 UNK n 
1 126 UNK n 
1 127 UNK n 
1 128 UNK n 
1 129 UNK n 
1 130 UNK n 
1 131 UNK n 
1 132 UNK n 
1 133 UNK n 
1 134 UNK n 
1 135 UNK n 
# 
_entity_src_gen.entity_id                          1 
_entity_src_gen.pdbx_src_id                        1 
_entity_src_gen.pdbx_alt_source_flag               sample 
_entity_src_gen.pdbx_seq_type                      ? 
_entity_src_gen.pdbx_beg_seq_num                   ? 
_entity_src_gen.pdbx_end_seq_num                   ? 
_entity_src_gen.gene_src_common_name               'Micrococcus denitrificans' 
_entity_src_gen.gene_src_genus                     ? 
_entity_src_gen.pdbx_gene_src_gene                 ? 
_entity_src_gen.gene_src_species                   ? 
_entity_src_gen.gene_src_strain                    ? 
_entity_src_gen.gene_src_tissue                    ? 
_entity_src_gen.gene_src_tissue_fraction           ? 
_entity_src_gen.gene_src_details                   ? 
_entity_src_gen.pdbx_gene_src_fragment             ? 
_entity_src_gen.pdbx_gene_src_scientific_name      'Paracoccus denitrificans' 
_entity_src_gen.pdbx_gene_src_ncbi_taxonomy_id     266 
_entity_src_gen.pdbx_gene_src_variant              ? 
_entity_src_gen.pdbx_gene_src_cell_line            ? 
_entity_src_gen.pdbx_gene_src_atcc                 ? 
_entity_src_gen.pdbx_gene_src_organ                ? 
_entity_src_gen.pdbx_gene_src_organelle            ? 
_entity_src_gen.pdbx_gene_src_cell                 ? 
_entity_src_gen.pdbx_gene_src_cellular_location    ? 
_entity_src_gen.host_org_common_name               ? 
_entity_src_gen.pdbx_host_org_scientific_name      ? 
_entity_src_gen.pdbx_host_org_ncbi_taxonomy_id     ? 
_entity_src_gen.host_org_genus                     ? 
_entity_src_gen.pdbx_host_org_gene                 ? 
_entity_src_gen.pdbx_host_org_organ                ? 
_entity_src_gen.host_org_species                   ? 
_entity_src_gen.pdbx_host_org_tissue               ? 
_entity_src_gen.pdbx_host_org_tissue_fraction      ? 
_entity_src_gen.pdbx_host_org_strain               ? 
_entity_src_gen.pdbx_host_org_variant              ? 
_entity_src_gen.pdbx_host_org_cell_line            ? 
_entity_src_gen.pdbx_host_org_atcc                 ? 
_entity_src_gen.pdbx_host_org_culture_collection   ? 
_entity_src_gen.pdbx_host_org_cell                 ? 
_entity_src_gen.pdbx_host_org_organelle            ? 
_entity_src_gen.pdbx_host_org_cellular_location    ? 
_entity_src_gen.pdbx_host_org_vector_type          ? 
_entity_src_gen.pdbx_host_org_vector               ? 
_entity_src_gen.host_org_details                   ? 
_entity_src_gen.expression_system_id               ? 
_entity_src_gen.plasmid_name                       ? 
_entity_src_gen.plasmid_details                    ? 
_entity_src_gen.pdbx_description                   ? 
# 
loop_
_chem_comp.id 
_chem_comp.type 
_chem_comp.mon_nstd_flag 
_chem_comp.name 
_chem_comp.pdbx_synonyms 
_chem_comp.formula 
_chem_comp.formula_weight 
ACE non-polymer         . 'ACETYL GROUP'                    ?    'C2 H4 O'          44.053  
ALA 'L-peptide linking' y ALANINE                           ?    'C3 H7 N O2'       89.093  
ARG 'L-peptide linking' y ARGININE                          ?    'C6 H15 N4 O2 1'   175.209 
ASN 'L-peptide linking' y ASPARAGINE                        ?    'C4 H8 N2 O3'      132.118 
ASP 'L-peptide linking' y 'ASPARTIC ACID'                   ?    'C4 H7 N O4'       133.103 
CYS 'L-peptide linking' y CYSTEINE                          ?    'C3 H7 N O2 S'     121.158 
GLN 'L-peptide linking' y GLUTAMINE                         ?    'C5 H10 N2 O3'     146.144 
GLU 'L-peptide linking' y 'GLUTAMIC ACID'                   ?    'C5 H9 N O4'       147.129 
GLY 'peptide linking'   y GLYCINE                           ?    'C2 H5 N O2'       75.067  
HEM non-polymer         . 'PROTOPORPHYRIN IX CONTAINING FE' HEME 'C34 H32 Fe N4 O4' 616.487 
HIS 'L-peptide linking' y HISTIDINE                         ?    'C6 H10 N3 O2 1'   156.162 
ILE 'L-peptide linking' y ISOLEUCINE                        ?    'C6 H13 N O2'      131.173 
LEU 'L-peptide linking' y LEUCINE                           ?    'C6 H13 N O2'      131.173 
LYS 'L-peptide linking' y LYSINE                            ?    'C6 H15 N2 O2 1'   147.195 
MET 'L-peptide linking' y METHIONINE                        ?    'C5 H11 N O2 S'    149.211 
PHE 'L-peptide linking' y PHENYLALANINE                     ?    'C9 H11 N O2'      165.189 
PRO 'L-peptide linking' y PROLINE                           ?    'C5 H9 N O2'       115.130 
SER 'L-peptide linking' y SERINE                            ?    'C3 H7 N O3'       105.093 
THR 'L-peptide linking' y THREONINE                         ?    'C4 H9 N O3'       119.119 
TRP 'L-peptide linking' y TRYPTOPHAN                        ?    'C11 H12 N2 O2'    204.225 
TYR 'L-peptide linking' y TYROSINE                          ?    'C9 H11 N O3'      181.189 
UNK 'L-peptide linking' . UNKNOWN                           ?    'C4 H9 N O2'       103.120 
VAL 'L-peptide linking' y VALINE                            ?    'C5 H11 N O2'      117.146 
# 
loop_
_pdbx_poly_seq_scheme.asym_id 
_pdbx_poly_seq_scheme.entity_id 
_pdbx_poly_seq_scheme.seq_id 
_pdbx_poly_seq_scheme.mon_id 
_pdbx_poly_seq_scheme.ndb_seq_num 
_pdbx_poly_seq_scheme.pdb_seq_num 
_pdbx_poly_seq_scheme.auth_seq_num 
_pdbx_poly_seq_scheme.pdb_mon_id 
_pdbx_poly_seq_scheme.auth_mon_id 
_pdbx_poly_seq_scheme.pdb_strand_id 
_pdbx_poly_seq_scheme.pdb_ins_code 
_pdbx_poly_seq_scheme.hetero 
A 1 1   ACE 1   0   0   ACE ACE A . n 
A 1 2   ASN 2   1   1   ASN ASN A . n 
A 1 3   GLU 3   2   2   GLU GLU A . n 
A 1 4   GLY 4   3   3   GLY GLY A . n 
A 1 5   ASP 5   4   4   ASP ASP A . n 
A 1 6   ALA 6   5   5   ALA ALA A . n 
A 1 7   ALA 7   6   6   ALA ALA A . n 
A 1 8   LYS 8   7   7   LYS LYS A . n 
A 1 9   GLY 9   8   8   GLY GLY A . n 
A 1 10  GLU 10  9   9   GLU GLU A . n 
A 1 11  LYS 11  10  10  LYS LYS A . n 
A 1 12  GLU 12  11  11  GLU GLU A . n 
A 1 13  PHE 13  12  12  PHE PHE A . n 
A 1 14  ASN 14  13  13  ASN ASN A . n 
A 1 15  LYS 15  14  14  LYS LYS A . n 
A 1 16  CYS 16  15  15  CYS CYS A . n 
A 1 17  LYS 17  16  16  LYS LYS A . n 
A 1 18  ALA 18  17  17  ALA ALA A . n 
A 1 19  CYS 19  18  18  CYS CYS A . n 
A 1 20  HIS 20  19  19  HIS HIS A . n 
A 1 21  MET 21  20  20  MET MET A . n 
A 1 22  ILE 22  21  21  ILE ILE A . n 
A 1 23  GLN 23  22  22  GLN GLN A . n 
A 1 24  ALA 24  23  23  ALA ALA A . n 
A 1 25  PRO 25  24  24  PRO PRO A . n 
A 1 26  ASP 26  25  25  ASP ASP A . n 
A 1 27  GLY 27  26  26  GLY GLY A . n 
A 1 28  THR 28  27  27  THR THR A . n 
A 1 29  ASP 29  28  28  ASP ASP A . n 
A 1 30  ILE 30  29  29  ILE ILE A . n 
A 1 31  LYS 31  30  30  LYS LYS A . n 
A 1 32  GLY 32  31  31  GLY GLY A . n 
A 1 33  GLY 33  32  32  GLY GLY A . n 
A 1 34  LYS 34  33  33  LYS LYS A . n 
A 1 35  THR 35  34  34  THR THR A . n 
A 1 36  GLY 36  35  35  GLY GLY A . n 
A 1 37  PRO 37  36  36  PRO PRO A . n 
A 1 38  ASN 38  37  37  ASN ASN A . n 
A 1 39  LEU 39  38  38  LEU LEU A . n 
A 1 40  TYR 40  39  39  TYR TYR A . n 
A 1 41  GLY 41  40  40  GLY GLY A . n 
A 1 42  VAL 42  41  41  VAL VAL A . n 
A 1 43  VAL 43  42  42  VAL VAL A . n 
A 1 44  GLY 44  43  43  GLY GLY A . n 
A 1 45  ARG 45  44  44  ARG ARG A . n 
A 1 46  LYS 46  45  45  LYS LYS A . n 
A 1 47  ILE 47  46  46  ILE ILE A . n 
A 1 48  ALA 48  47  47  ALA ALA A . n 
A 1 49  SER 49  48  48  SER SER A . n 
A 1 50  GLU 50  49  49  GLU GLU A . n 
A 1 51  GLU 51  50  50  GLU GLU A . n 
A 1 52  GLY 52  51  51  GLY GLY A . n 
A 1 53  PHE 53  52  52  PHE PHE A . n 
A 1 54  LYS 54  53  53  LYS LYS A . n 
A 1 55  TYR 55  54  54  TYR TYR A . n 
A 1 56  GLY 56  55  55  GLY GLY A . n 
A 1 57  GLU 57  56  56  GLU GLU A . n 
A 1 58  GLY 58  57  57  GLY GLY A . n 
A 1 59  ILE 59  58  58  ILE ILE A . n 
A 1 60  LEU 60  59  59  LEU LEU A . n 
A 1 61  GLU 61  60  60  GLU GLU A . n 
A 1 62  VAL 62  61  61  VAL VAL A . n 
A 1 63  ALA 63  62  62  ALA ALA A . n 
A 1 64  GLU 64  63  63  GLU GLU A . n 
A 1 65  LYS 65  64  64  LYS LYS A . n 
A 1 66  ASN 66  65  65  ASN ASN A . n 
A 1 67  PRO 67  66  66  PRO PRO A . n 
A 1 68  ASP 68  67  67  ASP ASP A . n 
A 1 69  LEU 69  68  68  LEU LEU A . n 
A 1 70  THR 70  69  69  THR THR A . n 
A 1 71  TRP 71  70  70  TRP TRP A . n 
A 1 72  THR 72  71  71  THR THR A . n 
A 1 73  GLU 73  72  72  GLU GLU A . n 
A 1 74  ALA 74  73  73  ALA ALA A . n 
A 1 75  ASN 75  74  74  ASN ASN A . n 
A 1 76  LEU 76  75  75  LEU LEU A . n 
A 1 77  ILE 77  76  76  ILE ILE A . n 
A 1 78  GLU 78  77  77  GLU GLU A . n 
A 1 79  TYR 79  78  78  TYR TYR A . n 
A 1 80  VAL 80  79  79  VAL VAL A . n 
A 1 81  THR 81  80  80  THR THR A . n 
A 1 82  ASP 82  81  81  ASP ASP A . n 
A 1 83  PRO 83  82  82  PRO PRO A . n 
A 1 84  LYS 84  83  83  LYS LYS A . n 
A 1 85  PRO 85  84  84  PRO PRO A . n 
A 1 86  LEU 86  85  85  LEU LEU A . n 
A 1 87  VAL 87  86  86  VAL VAL A . n 
A 1 88  LYS 88  87  87  LYS LYS A . n 
A 1 89  LYS 89  88  88  LYS LYS A . n 
A 1 90  MET 90  89  89  MET MET A . n 
A 1 91  THR 91  90  90  THR THR A . n 
A 1 92  ASP 92  91  91  ASP ASP A . n 
A 1 93  ASP 93  92  92  ASP ASP A . n 
A 1 94  LYS 94  93  93  LYS LYS A . n 
A 1 95  GLY 95  94  94  GLY GLY A . n 
A 1 96  ALA 96  95  95  ALA ALA A . n 
A 1 97  LYS 97  96  96  LYS LYS A . n 
A 1 98  THR 98  97  97  THR THR A . n 
A 1 99  LYS 99  98  98  LYS LYS A . n 
A 1 100 MET 100 99  99  MET MET A . n 
A 1 101 THR 101 100 100 THR THR A . n 
A 1 102 PHE 102 101 101 PHE PHE A . n 
A 1 103 LYS 103 102 102 LYS LYS A . n 
A 1 104 MET 104 103 103 MET MET A . n 
A 1 105 GLY 105 104 104 GLY GLY A . n 
A 1 106 LYS 106 105 105 LYS LYS A . n 
A 1 107 ASN 107 106 106 ASN ASN A . n 
A 1 108 GLN 108 107 107 GLN GLN A . n 
A 1 109 ALA 109 108 108 ALA ALA A . n 
A 1 110 ASP 110 109 109 ASP ASP A . n 
A 1 111 VAL 111 110 110 VAL VAL A . n 
A 1 112 VAL 112 111 111 VAL VAL A . n 
A 1 113 ALA 113 112 112 ALA ALA A . n 
A 1 114 PHE 114 113 113 PHE PHE A . n 
A 1 115 LEU 115 114 114 LEU LEU A . n 
A 1 116 ALA 116 115 115 ALA ALA A . n 
A 1 117 GLN 117 116 116 GLN GLN A . n 
A 1 118 ASP 118 117 117 ASP ASP A . n 
A 1 119 ASP 119 118 118 ASP ASP A . n 
A 1 120 PRO 120 119 119 PRO PRO A . n 
A 1 121 ASP 121 120 120 ASP ASP A . n 
A 1 122 ALA 122 121 121 ALA ALA A . n 
A 1 123 UNK 123 122 122 UNK UNK A . n 
A 1 124 UNK 124 123 123 UNK UNK A . n 
A 1 125 UNK 125 124 124 UNK UNK A . n 
A 1 126 UNK 126 125 125 UNK UNK A . n 
A 1 127 UNK 127 126 126 UNK UNK A . n 
A 1 128 UNK 128 127 127 UNK UNK A . n 
A 1 129 UNK 129 128 128 UNK UNK A . n 
A 1 130 UNK 130 129 129 UNK UNK A . n 
A 1 131 UNK 131 130 130 UNK UNK A . n 
A 1 132 UNK 132 131 131 UNK UNK A . n 
A 1 133 UNK 133 132 132 UNK UNK A . n 
A 1 134 UNK 134 133 133 UNK UNK A . n 
A 1 135 UNK 135 134 134 UNK UNK A . n 
# 
_pdbx_nonpoly_scheme.asym_id         B 
_pdbx_nonpoly_scheme.entity_id       2 
_pdbx_nonpoly_scheme.mon_id          HEM 
_pdbx_nonpoly_scheme.ndb_seq_num     1 
_pdbx_nonpoly_scheme.pdb_seq_num     135 
_pdbx_nonpoly_scheme.auth_seq_num    1 
_pdbx_nonpoly_scheme.pdb_mon_id      HEM 
_pdbx_nonpoly_scheme.auth_mon_id     HEM 
_pdbx_nonpoly_scheme.pdb_strand_id   A 
_pdbx_nonpoly_scheme.pdb_ins_code    . 
# 
_cell.entry_id           155C 
_cell.length_a           42.700 
_cell.length_b           82.170 
_cell.length_c           31.560 
_cell.angle_alpha        90.00 
_cell.angle_beta         90.00 
_cell.angle_gamma        90.00 
_cell.Z_PDB              4 
_cell.pdbx_unique_axis   ? 
# 
_symmetry.entry_id                         155C 
_symmetry.space_group_name_H-M             'P 21 21 21' 
_symmetry.pdbx_full_space_group_name_H-M   ? 
_symmetry.cell_setting                     ? 
_symmetry.Int_Tables_number                19 
# 
_exptl.entry_id          155C 
_exptl.method            'X-RAY DIFFRACTION' 
_exptl.crystals_number   ? 
# 
_exptl_crystal.id                    1 
_exptl_crystal.density_meas          ? 
_exptl_crystal.density_Matthews      1.94 
_exptl_crystal.density_percent_sol   36.55 
_exptl_crystal.description           ? 
# 
_diffrn.id                     1 
_diffrn.ambient_temp           ? 
_diffrn.ambient_temp_details   ? 
_diffrn.crystal_id             1 
# 
_diffrn_radiation.diffrn_id                        1 
_diffrn_radiation.wavelength_id                    1 
_diffrn_radiation.pdbx_monochromatic_or_laue_m_l   ? 
_diffrn_radiation.monochromator                    ? 
_diffrn_radiation.pdbx_diffrn_protocol             ? 
_diffrn_radiation.pdbx_scattering_type             x-ray 
# 
_diffrn_radiation_wavelength.id           1 
_diffrn_radiation_wavelength.wavelength   . 
_diffrn_radiation_wavelength.wt           1.0 
# 
_refine.entry_id                                 155C 
_refine.ls_number_reflns_obs                     ? 
_refine.ls_number_reflns_all                     ? 
_refine.pdbx_ls_sigma_I                          ? 
_refine.pdbx_ls_sigma_F                          ? 
_refine.pdbx_data_cutoff_high_absF               ? 
_refine.pdbx_data_cutoff_low_absF                ? 
_refine.pdbx_data_cutoff_high_rms_absF           ? 
_refine.ls_d_res_low                             ? 
_refine.ls_d_res_high                            2.5 
_refine.ls_percent_reflns_obs                    ? 
_refine.ls_R_factor_obs                          ? 
_refine.ls_R_factor_all                          ? 
_refine.ls_R_factor_R_work                       ? 
_refine.ls_R_factor_R_free                       ? 
_refine.ls_R_factor_R_free_error                 ? 
_refine.ls_R_factor_R_free_error_details         ? 
_refine.ls_percent_reflns_R_free                 ? 
_refine.ls_number_reflns_R_free                  ? 
_refine.ls_number_parameters                     ? 
_refine.ls_number_restraints                     ? 
_refine.occupancy_min                            ? 
_refine.occupancy_max                            ? 
_refine.B_iso_mean                               ? 
_refine.aniso_B[1][1]                            ? 
_refine.aniso_B[2][2]                            ? 
_refine.aniso_B[3][3]                            ? 
_refine.aniso_B[1][2]                            ? 
_refine.aniso_B[1][3]                            ? 
_refine.aniso_B[2][3]                            ? 
_refine.solvent_model_details                    ? 
_refine.solvent_model_param_ksol                 ? 
_refine.solvent_model_param_bsol                 ? 
_refine.pdbx_ls_cross_valid_method               ? 
_refine.details                                  ? 
_refine.pdbx_starting_model                      ? 
_refine.pdbx_method_to_determine_struct          ? 
_refine.pdbx_isotropic_thermal_model             ? 
_refine.pdbx_stereochemistry_target_values       ? 
_refine.pdbx_stereochem_target_val_spec_case     ? 
_refine.pdbx_R_Free_selection_details            ? 
_refine.pdbx_overall_ESU_R                       ? 
_refine.pdbx_overall_ESU_R_Free                  ? 
_refine.overall_SU_ML                            ? 
_refine.overall_SU_B                             ? 
_refine.pdbx_refine_id                           'X-RAY DIFFRACTION' 
_refine.pdbx_diffrn_id                           1 
_refine.pdbx_TLS_residual_ADP_flag               ? 
_refine.correlation_coeff_Fo_to_Fc               ? 
_refine.correlation_coeff_Fo_to_Fc_free          ? 
_refine.pdbx_solvent_vdw_probe_radii             ? 
_refine.pdbx_solvent_ion_probe_radii             ? 
_refine.pdbx_solvent_shrinkage_radii             ? 
_refine.pdbx_overall_phase_error                 ? 
_refine.overall_SU_R_Cruickshank_DPI             ? 
_refine.pdbx_overall_SU_R_free_Cruickshank_DPI   ? 
_refine.pdbx_overall_SU_R_Blow_DPI               ? 
_refine.pdbx_overall_SU_R_free_Blow_DPI          ? 
# 
_refine_hist.pdbx_refine_id                   'X-RAY DIFFRACTION' 
_refine_hist.cycle_id                         LAST 
_refine_hist.pdbx_number_atoms_protein        974 
_refine_hist.pdbx_number_atoms_nucleic_acid   0 
_refine_hist.pdbx_number_atoms_ligand         43 
_refine_hist.number_atoms_solvent             0 
_refine_hist.number_atoms_total               1017 
_refine_hist.d_res_high                       2.5 
_refine_hist.d_res_low                        . 
# 
_struct.entry_id                  155C 
_struct.title                     'THE STRUCTURE OF PARACOCCUS DENITRIFICANS CYTOCHROME C550' 
_struct.pdbx_model_details        ? 
_struct.pdbx_CASP_flag            ? 
_struct.pdbx_model_type_details   ? 
# 
_struct_keywords.entry_id        155C 
_struct_keywords.pdbx_keywords   'ELECTRON TRANSPORT' 
_struct_keywords.text            'ELECTRON TRANSPORT' 
# 
loop_
_struct_asym.id 
_struct_asym.pdbx_blank_PDB_chainid_flag 
_struct_asym.pdbx_modified 
_struct_asym.entity_id 
_struct_asym.details 
A N N 1 ? 
B N N 2 ? 
# 
_struct_ref.id                         1 
_struct_ref.db_name                    UNP 
_struct_ref.db_code                    C550_PARDE 
_struct_ref.entity_id                  1 
_struct_ref.pdbx_db_accession          P00096 
_struct_ref.pdbx_align_begin           1 
_struct_ref.pdbx_seq_one_letter_code   
;MKISIYATLAAITLALPAAAQDGDAAKGEKEFNKCKACHMIQAPDGTDIIKGGKTGPNLYGVVGRKIASEEGFKYGEGIL
EVAEKNPDLTWTEADLIEYVTDPKPWLVKMTDDKGAKTKMTFKMGKNQADVVAFLAQNSPDAGGDGEAAAEGESN
;
_struct_ref.pdbx_db_isoform            ? 
# 
_struct_ref_seq.align_id                      1 
_struct_ref_seq.ref_id                        1 
_struct_ref_seq.pdbx_PDB_id_code              155C 
_struct_ref_seq.pdbx_strand_id                A 
_struct_ref_seq.seq_align_beg                 4 
_struct_ref_seq.pdbx_seq_align_beg_ins_code   ? 
_struct_ref_seq.seq_align_end                 122 
_struct_ref_seq.pdbx_seq_align_end_ins_code   ? 
_struct_ref_seq.pdbx_db_accession             P00096 
_struct_ref_seq.db_align_beg                  23 
_struct_ref_seq.pdbx_db_align_beg_ins_code    ? 
_struct_ref_seq.db_align_end                  142 
_struct_ref_seq.pdbx_db_align_end_ins_code    ? 
_struct_ref_seq.pdbx_auth_seq_align_beg       3 
_struct_ref_seq.pdbx_auth_seq_align_end       121 
# 
loop_
_struct_ref_seq_dif.align_id 
_struct_ref_seq_dif.pdbx_pdb_id_code 
_struct_ref_seq_dif.mon_id 
_struct_ref_seq_dif.pdbx_pdb_strand_id 
_struct_ref_seq_dif.seq_num 
_struct_ref_seq_dif.pdbx_pdb_ins_code 
_struct_ref_seq_dif.pdbx_seq_db_name 
_struct_ref_seq_dif.pdbx_seq_db_accession_code 
_struct_ref_seq_dif.db_mon_id 
_struct_ref_seq_dif.pdbx_seq_db_seq_num 
_struct_ref_seq_dif.details 
_struct_ref_seq_dif.pdbx_auth_seq_num 
_struct_ref_seq_dif.pdbx_ordinal 
1 155C ?   A ?   ? UNP P00096 ILE 49  deletion ?   1 
1 155C ASN A 75  ? UNP P00096 ASP 95  conflict 74  2 
1 155C LEU A 86  ? UNP P00096 TRP 106 conflict 85  3 
1 155C VAL A 87  ? UNP P00096 LEU 107 conflict 86  4 
1 155C LYS A 88  ? UNP P00096 VAL 108 conflict 87  5 
1 155C ASP A 118 ? UNP P00096 ASN 138 conflict 117 6 
1 155C ASP A 119 ? UNP P00096 SER 139 conflict 118 7 
# 
_pdbx_struct_assembly.id                   1 
_pdbx_struct_assembly.details              author_defined_assembly 
_pdbx_struct_assembly.method_details       ? 
_pdbx_struct_assembly.oligomeric_details   monomeric 
_pdbx_struct_assembly.oligomeric_count     1 
# 
_pdbx_struct_assembly_gen.assembly_id       1 
_pdbx_struct_assembly_gen.oper_expression   1 
_pdbx_struct_assembly_gen.asym_id_list      A,B 
# 
_pdbx_struct_oper_list.id                   1 
_pdbx_struct_oper_list.type                 'identity operation' 
_pdbx_struct_oper_list.name                 1_555 
_pdbx_struct_oper_list.symmetry_operation   x,y,z 
_pdbx_struct_oper_list.matrix[1][1]         1.0000000000 
_pdbx_struct_oper_list.matrix[1][2]         0.0000000000 
_pdbx_struct_oper_list.matrix[1][3]         0.0000000000 
_pdbx_struct_oper_list.vector[1]            0.0000000000 
_pdbx_struct_oper_list.matrix[2][1]         0.0000000000 
_pdbx_struct_oper_list.matrix[2][2]         1.0000000000 
_pdbx_struct_oper_list.matrix[2][3]         0.0000000000 
_pdbx_struct_oper_list.vector[2]            0.0000000000 
_pdbx_struct_oper_list.matrix[3][1]         0.0000000000 
_pdbx_struct_oper_list.matrix[3][2]         0.0000000000 
_pdbx_struct_oper_list.matrix[3][3]         1.0000000000 
_pdbx_struct_oper_list.vector[3]            0.0000000000 
# 
_struct_biol.id   1 
# 
loop_
_struct_conf.conf_type_id 
_struct_conf.id 
_struct_conf.pdbx_PDB_helix_id 
_struct_conf.beg_label_comp_id 
_struct_conf.beg_label_asym_id 
_struct_conf.beg_label_seq_id 
_struct_conf.pdbx_beg_PDB_ins_code 
_struct_conf.end_label_comp_id 
_struct_conf.end_label_asym_id 
_struct_conf.end_label_seq_id 
_struct_conf.pdbx_end_PDB_ins_code 
_struct_conf.beg_auth_comp_id 
_struct_conf.beg_auth_asym_id 
_struct_conf.beg_auth_seq_id 
_struct_conf.end_auth_comp_id 
_struct_conf.end_auth_asym_id 
_struct_conf.end_auth_seq_id 
_struct_conf.pdbx_PDB_helix_class 
_struct_conf.details 
_struct_conf.pdbx_PDB_helix_length 
HELX_P HELX_P1 1 ALA A 6   ? ASN A 14  ? ALA A 5   ASN A 13  1 ? 9  
HELX_P HELX_P2 2 GLY A 56  ? ASN A 66  ? GLY A 55  ASN A 65  1 ? 11 
HELX_P HELX_P3 3 GLU A 73  ? ASP A 82  ? GLU A 72  ASP A 81  1 ? 10 
HELX_P HELX_P4 4 ASN A 107 ? ASP A 119 ? ASN A 106 ASP A 118 1 ? 13 
# 
_struct_conf_type.id          HELX_P 
_struct_conf_type.criteria    ? 
_struct_conf_type.reference   ? 
# 
loop_
_struct_conn.id 
_struct_conn.conn_type_id 
_struct_conn.pdbx_leaving_atom_flag 
_struct_conn.pdbx_PDB_id 
_struct_conn.ptnr1_label_asym_id 
_struct_conn.ptnr1_label_comp_id 
_struct_conn.ptnr1_label_seq_id 
_struct_conn.ptnr1_label_atom_id 
_struct_conn.pdbx_ptnr1_label_alt_id 
_struct_conn.pdbx_ptnr1_PDB_ins_code 
_struct_conn.pdbx_ptnr1_standard_comp_id 
_struct_conn.ptnr1_symmetry 
_struct_conn.ptnr2_label_asym_id 
_struct_conn.ptnr2_label_comp_id 
_struct_conn.ptnr2_label_seq_id 
_struct_conn.ptnr2_label_atom_id 
_struct_conn.pdbx_ptnr2_label_alt_id 
_struct_conn.pdbx_ptnr2_PDB_ins_code 
_struct_conn.ptnr1_auth_asym_id 
_struct_conn.ptnr1_auth_comp_id 
_struct_conn.ptnr1_auth_seq_id 
_struct_conn.ptnr2_auth_asym_id 
_struct_conn.ptnr2_auth_comp_id 
_struct_conn.ptnr2_auth_seq_id 
_struct_conn.ptnr2_symmetry 
_struct_conn.pdbx_ptnr3_label_atom_id 
_struct_conn.pdbx_ptnr3_label_seq_id 
_struct_conn.pdbx_ptnr3_label_comp_id 
_struct_conn.pdbx_ptnr3_label_asym_id 
_struct_conn.pdbx_ptnr3_label_alt_id 
_struct_conn.pdbx_ptnr3_PDB_ins_code 
_struct_conn.details 
_struct_conn.pdbx_dist_value 
_struct_conn.pdbx_value_order 
_struct_conn.pdbx_role 
covale1 covale both ? A ACE 1   C   ? ? ? 1_555 A ASN 2 N  ? ? A ACE 0  A ASN 1   1_555 ? ? ? ? ? ? ? 1.132 ? ? 
metalc1 metalc ?    ? A HIS 20  NE2 ? ? ? 1_555 B HEM . FE ? ? A HIS 19 A HEM 135 1_555 ? ? ? ? ? ? ? 2.262 ? ? 
metalc2 metalc ?    ? A MET 100 SD  ? ? ? 1_555 B HEM . FE ? ? A MET 99 A HEM 135 1_555 ? ? ? ? ? ? ? 2.164 ? ? 
# 
loop_
_struct_conn_type.id 
_struct_conn_type.criteria 
_struct_conn_type.reference 
covale ? ? 
metalc ? ? 
# 
loop_
_pdbx_struct_conn_angle.id 
_pdbx_struct_conn_angle.ptnr1_label_atom_id 
_pdbx_struct_conn_angle.ptnr1_label_alt_id 
_pdbx_struct_conn_angle.ptnr1_label_asym_id 
_pdbx_struct_conn_angle.ptnr1_label_comp_id 
_pdbx_struct_conn_angle.ptnr1_label_seq_id 
_pdbx_struct_conn_angle.ptnr1_auth_atom_id 
_pdbx_struct_conn_angle.ptnr1_auth_asym_id 
_pdbx_struct_conn_angle.ptnr1_auth_comp_id 
_pdbx_struct_conn_angle.ptnr1_auth_seq_id 
_pdbx_struct_conn_angle.ptnr1_PDB_ins_code 
_pdbx_struct_conn_angle.ptnr1_symmetry 
_pdbx_struct_conn_angle.ptnr2_label_atom_id 
_pdbx_struct_conn_angle.ptnr2_label_alt_id 
_pdbx_struct_conn_angle.ptnr2_label_asym_id 
_pdbx_struct_conn_angle.ptnr2_label_comp_id 
_pdbx_struct_conn_angle.ptnr2_label_seq_id 
_pdbx_struct_conn_angle.ptnr2_auth_atom_id 
_pdbx_struct_conn_angle.ptnr2_auth_asym_id 
_pdbx_struct_conn_angle.ptnr2_auth_comp_id 
_pdbx_struct_conn_angle.ptnr2_auth_seq_id 
_pdbx_struct_conn_angle.ptnr2_PDB_ins_code 
_pdbx_struct_conn_angle.ptnr2_symmetry 
_pdbx_struct_conn_angle.ptnr3_label_atom_id 
_pdbx_struct_conn_angle.ptnr3_label_alt_id 
_pdbx_struct_conn_angle.ptnr3_label_asym_id 
_pdbx_struct_conn_angle.ptnr3_label_comp_id 
_pdbx_struct_conn_angle.ptnr3_label_seq_id 
_pdbx_struct_conn_angle.ptnr3_auth_atom_id 
_pdbx_struct_conn_angle.ptnr3_auth_asym_id 
_pdbx_struct_conn_angle.ptnr3_auth_comp_id 
_pdbx_struct_conn_angle.ptnr3_auth_seq_id 
_pdbx_struct_conn_angle.ptnr3_PDB_ins_code 
_pdbx_struct_conn_angle.ptnr3_symmetry 
_pdbx_struct_conn_angle.value 
_pdbx_struct_conn_angle.value_esd 
1  NE2 ? A HIS 20 ? A HIS 19  ? 1_555 FE ? B HEM . ? A HEM 135 ? 1_555 NA ? B HEM .   ? A HEM 135 ? 1_555 86.2  ? 
2  NE2 ? A HIS 20 ? A HIS 19  ? 1_555 FE ? B HEM . ? A HEM 135 ? 1_555 NB ? B HEM .   ? A HEM 135 ? 1_555 89.9  ? 
3  NA  ? B HEM .  ? A HEM 135 ? 1_555 FE ? B HEM . ? A HEM 135 ? 1_555 NB ? B HEM .   ? A HEM 135 ? 1_555 88.0  ? 
4  NE2 ? A HIS 20 ? A HIS 19  ? 1_555 FE ? B HEM . ? A HEM 135 ? 1_555 NC ? B HEM .   ? A HEM 135 ? 1_555 89.7  ? 
5  NA  ? B HEM .  ? A HEM 135 ? 1_555 FE ? B HEM . ? A HEM 135 ? 1_555 NC ? B HEM .   ? A HEM 135 ? 1_555 175.7 ? 
6  NB  ? B HEM .  ? A HEM 135 ? 1_555 FE ? B HEM . ? A HEM 135 ? 1_555 NC ? B HEM .   ? A HEM 135 ? 1_555 91.0  ? 
7  NE2 ? A HIS 20 ? A HIS 19  ? 1_555 FE ? B HEM . ? A HEM 135 ? 1_555 ND ? B HEM .   ? A HEM 135 ? 1_555 88.3  ? 
8  NA  ? B HEM .  ? A HEM 135 ? 1_555 FE ? B HEM . ? A HEM 135 ? 1_555 ND ? B HEM .   ? A HEM 135 ? 1_555 89.0  ? 
9  NB  ? B HEM .  ? A HEM 135 ? 1_555 FE ? B HEM . ? A HEM 135 ? 1_555 ND ? B HEM .   ? A HEM 135 ? 1_555 176.6 ? 
10 NC  ? B HEM .  ? A HEM 135 ? 1_555 FE ? B HEM . ? A HEM 135 ? 1_555 ND ? B HEM .   ? A HEM 135 ? 1_555 91.8  ? 
11 NE2 ? A HIS 20 ? A HIS 19  ? 1_555 FE ? B HEM . ? A HEM 135 ? 1_555 SD ? A MET 100 ? A MET 99  ? 1_555 179.7 ? 
12 NA  ? B HEM .  ? A HEM 135 ? 1_555 FE ? B HEM . ? A HEM 135 ? 1_555 SD ? A MET 100 ? A MET 99  ? 1_555 94.1  ? 
13 NB  ? B HEM .  ? A HEM 135 ? 1_555 FE ? B HEM . ? A HEM 135 ? 1_555 SD ? A MET 100 ? A MET 99  ? 1_555 89.9  ? 
14 NC  ? B HEM .  ? A HEM 135 ? 1_555 FE ? B HEM . ? A HEM 135 ? 1_555 SD ? A MET 100 ? A MET 99  ? 1_555 90.1  ? 
15 ND  ? B HEM .  ? A HEM 135 ? 1_555 FE ? B HEM . ? A HEM 135 ? 1_555 SD ? A MET 100 ? A MET 99  ? 1_555 91.9  ? 
# 
_pdbx_modification_feature.ordinal                            1 
_pdbx_modification_feature.label_comp_id                      ACE 
_pdbx_modification_feature.label_asym_id                      A 
_pdbx_modification_feature.label_seq_id                       1 
_pdbx_modification_feature.label_alt_id                       ? 
_pdbx_modification_feature.modified_residue_label_comp_id     ASN 
_pdbx_modification_feature.modified_residue_label_asym_id     A 
_pdbx_modification_feature.modified_residue_label_seq_id      2 
_pdbx_modification_feature.modified_residue_label_alt_id      ? 
_pdbx_modification_feature.auth_comp_id                       ACE 
_pdbx_modification_feature.auth_asym_id                       A 
_pdbx_modification_feature.auth_seq_id                        0 
_pdbx_modification_feature.PDB_ins_code                       ? 
_pdbx_modification_feature.symmetry                           1_555 
_pdbx_modification_feature.modified_residue_auth_comp_id      ASN 
_pdbx_modification_feature.modified_residue_auth_asym_id      A 
_pdbx_modification_feature.modified_residue_auth_seq_id       1 
_pdbx_modification_feature.modified_residue_PDB_ins_code      ? 
_pdbx_modification_feature.modified_residue_symmetry          1_555 
_pdbx_modification_feature.comp_id_linking_atom               . 
_pdbx_modification_feature.modified_residue_id_linking_atom   . 
_pdbx_modification_feature.modified_residue_id                ASN 
_pdbx_modification_feature.ref_pcm_id                         17 
_pdbx_modification_feature.ref_comp_id                        ACE 
_pdbx_modification_feature.type                               None 
_pdbx_modification_feature.category                           'Terminal acetylation' 
# 
_struct_sheet.id               A 
_struct_sheet.type             ? 
_struct_sheet.number_strands   2 
_struct_sheet.details          ? 
# 
_struct_sheet_order.sheet_id     A 
_struct_sheet_order.range_id_1   1 
_struct_sheet_order.range_id_2   2 
_struct_sheet_order.offset       ? 
_struct_sheet_order.sense        parallel 
# 
loop_
_struct_sheet_range.sheet_id 
_struct_sheet_range.id 
_struct_sheet_range.beg_label_comp_id 
_struct_sheet_range.beg_label_asym_id 
_struct_sheet_range.beg_label_seq_id 
_struct_sheet_range.pdbx_beg_PDB_ins_code 
_struct_sheet_range.end_label_comp_id 
_struct_sheet_range.end_label_asym_id 
_struct_sheet_range.end_label_seq_id 
_struct_sheet_range.pdbx_end_PDB_ins_code 
_struct_sheet_range.beg_auth_comp_id 
_struct_sheet_range.beg_auth_asym_id 
_struct_sheet_range.beg_auth_seq_id 
_struct_sheet_range.end_auth_comp_id 
_struct_sheet_range.end_auth_asym_id 
_struct_sheet_range.end_auth_seq_id 
A 1 HIS A 20 ? MET A 21 ? HIS A 19 MET A 20 
A 2 GLY A 36 ? ASN A 38 ? GLY A 35 ASN A 37 
# 
_pdbx_struct_sheet_hbond.sheet_id                A 
_pdbx_struct_sheet_hbond.range_id_1              1 
_pdbx_struct_sheet_hbond.range_id_2              2 
_pdbx_struct_sheet_hbond.range_1_label_atom_id   N 
_pdbx_struct_sheet_hbond.range_1_label_comp_id   MET 
_pdbx_struct_sheet_hbond.range_1_label_asym_id   A 
_pdbx_struct_sheet_hbond.range_1_label_seq_id    21 
_pdbx_struct_sheet_hbond.range_1_PDB_ins_code    ? 
_pdbx_struct_sheet_hbond.range_1_auth_atom_id    N 
_pdbx_struct_sheet_hbond.range_1_auth_comp_id    MET 
_pdbx_struct_sheet_hbond.range_1_auth_asym_id    A 
_pdbx_struct_sheet_hbond.range_1_auth_seq_id     20 
_pdbx_struct_sheet_hbond.range_2_label_atom_id   O 
_pdbx_struct_sheet_hbond.range_2_label_comp_id   GLY 
_pdbx_struct_sheet_hbond.range_2_label_asym_id   A 
_pdbx_struct_sheet_hbond.range_2_label_seq_id    36 
_pdbx_struct_sheet_hbond.range_2_PDB_ins_code    ? 
_pdbx_struct_sheet_hbond.range_2_auth_atom_id    O 
_pdbx_struct_sheet_hbond.range_2_auth_comp_id    GLY 
_pdbx_struct_sheet_hbond.range_2_auth_asym_id    A 
_pdbx_struct_sheet_hbond.range_2_auth_seq_id     35 
# 
_struct_site.id                   AC1 
_struct_site.pdbx_evidence_code   Software 
_struct_site.pdbx_auth_asym_id    A 
_struct_site.pdbx_auth_comp_id    HEM 
_struct_site.pdbx_auth_seq_id     135 
_struct_site.pdbx_auth_ins_code   ? 
_struct_site.pdbx_num_residues    15 
_struct_site.details              'BINDING SITE FOR RESIDUE HEM A 135' 
# 
loop_
_struct_site_gen.id 
_struct_site_gen.site_id 
_struct_site_gen.pdbx_num_res 
_struct_site_gen.label_comp_id 
_struct_site_gen.label_asym_id 
_struct_site_gen.label_seq_id 
_struct_site_gen.pdbx_auth_ins_code 
_struct_site_gen.auth_comp_id 
_struct_site_gen.auth_asym_id 
_struct_site_gen.auth_seq_id 
_struct_site_gen.label_atom_id 
_struct_site_gen.label_alt_id 
_struct_site_gen.symmetry 
_struct_site_gen.details 
1  AC1 15 CYS A 16  ? CYS A 15  . ? 1_555 ? 
2  AC1 15 CYS A 19  ? CYS A 18  . ? 1_555 ? 
3  AC1 15 HIS A 20  ? HIS A 19  . ? 1_555 ? 
4  AC1 15 ILE A 47  ? ILE A 46  . ? 1_555 ? 
5  AC1 15 ALA A 48  ? ALA A 47  . ? 1_555 ? 
6  AC1 15 TYR A 55  ? TYR A 54  . ? 1_555 ? 
7  AC1 15 GLY A 56  ? GLY A 55  . ? 1_555 ? 
8  AC1 15 ILE A 59  ? ILE A 58  . ? 1_555 ? 
9  AC1 15 TRP A 71  ? TRP A 70  . ? 1_555 ? 
10 AC1 15 TYR A 79  ? TYR A 78  . ? 1_555 ? 
11 AC1 15 VAL A 80  ? VAL A 79  . ? 1_555 ? 
12 AC1 15 PRO A 85  ? PRO A 84  . ? 2_564 ? 
13 AC1 15 LYS A 99  ? LYS A 98  . ? 1_555 ? 
14 AC1 15 MET A 100 ? MET A 99  . ? 1_555 ? 
15 AC1 15 PHE A 102 ? PHE A 101 . ? 1_555 ? 
# 
_pdbx_entry_details.entry_id                   155C 
_pdbx_entry_details.compound_details           ? 
_pdbx_entry_details.source_details             ? 
_pdbx_entry_details.nonpolymer_details         ? 
_pdbx_entry_details.sequence_details           
;SIDE CHAIN ATOMS FOR RESIDUES 122 TO 134 ARE NOT INCLUDED BECAUSE THE SEQUENCE IN THIS REGION IS NOT DEFINITIVELY KNOWN.  THE RESIDUES HAVE BEEN LABELLED AS UNK.
;
_pdbx_entry_details.has_ligand_of_interest     ? 
_pdbx_entry_details.has_protein_modification   Y 
# 
loop_
_pdbx_validate_close_contact.id 
_pdbx_validate_close_contact.PDB_model_num 
_pdbx_validate_close_contact.auth_atom_id_1 
_pdbx_validate_close_contact.auth_asym_id_1 
_pdbx_validate_close_contact.auth_comp_id_1 
_pdbx_validate_close_contact.auth_seq_id_1 
_pdbx_validate_close_contact.PDB_ins_code_1 
_pdbx_validate_close_contact.label_alt_id_1 
_pdbx_validate_close_contact.auth_atom_id_2 
_pdbx_validate_close_contact.auth_asym_id_2 
_pdbx_validate_close_contact.auth_comp_id_2 
_pdbx_validate_close_contact.auth_seq_id_2 
_pdbx_validate_close_contact.PDB_ins_code_2 
_pdbx_validate_close_contact.label_alt_id_2 
_pdbx_validate_close_contact.dist 
1  1 SG  A CYS 18  ? ? CAC A HEM 135 ? ? 1.19 
2  1 O   A LYS 83  ? ? O   A VAL 86  ? ? 1.39 
3  1 OD2 A ASP 25  ? ? N   A GLY 26  ? ? 1.53 
4  1 CG1 A VAL 42  ? ? OD1 A ASP 118 ? ? 1.54 
5  1 OE2 A GLU 60  ? ? OE2 A GLU 63  ? ? 1.65 
6  1 CG1 A VAL 42  ? ? CG  A ASP 118 ? ? 1.67 
7  1 SG  A CYS 15  ? ? CAB A HEM 135 ? ? 1.70 
8  1 CG1 A VAL 42  ? ? OD2 A ASP 118 ? ? 1.75 
9  1 O   A TRP 70  ? ? O   A THR 71  ? ? 1.76 
10 1 O   A ASN 1   ? ? N   A GLY 3   ? ? 1.76 
11 1 O   A LYS 87  ? ? N   A MET 89  ? ? 1.79 
12 1 CG2 A ILE 21  ? ? O   A ASP 28  ? ? 1.80 
13 1 O   A LYS 53  ? ? NZ  A LYS 98  ? ? 1.82 
14 1 O   A GLY 40  ? ? OD1 A ASP 118 ? ? 1.83 
15 1 O   A LYS 83  ? ? CG  A LYS 87  ? ? 1.95 
16 1 O   A LEU 114 ? ? OD2 A ASP 118 ? ? 1.95 
17 1 O   A ILE 76  ? ? OG1 A THR 80  ? ? 1.96 
18 1 O   A GLY 40  ? ? CB  A ASP 118 ? ? 1.99 
19 1 O   A ILE 21  ? ? OD1 A ASN 37  ? ? 2.00 
20 1 SG  A CYS 18  ? ? CBC A HEM 135 ? ? 2.06 
21 1 CG1 A VAL 42  ? ? O   A LEU 114 ? ? 2.06 
22 1 O   A GLY 40  ? ? CG  A ASP 118 ? ? 2.10 
23 1 O   A LYS 10  ? ? ND2 A ASN 13  ? ? 2.10 
24 1 N   A VAL 42  ? ? OD1 A ASP 118 ? ? 2.14 
25 1 O   A ALA 115 ? ? OD2 A ASP 118 ? ? 2.18 
26 1 CE  A LYS 16  ? ? O   A LYS 30  ? ? 2.19 
# 
loop_
_pdbx_validate_symm_contact.id 
_pdbx_validate_symm_contact.PDB_model_num 
_pdbx_validate_symm_contact.auth_atom_id_1 
_pdbx_validate_symm_contact.auth_asym_id_1 
_pdbx_validate_symm_contact.auth_comp_id_1 
_pdbx_validate_symm_contact.auth_seq_id_1 
_pdbx_validate_symm_contact.PDB_ins_code_1 
_pdbx_validate_symm_contact.label_alt_id_1 
_pdbx_validate_symm_contact.site_symmetry_1 
_pdbx_validate_symm_contact.auth_atom_id_2 
_pdbx_validate_symm_contact.auth_asym_id_2 
_pdbx_validate_symm_contact.auth_comp_id_2 
_pdbx_validate_symm_contact.auth_seq_id_2 
_pdbx_validate_symm_contact.PDB_ins_code_2 
_pdbx_validate_symm_contact.label_alt_id_2 
_pdbx_validate_symm_contact.site_symmetry_2 
_pdbx_validate_symm_contact.dist 
1 1 CB A ASN 13 ? ? 1_555 CE  A LYS 93  ? ? 2_564 1.10 
2 1 O  A PRO 84 ? ? 1_555 CE1 A PHE 101 ? ? 2_565 1.49 
3 1 CG A GLU 77 ? ? 1_555 O   A THR 100 ? ? 2_565 1.93 
4 1 CB A ASN 13 ? ? 1_555 NZ  A LYS 93  ? ? 2_564 1.96 
5 1 NZ A LYS 7  ? ? 1_555 OE1 A GLU 63  ? ? 1_455 1.96 
6 1 CB A ALA 6  ? ? 1_555 OD1 A ASP 120 ? ? 4_456 2.07 
7 1 CB A ASN 13 ? ? 1_555 CD  A LYS 93  ? ? 2_564 2.08 
8 1 NZ A LYS 88 ? ? 1_555 O   A LYS 102 ? ? 2_565 2.09 
# 
loop_
_pdbx_validate_rmsd_bond.id 
_pdbx_validate_rmsd_bond.PDB_model_num 
_pdbx_validate_rmsd_bond.auth_atom_id_1 
_pdbx_validate_rmsd_bond.auth_asym_id_1 
_pdbx_validate_rmsd_bond.auth_comp_id_1 
_pdbx_validate_rmsd_bond.auth_seq_id_1 
_pdbx_validate_rmsd_bond.PDB_ins_code_1 
_pdbx_validate_rmsd_bond.label_alt_id_1 
_pdbx_validate_rmsd_bond.auth_atom_id_2 
_pdbx_validate_rmsd_bond.auth_asym_id_2 
_pdbx_validate_rmsd_bond.auth_comp_id_2 
_pdbx_validate_rmsd_bond.auth_seq_id_2 
_pdbx_validate_rmsd_bond.PDB_ins_code_2 
_pdbx_validate_rmsd_bond.label_alt_id_2 
_pdbx_validate_rmsd_bond.bond_value 
_pdbx_validate_rmsd_bond.bond_target_value 
_pdbx_validate_rmsd_bond.bond_deviation 
_pdbx_validate_rmsd_bond.bond_standard_deviation 
_pdbx_validate_rmsd_bond.linker_flag 
1  1 C   A ACE 0  ? ? N   A ASN 1  ? ? 1.132 1.336 -0.204 0.023 Y 
2  1 N   A ASN 1  ? ? CA  A ASN 1  ? ? 2.242 1.459 0.783  0.020 N 
3  1 CD  A GLU 11 ? ? OE1 A GLU 11 ? ? 1.513 1.252 0.261  0.011 N 
4  1 CD  A GLU 11 ? ? OE2 A GLU 11 ? ? 1.726 1.252 0.474  0.011 N 
5  1 N   A CYS 15 ? ? CA  A CYS 15 ? ? 1.685 1.459 0.226  0.020 N 
6  1 CA  A CYS 15 ? ? CB  A CYS 15 ? ? 1.693 1.535 0.158  0.022 N 
7  1 C   A ALA 17 ? ? N   A CYS 18 ? ? 1.542 1.336 0.206  0.023 Y 
8  1 N   A CYS 18 ? ? CA  A CYS 18 ? ? 1.710 1.459 0.251  0.020 N 
9  1 CA  A HIS 19 ? ? C   A HIS 19 ? ? 1.789 1.525 0.264  0.026 N 
10 1 NE1 A TRP 70 ? ? CE2 A TRP 70 ? ? 1.275 1.371 -0.096 0.013 N 
11 1 CA  A LEU 85 ? ? CB  A LEU 85 ? ? 1.730 1.533 0.197  0.023 N 
12 1 CB  A LEU 85 ? ? CG  A LEU 85 ? ? 1.754 1.521 0.233  0.029 N 
13 1 CB  A THR 97 ? ? OG1 A THR 97 ? ? 1.652 1.428 0.224  0.020 N 
14 1 CB  A THR 97 ? ? CG2 A THR 97 ? ? 1.058 1.519 -0.461 0.033 N 
# 
loop_
_pdbx_validate_rmsd_angle.id 
_pdbx_validate_rmsd_angle.PDB_model_num 
_pdbx_validate_rmsd_angle.auth_atom_id_1 
_pdbx_validate_rmsd_angle.auth_asym_id_1 
_pdbx_validate_rmsd_angle.auth_comp_id_1 
_pdbx_validate_rmsd_angle.auth_seq_id_1 
_pdbx_validate_rmsd_angle.PDB_ins_code_1 
_pdbx_validate_rmsd_angle.label_alt_id_1 
_pdbx_validate_rmsd_angle.auth_atom_id_2 
_pdbx_validate_rmsd_angle.auth_asym_id_2 
_pdbx_validate_rmsd_angle.auth_comp_id_2 
_pdbx_validate_rmsd_angle.auth_seq_id_2 
_pdbx_validate_rmsd_angle.PDB_ins_code_2 
_pdbx_validate_rmsd_angle.label_alt_id_2 
_pdbx_validate_rmsd_angle.auth_atom_id_3 
_pdbx_validate_rmsd_angle.auth_asym_id_3 
_pdbx_validate_rmsd_angle.auth_comp_id_3 
_pdbx_validate_rmsd_angle.auth_seq_id_3 
_pdbx_validate_rmsd_angle.PDB_ins_code_3 
_pdbx_validate_rmsd_angle.label_alt_id_3 
_pdbx_validate_rmsd_angle.angle_value 
_pdbx_validate_rmsd_angle.angle_target_value 
_pdbx_validate_rmsd_angle.angle_deviation 
_pdbx_validate_rmsd_angle.angle_standard_deviation 
_pdbx_validate_rmsd_angle.linker_flag 
1  1 C   A ACE 0   ? ? N  A ASN 1   ? ? CA  A ASN 1   ? ? 102.64 121.70 -19.06 2.50 Y 
2  1 N   A ASN 1   ? ? CA A ASN 1   ? ? C   A ASN 1   ? ? 90.66  111.00 -20.34 2.70 N 
3  1 CB  A ASP 4   ? ? CG A ASP 4   ? ? OD1 A ASP 4   ? ? 124.89 118.30 6.59   0.90 N 
4  1 N   A ASP 4   ? ? CA A ASP 4   ? ? C   A ASP 4   ? ? 94.68  111.00 -16.32 2.70 N 
5  1 N   A ALA 5   ? ? CA A ALA 5   ? ? C   A ALA 5   ? ? 92.10  111.00 -18.90 2.70 N 
6  1 OE1 A GLU 11  ? ? CD A GLU 11  ? ? OE2 A GLU 11  ? ? 103.09 123.30 -20.21 1.20 N 
7  1 CG  A GLU 11  ? ? CD A GLU 11  ? ? OE1 A GLU 11  ? ? 144.19 118.30 25.89  2.00 N 
8  1 N   A CYS 15  ? ? CA A CYS 15  ? ? C   A CYS 15  ? ? 92.56  111.00 -18.44 2.70 N 
9  1 O   A CYS 18  ? ? C  A CYS 18  ? ? N   A HIS 19  ? ? 134.66 122.70 11.96  1.60 Y 
10 1 C   A CYS 18  ? ? N  A HIS 19  ? ? CA  A HIS 19  ? ? 105.20 121.70 -16.50 2.50 Y 
11 1 CB  A HIS 19  ? ? CG A HIS 19  ? ? CD2 A HIS 19  ? ? 111.48 129.70 -18.22 1.60 N 
12 1 CB  A HIS 19  ? ? CG A HIS 19  ? ? ND1 A HIS 19  ? ? 141.27 123.20 18.07  2.50 N 
13 1 CB  A ASP 25  ? ? CG A ASP 25  ? ? OD1 A ASP 25  ? ? 124.86 118.30 6.56   0.90 N 
14 1 N   A ASP 25  ? ? CA A ASP 25  ? ? C   A ASP 25  ? ? 128.56 111.00 17.56  2.70 N 
15 1 CB  A ASP 28  ? ? CG A ASP 28  ? ? OD1 A ASP 28  ? ? 124.89 118.30 6.59   0.90 N 
16 1 N   A ASP 28  ? ? CA A ASP 28  ? ? C   A ASP 28  ? ? 89.28  111.00 -21.72 2.70 N 
17 1 CB  A ARG 44  ? ? CA A ARG 44  ? ? C   A ARG 44  ? ? 97.62  110.40 -12.78 2.00 N 
18 1 N   A ARG 44  ? ? CA A ARG 44  ? ? C   A ARG 44  ? ? 130.92 111.00 19.92  2.70 N 
19 1 CB  A GLU 50  ? ? CA A GLU 50  ? ? C   A GLU 50  ? ? 97.44  110.40 -12.96 2.00 N 
20 1 N   A GLU 50  ? ? CA A GLU 50  ? ? C   A GLU 50  ? ? 129.31 111.00 18.31  2.70 N 
21 1 CB  A ASP 67  ? ? CG A ASP 67  ? ? OD1 A ASP 67  ? ? 124.90 118.30 6.60   0.90 N 
22 1 CB  A LEU 68  ? ? CA A LEU 68  ? ? C   A LEU 68  ? ? 95.88  110.20 -14.32 1.90 N 
23 1 N   A LEU 68  ? ? CA A LEU 68  ? ? C   A LEU 68  ? ? 134.99 111.00 23.99  2.70 N 
24 1 N   A ALA 73  ? ? CA A ALA 73  ? ? C   A ALA 73  ? ? 92.26  111.00 -18.74 2.70 N 
25 1 CB  A ASP 81  ? ? CG A ASP 81  ? ? OD1 A ASP 81  ? ? 124.91 118.30 6.61   0.90 N 
26 1 N   A PRO 82  ? ? CA A PRO 82  ? ? C   A PRO 82  ? ? 132.36 112.10 20.26  2.60 N 
27 1 N   A LEU 85  ? ? CA A LEU 85  ? ? C   A LEU 85  ? ? 93.98  111.00 -17.02 2.70 N 
28 1 N   A VAL 86  ? ? CA A VAL 86  ? ? C   A VAL 86  ? ? 83.82  111.00 -27.18 2.70 N 
29 1 N   A LYS 87  ? ? CA A LYS 87  ? ? C   A LYS 87  ? ? 89.93  111.00 -21.07 2.70 N 
30 1 CB  A ASP 91  ? ? CG A ASP 91  ? ? OD1 A ASP 91  ? ? 124.88 118.30 6.58   0.90 N 
31 1 CB  A ASP 92  ? ? CG A ASP 92  ? ? OD1 A ASP 92  ? ? 124.83 118.30 6.53   0.90 N 
32 1 CA  A THR 97  ? ? CB A THR 97  ? ? OG1 A THR 97  ? ? 138.69 109.00 29.69  2.10 N 
33 1 CA  A THR 97  ? ? CB A THR 97  ? ? CG2 A THR 97  ? ? 88.58  112.40 -23.82 1.40 N 
34 1 N   A LYS 102 ? ? CA A LYS 102 ? ? C   A LYS 102 ? ? 91.74  111.00 -19.26 2.70 N 
35 1 N   A GLN 107 ? ? CA A GLN 107 ? ? C   A GLN 107 ? ? 129.70 111.00 18.70  2.70 N 
36 1 CB  A ASP 109 ? ? CG A ASP 109 ? ? OD1 A ASP 109 ? ? 124.90 118.30 6.60   0.90 N 
37 1 N   A ALA 115 ? ? CA A ALA 115 ? ? C   A ALA 115 ? ? 93.25  111.00 -17.75 2.70 N 
38 1 CB  A ASP 117 ? ? CG A ASP 117 ? ? OD1 A ASP 117 ? ? 124.85 118.30 6.55   0.90 N 
39 1 CB  A ASP 118 ? ? CG A ASP 118 ? ? OD1 A ASP 118 ? ? 124.87 118.30 6.57   0.90 N 
40 1 CB  A ASP 120 ? ? CG A ASP 120 ? ? OD1 A ASP 120 ? ? 124.82 118.30 6.52   0.90 N 
41 1 N   A ALA 121 ? ? CA A ALA 121 ? ? CB  A ALA 121 ? ? 118.77 110.10 8.67   1.40 N 
42 1 N   A ALA 121 ? ? CA A ALA 121 ? ? C   A ALA 121 ? ? 84.41  111.00 -26.59 2.70 N 
# 
loop_
_pdbx_validate_torsion.id 
_pdbx_validate_torsion.PDB_model_num 
_pdbx_validate_torsion.auth_comp_id 
_pdbx_validate_torsion.auth_asym_id 
_pdbx_validate_torsion.auth_seq_id 
_pdbx_validate_torsion.PDB_ins_code 
_pdbx_validate_torsion.label_alt_id 
_pdbx_validate_torsion.phi 
_pdbx_validate_torsion.psi 
1  1 GLU A 2   ? ? -47.68  23.22   
2  1 ASP A 4   ? ? -92.66  -135.33 
3  1 ALA A 5   ? ? 174.41  -42.31  
4  1 LYS A 16  ? ? -18.16  -47.07  
5  1 ILE A 21  ? ? -124.36 -64.74  
6  1 GLN A 22  ? ? 35.39   173.59  
7  1 PRO A 24  ? ? -57.41  -1.48   
8  1 ASP A 25  ? ? -140.62 -59.19  
9  1 ILE A 29  ? ? 48.51   -174.28 
10 1 PRO A 36  ? ? -57.35  176.36  
11 1 VAL A 41  ? ? 16.94   -99.68  
12 1 VAL A 42  ? ? -29.58  95.99   
13 1 ARG A 44  ? ? -27.73  -101.57 
14 1 LYS A 45  ? ? 147.21  100.53  
15 1 ILE A 46  ? ? -28.32  115.94  
16 1 SER A 48  ? ? -50.46  -91.59  
17 1 GLU A 49  ? ? 6.19    113.57  
18 1 ASN A 65  ? ? -116.99 78.86   
19 1 ASP A 67  ? ? -68.53  -71.74  
20 1 LEU A 68  ? ? -20.71  88.67   
21 1 TRP A 70  ? ? 0.76    73.86   
22 1 THR A 71  ? ? -42.35  -114.83 
23 1 GLU A 72  ? ? -174.86 8.30    
24 1 GLU A 77  ? ? -63.34  -70.25  
25 1 TYR A 78  ? ? -29.58  -85.80  
26 1 VAL A 79  ? ? -39.35  -36.39  
27 1 PRO A 84  ? ? -57.36  -0.90   
28 1 LYS A 87  ? ? 87.53   -150.45 
29 1 LYS A 88  ? ? 32.89   -72.55  
30 1 ASP A 91  ? ? 100.32  -18.44  
31 1 ALA A 95  ? ? -48.26  -96.45  
32 1 LYS A 96  ? ? 136.81  -63.48  
33 1 THR A 97  ? ? 57.81   169.44  
34 1 ALA A 112 ? ? -43.00  -73.75  
35 1 ALA A 121 ? ? -148.53 -2.20   
36 1 UNK A 123 ? ? 88.75   -39.46  
37 1 UNK A 124 ? ? -158.52 -95.26  
38 1 UNK A 125 ? ? -120.39 -115.34 
39 1 UNK A 126 ? ? 136.29  10.09   
40 1 UNK A 127 ? ? 174.96  -84.84  
41 1 UNK A 128 ? ? 119.72  -62.17  
42 1 UNK A 129 ? ? -29.89  107.23  
43 1 UNK A 130 ? ? -20.20  143.88  
44 1 UNK A 131 ? ? 85.59   -41.05  
45 1 UNK A 132 ? ? -101.78 -166.09 
46 1 UNK A 133 ? ? 120.77  52.54   
# 
_pdbx_validate_planes.id              1 
_pdbx_validate_planes.PDB_model_num   1 
_pdbx_validate_planes.auth_comp_id    ARG 
_pdbx_validate_planes.auth_asym_id    A 
_pdbx_validate_planes.auth_seq_id     44 
_pdbx_validate_planes.PDB_ins_code    ? 
_pdbx_validate_planes.label_alt_id    ? 
_pdbx_validate_planes.rmsd            0.093 
_pdbx_validate_planes.type            'SIDE CHAIN' 
# 
_pdbx_validate_polymer_linkage.id               1 
_pdbx_validate_polymer_linkage.PDB_model_num    1 
_pdbx_validate_polymer_linkage.auth_atom_id_1   C 
_pdbx_validate_polymer_linkage.auth_asym_id_1   A 
_pdbx_validate_polymer_linkage.auth_comp_id_1   ACE 
_pdbx_validate_polymer_linkage.auth_seq_id_1    0 
_pdbx_validate_polymer_linkage.PDB_ins_code_1   ? 
_pdbx_validate_polymer_linkage.label_alt_id_1   ? 
_pdbx_validate_polymer_linkage.auth_atom_id_2   N 
_pdbx_validate_polymer_linkage.auth_asym_id_2   A 
_pdbx_validate_polymer_linkage.auth_comp_id_2   ASN 
_pdbx_validate_polymer_linkage.auth_seq_id_2    1 
_pdbx_validate_polymer_linkage.PDB_ins_code_2   ? 
_pdbx_validate_polymer_linkage.label_alt_id_2   ? 
_pdbx_validate_polymer_linkage.dist             1.13 
# 
loop_
_chem_comp_atom.comp_id 
_chem_comp_atom.atom_id 
_chem_comp_atom.type_symbol 
_chem_comp_atom.pdbx_aromatic_flag 
_chem_comp_atom.pdbx_stereo_config 
_chem_comp_atom.pdbx_ordinal 
ACE C    C  N N 1   
ACE O    O  N N 2   
ACE CH3  C  N N 3   
ACE H    H  N N 4   
ACE H1   H  N N 5   
ACE H2   H  N N 6   
ACE H3   H  N N 7   
ALA N    N  N N 8   
ALA CA   C  N S 9   
ALA C    C  N N 10  
ALA O    O  N N 11  
ALA CB   C  N N 12  
ALA OXT  O  N N 13  
ALA H    H  N N 14  
ALA H2   H  N N 15  
ALA HA   H  N N 16  
ALA HB1  H  N N 17  
ALA HB2  H  N N 18  
ALA HB3  H  N N 19  
ALA HXT  H  N N 20  
ARG N    N  N N 21  
ARG CA   C  N S 22  
ARG C    C  N N 23  
ARG O    O  N N 24  
ARG CB   C  N N 25  
ARG CG   C  N N 26  
ARG CD   C  N N 27  
ARG NE   N  N N 28  
ARG CZ   C  N N 29  
ARG NH1  N  N N 30  
ARG NH2  N  N N 31  
ARG OXT  O  N N 32  
ARG H    H  N N 33  
ARG H2   H  N N 34  
ARG HA   H  N N 35  
ARG HB2  H  N N 36  
ARG HB3  H  N N 37  
ARG HG2  H  N N 38  
ARG HG3  H  N N 39  
ARG HD2  H  N N 40  
ARG HD3  H  N N 41  
ARG HE   H  N N 42  
ARG HH11 H  N N 43  
ARG HH12 H  N N 44  
ARG HH21 H  N N 45  
ARG HH22 H  N N 46  
ARG HXT  H  N N 47  
ASN N    N  N N 48  
ASN CA   C  N S 49  
ASN C    C  N N 50  
ASN O    O  N N 51  
ASN CB   C  N N 52  
ASN CG   C  N N 53  
ASN OD1  O  N N 54  
ASN ND2  N  N N 55  
ASN OXT  O  N N 56  
ASN H    H  N N 57  
ASN H2   H  N N 58  
ASN HA   H  N N 59  
ASN HB2  H  N N 60  
ASN HB3  H  N N 61  
ASN HD21 H  N N 62  
ASN HD22 H  N N 63  
ASN HXT  H  N N 64  
ASP N    N  N N 65  
ASP CA   C  N S 66  
ASP C    C  N N 67  
ASP O    O  N N 68  
ASP CB   C  N N 69  
ASP CG   C  N N 70  
ASP OD1  O  N N 71  
ASP OD2  O  N N 72  
ASP OXT  O  N N 73  
ASP H    H  N N 74  
ASP H2   H  N N 75  
ASP HA   H  N N 76  
ASP HB2  H  N N 77  
ASP HB3  H  N N 78  
ASP HD2  H  N N 79  
ASP HXT  H  N N 80  
CYS N    N  N N 81  
CYS CA   C  N R 82  
CYS C    C  N N 83  
CYS O    O  N N 84  
CYS CB   C  N N 85  
CYS SG   S  N N 86  
CYS OXT  O  N N 87  
CYS H    H  N N 88  
CYS H2   H  N N 89  
CYS HA   H  N N 90  
CYS HB2  H  N N 91  
CYS HB3  H  N N 92  
CYS HG   H  N N 93  
CYS HXT  H  N N 94  
GLN N    N  N N 95  
GLN CA   C  N S 96  
GLN C    C  N N 97  
GLN O    O  N N 98  
GLN CB   C  N N 99  
GLN CG   C  N N 100 
GLN CD   C  N N 101 
GLN OE1  O  N N 102 
GLN NE2  N  N N 103 
GLN OXT  O  N N 104 
GLN H    H  N N 105 
GLN H2   H  N N 106 
GLN HA   H  N N 107 
GLN HB2  H  N N 108 
GLN HB3  H  N N 109 
GLN HG2  H  N N 110 
GLN HG3  H  N N 111 
GLN HE21 H  N N 112 
GLN HE22 H  N N 113 
GLN HXT  H  N N 114 
GLU N    N  N N 115 
GLU CA   C  N S 116 
GLU C    C  N N 117 
GLU O    O  N N 118 
GLU CB   C  N N 119 
GLU CG   C  N N 120 
GLU CD   C  N N 121 
GLU OE1  O  N N 122 
GLU OE2  O  N N 123 
GLU OXT  O  N N 124 
GLU H    H  N N 125 
GLU H2   H  N N 126 
GLU HA   H  N N 127 
GLU HB2  H  N N 128 
GLU HB3  H  N N 129 
GLU HG2  H  N N 130 
GLU HG3  H  N N 131 
GLU HE2  H  N N 132 
GLU HXT  H  N N 133 
GLY N    N  N N 134 
GLY CA   C  N N 135 
GLY C    C  N N 136 
GLY O    O  N N 137 
GLY OXT  O  N N 138 
GLY H    H  N N 139 
GLY H2   H  N N 140 
GLY HA2  H  N N 141 
GLY HA3  H  N N 142 
GLY HXT  H  N N 143 
HEM CHA  C  N N 144 
HEM CHB  C  N N 145 
HEM CHC  C  N N 146 
HEM CHD  C  N N 147 
HEM C1A  C  Y N 148 
HEM C2A  C  Y N 149 
HEM C3A  C  Y N 150 
HEM C4A  C  Y N 151 
HEM CMA  C  N N 152 
HEM CAA  C  N N 153 
HEM CBA  C  N N 154 
HEM CGA  C  N N 155 
HEM O1A  O  N N 156 
HEM O2A  O  N N 157 
HEM C1B  C  N N 158 
HEM C2B  C  N N 159 
HEM C3B  C  N N 160 
HEM C4B  C  N N 161 
HEM CMB  C  N N 162 
HEM CAB  C  N N 163 
HEM CBB  C  N N 164 
HEM C1C  C  Y N 165 
HEM C2C  C  Y N 166 
HEM C3C  C  Y N 167 
HEM C4C  C  Y N 168 
HEM CMC  C  N N 169 
HEM CAC  C  N N 170 
HEM CBC  C  N N 171 
HEM C1D  C  N N 172 
HEM C2D  C  N N 173 
HEM C3D  C  N N 174 
HEM C4D  C  N N 175 
HEM CMD  C  N N 176 
HEM CAD  C  N N 177 
HEM CBD  C  N N 178 
HEM CGD  C  N N 179 
HEM O1D  O  N N 180 
HEM O2D  O  N N 181 
HEM NA   N  Y N 182 
HEM NB   N  N N 183 
HEM NC   N  Y N 184 
HEM ND   N  N N 185 
HEM FE   FE N N 186 
HEM HHB  H  N N 187 
HEM HHC  H  N N 188 
HEM HHD  H  N N 189 
HEM HMA  H  N N 190 
HEM HMAA H  N N 191 
HEM HMAB H  N N 192 
HEM HAA  H  N N 193 
HEM HAAA H  N N 194 
HEM HBA  H  N N 195 
HEM HBAA H  N N 196 
HEM HMB  H  N N 197 
HEM HMBA H  N N 198 
HEM HMBB H  N N 199 
HEM HAB  H  N N 200 
HEM HBB  H  N N 201 
HEM HBBA H  N N 202 
HEM HMC  H  N N 203 
HEM HMCA H  N N 204 
HEM HMCB H  N N 205 
HEM HAC  H  N N 206 
HEM HBC  H  N N 207 
HEM HBCA H  N N 208 
HEM HMD  H  N N 209 
HEM HMDA H  N N 210 
HEM HMDB H  N N 211 
HEM HAD  H  N N 212 
HEM HADA H  N N 213 
HEM HBD  H  N N 214 
HEM HBDA H  N N 215 
HEM H2A  H  N N 216 
HEM H2D  H  N N 217 
HEM HHA  H  N N 218 
HIS N    N  N N 219 
HIS CA   C  N S 220 
HIS C    C  N N 221 
HIS O    O  N N 222 
HIS CB   C  N N 223 
HIS CG   C  Y N 224 
HIS ND1  N  Y N 225 
HIS CD2  C  Y N 226 
HIS CE1  C  Y N 227 
HIS NE2  N  Y N 228 
HIS OXT  O  N N 229 
HIS H    H  N N 230 
HIS H2   H  N N 231 
HIS HA   H  N N 232 
HIS HB2  H  N N 233 
HIS HB3  H  N N 234 
HIS HD1  H  N N 235 
HIS HD2  H  N N 236 
HIS HE1  H  N N 237 
HIS HE2  H  N N 238 
HIS HXT  H  N N 239 
ILE N    N  N N 240 
ILE CA   C  N S 241 
ILE C    C  N N 242 
ILE O    O  N N 243 
ILE CB   C  N S 244 
ILE CG1  C  N N 245 
ILE CG2  C  N N 246 
ILE CD1  C  N N 247 
ILE OXT  O  N N 248 
ILE H    H  N N 249 
ILE H2   H  N N 250 
ILE HA   H  N N 251 
ILE HB   H  N N 252 
ILE HG12 H  N N 253 
ILE HG13 H  N N 254 
ILE HG21 H  N N 255 
ILE HG22 H  N N 256 
ILE HG23 H  N N 257 
ILE HD11 H  N N 258 
ILE HD12 H  N N 259 
ILE HD13 H  N N 260 
ILE HXT  H  N N 261 
LEU N    N  N N 262 
LEU CA   C  N S 263 
LEU C    C  N N 264 
LEU O    O  N N 265 
LEU CB   C  N N 266 
LEU CG   C  N N 267 
LEU CD1  C  N N 268 
LEU CD2  C  N N 269 
LEU OXT  O  N N 270 
LEU H    H  N N 271 
LEU H2   H  N N 272 
LEU HA   H  N N 273 
LEU HB2  H  N N 274 
LEU HB3  H  N N 275 
LEU HG   H  N N 276 
LEU HD11 H  N N 277 
LEU HD12 H  N N 278 
LEU HD13 H  N N 279 
LEU HD21 H  N N 280 
LEU HD22 H  N N 281 
LEU HD23 H  N N 282 
LEU HXT  H  N N 283 
LYS N    N  N N 284 
LYS CA   C  N S 285 
LYS C    C  N N 286 
LYS O    O  N N 287 
LYS CB   C  N N 288 
LYS CG   C  N N 289 
LYS CD   C  N N 290 
LYS CE   C  N N 291 
LYS NZ   N  N N 292 
LYS OXT  O  N N 293 
LYS H    H  N N 294 
LYS H2   H  N N 295 
LYS HA   H  N N 296 
LYS HB2  H  N N 297 
LYS HB3  H  N N 298 
LYS HG2  H  N N 299 
LYS HG3  H  N N 300 
LYS HD2  H  N N 301 
LYS HD3  H  N N 302 
LYS HE2  H  N N 303 
LYS HE3  H  N N 304 
LYS HZ1  H  N N 305 
LYS HZ2  H  N N 306 
LYS HZ3  H  N N 307 
LYS HXT  H  N N 308 
MET N    N  N N 309 
MET CA   C  N S 310 
MET C    C  N N 311 
MET O    O  N N 312 
MET CB   C  N N 313 
MET CG   C  N N 314 
MET SD   S  N N 315 
MET CE   C  N N 316 
MET OXT  O  N N 317 
MET H    H  N N 318 
MET H2   H  N N 319 
MET HA   H  N N 320 
MET HB2  H  N N 321 
MET HB3  H  N N 322 
MET HG2  H  N N 323 
MET HG3  H  N N 324 
MET HE1  H  N N 325 
MET HE2  H  N N 326 
MET HE3  H  N N 327 
MET HXT  H  N N 328 
PHE N    N  N N 329 
PHE CA   C  N S 330 
PHE C    C  N N 331 
PHE O    O  N N 332 
PHE CB   C  N N 333 
PHE CG   C  Y N 334 
PHE CD1  C  Y N 335 
PHE CD2  C  Y N 336 
PHE CE1  C  Y N 337 
PHE CE2  C  Y N 338 
PHE CZ   C  Y N 339 
PHE OXT  O  N N 340 
PHE H    H  N N 341 
PHE H2   H  N N 342 
PHE HA   H  N N 343 
PHE HB2  H  N N 344 
PHE HB3  H  N N 345 
PHE HD1  H  N N 346 
PHE HD2  H  N N 347 
PHE HE1  H  N N 348 
PHE HE2  H  N N 349 
PHE HZ   H  N N 350 
PHE HXT  H  N N 351 
PRO N    N  N N 352 
PRO CA   C  N S 353 
PRO C    C  N N 354 
PRO O    O  N N 355 
PRO CB   C  N N 356 
PRO CG   C  N N 357 
PRO CD   C  N N 358 
PRO OXT  O  N N 359 
PRO H    H  N N 360 
PRO HA   H  N N 361 
PRO HB2  H  N N 362 
PRO HB3  H  N N 363 
PRO HG2  H  N N 364 
PRO HG3  H  N N 365 
PRO HD2  H  N N 366 
PRO HD3  H  N N 367 
PRO HXT  H  N N 368 
SER N    N  N N 369 
SER CA   C  N S 370 
SER C    C  N N 371 
SER O    O  N N 372 
SER CB   C  N N 373 
SER OG   O  N N 374 
SER OXT  O  N N 375 
SER H    H  N N 376 
SER H2   H  N N 377 
SER HA   H  N N 378 
SER HB2  H  N N 379 
SER HB3  H  N N 380 
SER HG   H  N N 381 
SER HXT  H  N N 382 
THR N    N  N N 383 
THR CA   C  N S 384 
THR C    C  N N 385 
THR O    O  N N 386 
THR CB   C  N R 387 
THR OG1  O  N N 388 
THR CG2  C  N N 389 
THR OXT  O  N N 390 
THR H    H  N N 391 
THR H2   H  N N 392 
THR HA   H  N N 393 
THR HB   H  N N 394 
THR HG1  H  N N 395 
THR HG21 H  N N 396 
THR HG22 H  N N 397 
THR HG23 H  N N 398 
THR HXT  H  N N 399 
TRP N    N  N N 400 
TRP CA   C  N S 401 
TRP C    C  N N 402 
TRP O    O  N N 403 
TRP CB   C  N N 404 
TRP CG   C  Y N 405 
TRP CD1  C  Y N 406 
TRP CD2  C  Y N 407 
TRP NE1  N  Y N 408 
TRP CE2  C  Y N 409 
TRP CE3  C  Y N 410 
TRP CZ2  C  Y N 411 
TRP CZ3  C  Y N 412 
TRP CH2  C  Y N 413 
TRP OXT  O  N N 414 
TRP H    H  N N 415 
TRP H2   H  N N 416 
TRP HA   H  N N 417 
TRP HB2  H  N N 418 
TRP HB3  H  N N 419 
TRP HD1  H  N N 420 
TRP HE1  H  N N 421 
TRP HE3  H  N N 422 
TRP HZ2  H  N N 423 
TRP HZ3  H  N N 424 
TRP HH2  H  N N 425 
TRP HXT  H  N N 426 
TYR N    N  N N 427 
TYR CA   C  N S 428 
TYR C    C  N N 429 
TYR O    O  N N 430 
TYR CB   C  N N 431 
TYR CG   C  Y N 432 
TYR CD1  C  Y N 433 
TYR CD2  C  Y N 434 
TYR CE1  C  Y N 435 
TYR CE2  C  Y N 436 
TYR CZ   C  Y N 437 
TYR OH   O  N N 438 
TYR OXT  O  N N 439 
TYR H    H  N N 440 
TYR H2   H  N N 441 
TYR HA   H  N N 442 
TYR HB2  H  N N 443 
TYR HB3  H  N N 444 
TYR HD1  H  N N 445 
TYR HD2  H  N N 446 
TYR HE1  H  N N 447 
TYR HE2  H  N N 448 
TYR HH   H  N N 449 
TYR HXT  H  N N 450 
VAL N    N  N N 451 
VAL CA   C  N S 452 
VAL C    C  N N 453 
VAL O    O  N N 454 
VAL CB   C  N N 455 
VAL CG1  C  N N 456 
VAL CG2  C  N N 457 
VAL OXT  O  N N 458 
VAL H    H  N N 459 
VAL H2   H  N N 460 
VAL HA   H  N N 461 
VAL HB   H  N N 462 
VAL HG11 H  N N 463 
VAL HG12 H  N N 464 
VAL HG13 H  N N 465 
VAL HG21 H  N N 466 
VAL HG22 H  N N 467 
VAL HG23 H  N N 468 
VAL HXT  H  N N 469 
# 
loop_
_chem_comp_bond.comp_id 
_chem_comp_bond.atom_id_1 
_chem_comp_bond.atom_id_2 
_chem_comp_bond.value_order 
_chem_comp_bond.pdbx_aromatic_flag 
_chem_comp_bond.pdbx_stereo_config 
_chem_comp_bond.pdbx_ordinal 
ACE C   O    doub N N 1   
ACE C   CH3  sing N N 2   
ACE C   H    sing N N 3   
ACE CH3 H1   sing N N 4   
ACE CH3 H2   sing N N 5   
ACE CH3 H3   sing N N 6   
ALA N   CA   sing N N 7   
ALA N   H    sing N N 8   
ALA N   H2   sing N N 9   
ALA CA  C    sing N N 10  
ALA CA  CB   sing N N 11  
ALA CA  HA   sing N N 12  
ALA C   O    doub N N 13  
ALA C   OXT  sing N N 14  
ALA CB  HB1  sing N N 15  
ALA CB  HB2  sing N N 16  
ALA CB  HB3  sing N N 17  
ALA OXT HXT  sing N N 18  
ARG N   CA   sing N N 19  
ARG N   H    sing N N 20  
ARG N   H2   sing N N 21  
ARG CA  C    sing N N 22  
ARG CA  CB   sing N N 23  
ARG CA  HA   sing N N 24  
ARG C   O    doub N N 25  
ARG C   OXT  sing N N 26  
ARG CB  CG   sing N N 27  
ARG CB  HB2  sing N N 28  
ARG CB  HB3  sing N N 29  
ARG CG  CD   sing N N 30  
ARG CG  HG2  sing N N 31  
ARG CG  HG3  sing N N 32  
ARG CD  NE   sing N N 33  
ARG CD  HD2  sing N N 34  
ARG CD  HD3  sing N N 35  
ARG NE  CZ   sing N N 36  
ARG NE  HE   sing N N 37  
ARG CZ  NH1  sing N N 38  
ARG CZ  NH2  doub N N 39  
ARG NH1 HH11 sing N N 40  
ARG NH1 HH12 sing N N 41  
ARG NH2 HH21 sing N N 42  
ARG NH2 HH22 sing N N 43  
ARG OXT HXT  sing N N 44  
ASN N   CA   sing N N 45  
ASN N   H    sing N N 46  
ASN N   H2   sing N N 47  
ASN CA  C    sing N N 48  
ASN CA  CB   sing N N 49  
ASN CA  HA   sing N N 50  
ASN C   O    doub N N 51  
ASN C   OXT  sing N N 52  
ASN CB  CG   sing N N 53  
ASN CB  HB2  sing N N 54  
ASN CB  HB3  sing N N 55  
ASN CG  OD1  doub N N 56  
ASN CG  ND2  sing N N 57  
ASN ND2 HD21 sing N N 58  
ASN ND2 HD22 sing N N 59  
ASN OXT HXT  sing N N 60  
ASP N   CA   sing N N 61  
ASP N   H    sing N N 62  
ASP N   H2   sing N N 63  
ASP CA  C    sing N N 64  
ASP CA  CB   sing N N 65  
ASP CA  HA   sing N N 66  
ASP C   O    doub N N 67  
ASP C   OXT  sing N N 68  
ASP CB  CG   sing N N 69  
ASP CB  HB2  sing N N 70  
ASP CB  HB3  sing N N 71  
ASP CG  OD1  doub N N 72  
ASP CG  OD2  sing N N 73  
ASP OD2 HD2  sing N N 74  
ASP OXT HXT  sing N N 75  
CYS N   CA   sing N N 76  
CYS N   H    sing N N 77  
CYS N   H2   sing N N 78  
CYS CA  C    sing N N 79  
CYS CA  CB   sing N N 80  
CYS CA  HA   sing N N 81  
CYS C   O    doub N N 82  
CYS C   OXT  sing N N 83  
CYS CB  SG   sing N N 84  
CYS CB  HB2  sing N N 85  
CYS CB  HB3  sing N N 86  
CYS SG  HG   sing N N 87  
CYS OXT HXT  sing N N 88  
GLN N   CA   sing N N 89  
GLN N   H    sing N N 90  
GLN N   H2   sing N N 91  
GLN CA  C    sing N N 92  
GLN CA  CB   sing N N 93  
GLN CA  HA   sing N N 94  
GLN C   O    doub N N 95  
GLN C   OXT  sing N N 96  
GLN CB  CG   sing N N 97  
GLN CB  HB2  sing N N 98  
GLN CB  HB3  sing N N 99  
GLN CG  CD   sing N N 100 
GLN CG  HG2  sing N N 101 
GLN CG  HG3  sing N N 102 
GLN CD  OE1  doub N N 103 
GLN CD  NE2  sing N N 104 
GLN NE2 HE21 sing N N 105 
GLN NE2 HE22 sing N N 106 
GLN OXT HXT  sing N N 107 
GLU N   CA   sing N N 108 
GLU N   H    sing N N 109 
GLU N   H2   sing N N 110 
GLU CA  C    sing N N 111 
GLU CA  CB   sing N N 112 
GLU CA  HA   sing N N 113 
GLU C   O    doub N N 114 
GLU C   OXT  sing N N 115 
GLU CB  CG   sing N N 116 
GLU CB  HB2  sing N N 117 
GLU CB  HB3  sing N N 118 
GLU CG  CD   sing N N 119 
GLU CG  HG2  sing N N 120 
GLU CG  HG3  sing N N 121 
GLU CD  OE1  doub N N 122 
GLU CD  OE2  sing N N 123 
GLU OE2 HE2  sing N N 124 
GLU OXT HXT  sing N N 125 
GLY N   CA   sing N N 126 
GLY N   H    sing N N 127 
GLY N   H2   sing N N 128 
GLY CA  C    sing N N 129 
GLY CA  HA2  sing N N 130 
GLY CA  HA3  sing N N 131 
GLY C   O    doub N N 132 
GLY C   OXT  sing N N 133 
GLY OXT HXT  sing N N 134 
HEM CHA C1A  sing N N 135 
HEM CHA C4D  doub N N 136 
HEM CHA HHA  sing N N 137 
HEM CHB C4A  sing N N 138 
HEM CHB C1B  doub N N 139 
HEM CHB HHB  sing N N 140 
HEM CHC C4B  sing N N 141 
HEM CHC C1C  doub N N 142 
HEM CHC HHC  sing N N 143 
HEM CHD C4C  doub N N 144 
HEM CHD C1D  sing N N 145 
HEM CHD HHD  sing N N 146 
HEM C1A C2A  doub Y N 147 
HEM C1A NA   sing Y N 148 
HEM C2A C3A  sing Y N 149 
HEM C2A CAA  sing N N 150 
HEM C3A C4A  doub Y N 151 
HEM C3A CMA  sing N N 152 
HEM C4A NA   sing Y N 153 
HEM CMA HMA  sing N N 154 
HEM CMA HMAA sing N N 155 
HEM CMA HMAB sing N N 156 
HEM CAA CBA  sing N N 157 
HEM CAA HAA  sing N N 158 
HEM CAA HAAA sing N N 159 
HEM CBA CGA  sing N N 160 
HEM CBA HBA  sing N N 161 
HEM CBA HBAA sing N N 162 
HEM CGA O1A  doub N N 163 
HEM CGA O2A  sing N N 164 
HEM C1B C2B  sing N N 165 
HEM C1B NB   sing N N 166 
HEM C2B C3B  doub N N 167 
HEM C2B CMB  sing N N 168 
HEM C3B C4B  sing N N 169 
HEM C3B CAB  sing N N 170 
HEM C4B NB   doub N N 171 
HEM CMB HMB  sing N N 172 
HEM CMB HMBA sing N N 173 
HEM CMB HMBB sing N N 174 
HEM CAB CBB  doub N N 175 
HEM CAB HAB  sing N N 176 
HEM CBB HBB  sing N N 177 
HEM CBB HBBA sing N N 178 
HEM C1C C2C  sing Y N 179 
HEM C1C NC   sing Y N 180 
HEM C2C C3C  doub Y N 181 
HEM C2C CMC  sing N N 182 
HEM C3C C4C  sing Y N 183 
HEM C3C CAC  sing N N 184 
HEM C4C NC   sing Y N 185 
HEM CMC HMC  sing N N 186 
HEM CMC HMCA sing N N 187 
HEM CMC HMCB sing N N 188 
HEM CAC CBC  doub N N 189 
HEM CAC HAC  sing N N 190 
HEM CBC HBC  sing N N 191 
HEM CBC HBCA sing N N 192 
HEM C1D C2D  sing N N 193 
HEM C1D ND   doub N N 194 
HEM C2D C3D  doub N N 195 
HEM C2D CMD  sing N N 196 
HEM C3D C4D  sing N N 197 
HEM C3D CAD  sing N N 198 
HEM C4D ND   sing N N 199 
HEM CMD HMD  sing N N 200 
HEM CMD HMDA sing N N 201 
HEM CMD HMDB sing N N 202 
HEM CAD CBD  sing N N 203 
HEM CAD HAD  sing N N 204 
HEM CAD HADA sing N N 205 
HEM CBD CGD  sing N N 206 
HEM CBD HBD  sing N N 207 
HEM CBD HBDA sing N N 208 
HEM CGD O1D  doub N N 209 
HEM CGD O2D  sing N N 210 
HEM O2A H2A  sing N N 211 
HEM O2D H2D  sing N N 212 
HEM FE  NA   sing N N 213 
HEM FE  NB   sing N N 214 
HEM FE  NC   sing N N 215 
HEM FE  ND   sing N N 216 
HIS N   CA   sing N N 217 
HIS N   H    sing N N 218 
HIS N   H2   sing N N 219 
HIS CA  C    sing N N 220 
HIS CA  CB   sing N N 221 
HIS CA  HA   sing N N 222 
HIS C   O    doub N N 223 
HIS C   OXT  sing N N 224 
HIS CB  CG   sing N N 225 
HIS CB  HB2  sing N N 226 
HIS CB  HB3  sing N N 227 
HIS CG  ND1  sing Y N 228 
HIS CG  CD2  doub Y N 229 
HIS ND1 CE1  doub Y N 230 
HIS ND1 HD1  sing N N 231 
HIS CD2 NE2  sing Y N 232 
HIS CD2 HD2  sing N N 233 
HIS CE1 NE2  sing Y N 234 
HIS CE1 HE1  sing N N 235 
HIS NE2 HE2  sing N N 236 
HIS OXT HXT  sing N N 237 
ILE N   CA   sing N N 238 
ILE N   H    sing N N 239 
ILE N   H2   sing N N 240 
ILE CA  C    sing N N 241 
ILE CA  CB   sing N N 242 
ILE CA  HA   sing N N 243 
ILE C   O    doub N N 244 
ILE C   OXT  sing N N 245 
ILE CB  CG1  sing N N 246 
ILE CB  CG2  sing N N 247 
ILE CB  HB   sing N N 248 
ILE CG1 CD1  sing N N 249 
ILE CG1 HG12 sing N N 250 
ILE CG1 HG13 sing N N 251 
ILE CG2 HG21 sing N N 252 
ILE CG2 HG22 sing N N 253 
ILE CG2 HG23 sing N N 254 
ILE CD1 HD11 sing N N 255 
ILE CD1 HD12 sing N N 256 
ILE CD1 HD13 sing N N 257 
ILE OXT HXT  sing N N 258 
LEU N   CA   sing N N 259 
LEU N   H    sing N N 260 
LEU N   H2   sing N N 261 
LEU CA  C    sing N N 262 
LEU CA  CB   sing N N 263 
LEU CA  HA   sing N N 264 
LEU C   O    doub N N 265 
LEU C   OXT  sing N N 266 
LEU CB  CG   sing N N 267 
LEU CB  HB2  sing N N 268 
LEU CB  HB3  sing N N 269 
LEU CG  CD1  sing N N 270 
LEU CG  CD2  sing N N 271 
LEU CG  HG   sing N N 272 
LEU CD1 HD11 sing N N 273 
LEU CD1 HD12 sing N N 274 
LEU CD1 HD13 sing N N 275 
LEU CD2 HD21 sing N N 276 
LEU CD2 HD22 sing N N 277 
LEU CD2 HD23 sing N N 278 
LEU OXT HXT  sing N N 279 
LYS N   CA   sing N N 280 
LYS N   H    sing N N 281 
LYS N   H2   sing N N 282 
LYS CA  C    sing N N 283 
LYS CA  CB   sing N N 284 
LYS CA  HA   sing N N 285 
LYS C   O    doub N N 286 
LYS C   OXT  sing N N 287 
LYS CB  CG   sing N N 288 
LYS CB  HB2  sing N N 289 
LYS CB  HB3  sing N N 290 
LYS CG  CD   sing N N 291 
LYS CG  HG2  sing N N 292 
LYS CG  HG3  sing N N 293 
LYS CD  CE   sing N N 294 
LYS CD  HD2  sing N N 295 
LYS CD  HD3  sing N N 296 
LYS CE  NZ   sing N N 297 
LYS CE  HE2  sing N N 298 
LYS CE  HE3  sing N N 299 
LYS NZ  HZ1  sing N N 300 
LYS NZ  HZ2  sing N N 301 
LYS NZ  HZ3  sing N N 302 
LYS OXT HXT  sing N N 303 
MET N   CA   sing N N 304 
MET N   H    sing N N 305 
MET N   H2   sing N N 306 
MET CA  C    sing N N 307 
MET CA  CB   sing N N 308 
MET CA  HA   sing N N 309 
MET C   O    doub N N 310 
MET C   OXT  sing N N 311 
MET CB  CG   sing N N 312 
MET CB  HB2  sing N N 313 
MET CB  HB3  sing N N 314 
MET CG  SD   sing N N 315 
MET CG  HG2  sing N N 316 
MET CG  HG3  sing N N 317 
MET SD  CE   sing N N 318 
MET CE  HE1  sing N N 319 
MET CE  HE2  sing N N 320 
MET CE  HE3  sing N N 321 
MET OXT HXT  sing N N 322 
PHE N   CA   sing N N 323 
PHE N   H    sing N N 324 
PHE N   H2   sing N N 325 
PHE CA  C    sing N N 326 
PHE CA  CB   sing N N 327 
PHE CA  HA   sing N N 328 
PHE C   O    doub N N 329 
PHE C   OXT  sing N N 330 
PHE CB  CG   sing N N 331 
PHE CB  HB2  sing N N 332 
PHE CB  HB3  sing N N 333 
PHE CG  CD1  doub Y N 334 
PHE CG  CD2  sing Y N 335 
PHE CD1 CE1  sing Y N 336 
PHE CD1 HD1  sing N N 337 
PHE CD2 CE2  doub Y N 338 
PHE CD2 HD2  sing N N 339 
PHE CE1 CZ   doub Y N 340 
PHE CE1 HE1  sing N N 341 
PHE CE2 CZ   sing Y N 342 
PHE CE2 HE2  sing N N 343 
PHE CZ  HZ   sing N N 344 
PHE OXT HXT  sing N N 345 
PRO N   CA   sing N N 346 
PRO N   CD   sing N N 347 
PRO N   H    sing N N 348 
PRO CA  C    sing N N 349 
PRO CA  CB   sing N N 350 
PRO CA  HA   sing N N 351 
PRO C   O    doub N N 352 
PRO C   OXT  sing N N 353 
PRO CB  CG   sing N N 354 
PRO CB  HB2  sing N N 355 
PRO CB  HB3  sing N N 356 
PRO CG  CD   sing N N 357 
PRO CG  HG2  sing N N 358 
PRO CG  HG3  sing N N 359 
PRO CD  HD2  sing N N 360 
PRO CD  HD3  sing N N 361 
PRO OXT HXT  sing N N 362 
SER N   CA   sing N N 363 
SER N   H    sing N N 364 
SER N   H2   sing N N 365 
SER CA  C    sing N N 366 
SER CA  CB   sing N N 367 
SER CA  HA   sing N N 368 
SER C   O    doub N N 369 
SER C   OXT  sing N N 370 
SER CB  OG   sing N N 371 
SER CB  HB2  sing N N 372 
SER CB  HB3  sing N N 373 
SER OG  HG   sing N N 374 
SER OXT HXT  sing N N 375 
THR N   CA   sing N N 376 
THR N   H    sing N N 377 
THR N   H2   sing N N 378 
THR CA  C    sing N N 379 
THR CA  CB   sing N N 380 
THR CA  HA   sing N N 381 
THR C   O    doub N N 382 
THR C   OXT  sing N N 383 
THR CB  OG1  sing N N 384 
THR CB  CG2  sing N N 385 
THR CB  HB   sing N N 386 
THR OG1 HG1  sing N N 387 
THR CG2 HG21 sing N N 388 
THR CG2 HG22 sing N N 389 
THR CG2 HG23 sing N N 390 
THR OXT HXT  sing N N 391 
TRP N   CA   sing N N 392 
TRP N   H    sing N N 393 
TRP N   H2   sing N N 394 
TRP CA  C    sing N N 395 
TRP CA  CB   sing N N 396 
TRP CA  HA   sing N N 397 
TRP C   O    doub N N 398 
TRP C   OXT  sing N N 399 
TRP CB  CG   sing N N 400 
TRP CB  HB2  sing N N 401 
TRP CB  HB3  sing N N 402 
TRP CG  CD1  doub Y N 403 
TRP CG  CD2  sing Y N 404 
TRP CD1 NE1  sing Y N 405 
TRP CD1 HD1  sing N N 406 
TRP CD2 CE2  doub Y N 407 
TRP CD2 CE3  sing Y N 408 
TRP NE1 CE2  sing Y N 409 
TRP NE1 HE1  sing N N 410 
TRP CE2 CZ2  sing Y N 411 
TRP CE3 CZ3  doub Y N 412 
TRP CE3 HE3  sing N N 413 
TRP CZ2 CH2  doub Y N 414 
TRP CZ2 HZ2  sing N N 415 
TRP CZ3 CH2  sing Y N 416 
TRP CZ3 HZ3  sing N N 417 
TRP CH2 HH2  sing N N 418 
TRP OXT HXT  sing N N 419 
TYR N   CA   sing N N 420 
TYR N   H    sing N N 421 
TYR N   H2   sing N N 422 
TYR CA  C    sing N N 423 
TYR CA  CB   sing N N 424 
TYR CA  HA   sing N N 425 
TYR C   O    doub N N 426 
TYR C   OXT  sing N N 427 
TYR CB  CG   sing N N 428 
TYR CB  HB2  sing N N 429 
TYR CB  HB3  sing N N 430 
TYR CG  CD1  doub Y N 431 
TYR CG  CD2  sing Y N 432 
TYR CD1 CE1  sing Y N 433 
TYR CD1 HD1  sing N N 434 
TYR CD2 CE2  doub Y N 435 
TYR CD2 HD2  sing N N 436 
TYR CE1 CZ   doub Y N 437 
TYR CE1 HE1  sing N N 438 
TYR CE2 CZ   sing Y N 439 
TYR CE2 HE2  sing N N 440 
TYR CZ  OH   sing N N 441 
TYR OH  HH   sing N N 442 
TYR OXT HXT  sing N N 443 
VAL N   CA   sing N N 444 
VAL N   H    sing N N 445 
VAL N   H2   sing N N 446 
VAL CA  C    sing N N 447 
VAL CA  CB   sing N N 448 
VAL CA  HA   sing N N 449 
VAL C   O    doub N N 450 
VAL C   OXT  sing N N 451 
VAL CB  CG1  sing N N 452 
VAL CB  CG2  sing N N 453 
VAL CB  HB   sing N N 454 
VAL CG1 HG11 sing N N 455 
VAL CG1 HG12 sing N N 456 
VAL CG1 HG13 sing N N 457 
VAL CG2 HG21 sing N N 458 
VAL CG2 HG22 sing N N 459 
VAL CG2 HG23 sing N N 460 
VAL OXT HXT  sing N N 461 
# 
_atom_sites.entry_id                    155C 
_atom_sites.fract_transf_matrix[1][1]   0.00887283 
_atom_sites.fract_transf_matrix[1][2]   0.01739590 
_atom_sites.fract_transf_matrix[1][3]   -0.01292692 
_atom_sites.fract_transf_matrix[2][1]   -0.00111704 
_atom_sites.fract_transf_matrix[2][2]   0.00759007 
_atom_sites.fract_transf_matrix[2][3]   0.00944733 
_atom_sites.fract_transf_matrix[3][1]   0.02917918 
_atom_sites.fract_transf_matrix[3][2]   -0.00771387 
_atom_sites.fract_transf_matrix[3][3]   0.00964749 
_atom_sites.fract_transf_vector[1]      0.309113 
_atom_sites.fract_transf_vector[2]      0.368936 
_atom_sites.fract_transf_vector[3]      0.473265 
# 
_atom_sites_footnote.id     1 
_atom_sites_footnote.text   
;SIDE CHAIN ATOMS FOR RESIDUES 122 TO 134 ARE NOT INCLUDED BECAUSE THE SEQUENCE IN THIS REGION IS NOT DEFINITIVELY KNOWN.  THE RESIDUES HAVE BEEN LABELLED AS UNK.
;
# 
loop_
_atom_type.symbol 
C  
FE 
N  
O  
S  
# 
loop_
_atom_site.group_PDB 
_atom_site.id 
_atom_site.type_symbol 
_atom_site.label_atom_id 
_atom_site.label_alt_id 
_atom_site.label_comp_id 
_atom_site.label_asym_id 
_atom_site.label_entity_id 
_atom_site.label_seq_id 
_atom_site.pdbx_PDB_ins_code 
_atom_site.Cartn_x 
_atom_site.Cartn_y 
_atom_site.Cartn_z 
_atom_site.occupancy 
_atom_site.B_iso_or_equiv 
_atom_site.pdbx_formal_charge 
_atom_site.auth_seq_id 
_atom_site.auth_comp_id 
_atom_site.auth_asym_id 
_atom_site.auth_atom_id 
_atom_site.pdbx_PDB_model_num 
HETATM 1    C  C   . ACE A 1 1   ? 0.333   -11.965 15.360  1.00 0.00 ? 0   ACE A C   1 
HETATM 2    O  O   . ACE A 1 1   ? 0.778   -10.800 15.587  1.00 0.00 ? 0   ACE A O   1 
HETATM 3    C  CH3 . ACE A 1 1   ? -0.831  -12.517 16.253  1.00 0.00 ? 0   ACE A CH3 1 
ATOM   4    N  N   . ASN A 1 2   ? 0.651   -12.713 14.572  1.00 0.00 ? 1   ASN A N   1 
ATOM   5    C  CA  . ASN A 1 2   ? 2.067   -11.521 13.308  1.00 0.00 ? 1   ASN A CA  1 
ATOM   6    C  C   . ASN A 1 2   ? 2.197   -12.685 12.324  1.00 0.00 ? 1   ASN A C   1 
ATOM   7    O  O   . ASN A 1 2   ? 2.601   -12.500 11.168  1.00 0.00 ? 1   ASN A O   1 
ATOM   8    C  CB  . ASN A 1 2   ? 3.460   -11.548 13.970  1.00 0.00 ? 1   ASN A CB  1 
ATOM   9    C  CG  . ASN A 1 2   ? 4.532   -11.918 12.977  1.00 0.00 ? 1   ASN A CG  1 
ATOM   10   O  OD1 . ASN A 1 2   ? 5.177   -11.121 12.320  1.00 0.00 ? 1   ASN A OD1 1 
ATOM   11   N  ND2 . ASN A 1 2   ? 4.819   -13.274 12.884  1.00 0.00 ? 1   ASN A ND2 1 
ATOM   12   N  N   . GLU A 1 3   ? 1.853   -13.868 12.799  1.00 0.00 ? 2   GLU A N   1 
ATOM   13   C  CA  . GLU A 1 3   ? 1.936   -15.072 11.961  1.00 0.00 ? 2   GLU A CA  1 
ATOM   14   C  C   . GLU A 1 3   ? 1.261   -14.646 10.657  1.00 0.00 ? 2   GLU A C   1 
ATOM   15   O  O   . GLU A 1 3   ? 0.770   -15.486 9.891   1.00 0.00 ? 2   GLU A O   1 
ATOM   16   C  CB  . GLU A 1 3   ? 1.215   -16.283 12.616  1.00 0.00 ? 2   GLU A CB  1 
ATOM   17   C  CG  . GLU A 1 3   ? 0.118   -15.961 13.651  1.00 0.00 ? 2   GLU A CG  1 
ATOM   18   C  CD  . GLU A 1 3   ? 0.650   -15.583 15.085  1.00 0.00 ? 2   GLU A CD  1 
ATOM   19   O  OE1 . GLU A 1 3   ? -0.034  -15.695 16.057  1.00 0.00 ? 2   GLU A OE1 1 
ATOM   20   O  OE2 . GLU A 1 3   ? 1.813   -15.199 14.970  1.00 0.00 ? 2   GLU A OE2 1 
ATOM   21   N  N   . GLY A 1 4   ? 1.246   -13.346 10.425  1.00 0.00 ? 3   GLY A N   1 
ATOM   22   C  CA  . GLY A 1 4   ? 0.624   -12.803 9.210   1.00 0.00 ? 3   GLY A CA  1 
ATOM   23   C  C   . GLY A 1 4   ? -0.153  -13.956 8.572   1.00 0.00 ? 3   GLY A C   1 
ATOM   24   O  O   . GLY A 1 4   ? 0.439   -14.874 7.987   1.00 0.00 ? 3   GLY A O   1 
ATOM   25   N  N   . ASP A 1 5   ? -1.465  -13.892 8.697   1.00 0.00 ? 4   ASP A N   1 
ATOM   26   C  CA  . ASP A 1 5   ? -2.329  -14.939 8.135   1.00 0.00 ? 4   ASP A CA  1 
ATOM   27   C  C   . ASP A 1 5   ? -2.546  -14.220 6.803   1.00 0.00 ? 4   ASP A C   1 
ATOM   28   O  O   . ASP A 1 5   ? -1.598  -13.695 6.202   1.00 0.00 ? 4   ASP A O   1 
ATOM   29   C  CB  . ASP A 1 5   ? -3.551  -15.155 9.052   1.00 0.00 ? 4   ASP A CB  1 
ATOM   30   C  CG  . ASP A 1 5   ? -3.923  -16.613 9.138   1.00 0.00 ? 4   ASP A CG  1 
ATOM   31   O  OD1 . ASP A 1 5   ? -4.489  -17.132 10.082  1.00 0.00 ? 4   ASP A OD1 1 
ATOM   32   O  OD2 . ASP A 1 5   ? -3.677  -17.267 8.161   1.00 0.00 ? 4   ASP A OD2 1 
ATOM   33   N  N   . ALA A 1 6   ? -3.790  -14.208 6.362   1.00 0.00 ? 5   ALA A N   1 
ATOM   34   C  CA  . ALA A 1 6   ? -4.134  -13.555 5.091   1.00 0.00 ? 5   ALA A CA  1 
ATOM   35   C  C   . ALA A 1 6   ? -5.581  -14.046 5.166   1.00 0.00 ? 5   ALA A C   1 
ATOM   36   O  O   . ALA A 1 6   ? -6.523  -13.296 4.870   1.00 0.00 ? 5   ALA A O   1 
ATOM   37   C  CB  . ALA A 1 6   ? -3.537  -14.177 3.818   1.00 0.00 ? 5   ALA A CB  1 
ATOM   38   N  N   . ALA A 1 7   ? -5.736  -15.296 5.561   1.00 0.00 ? 6   ALA A N   1 
ATOM   39   C  CA  . ALA A 1 7   ? -7.074  -15.892 5.671   1.00 0.00 ? 6   ALA A CA  1 
ATOM   40   C  C   . ALA A 1 7   ? -7.767  -14.798 6.484   1.00 0.00 ? 6   ALA A C   1 
ATOM   41   O  O   . ALA A 1 7   ? -8.854  -14.326 6.120   1.00 0.00 ? 6   ALA A O   1 
ATOM   42   C  CB  . ALA A 1 7   ? -7.120  -17.164 6.533   1.00 0.00 ? 6   ALA A CB  1 
ATOM   43   N  N   . LYS A 1 8   ? -7.130  -14.414 7.574   1.00 0.00 ? 7   LYS A N   1 
ATOM   44   C  CA  . LYS A 1 8   ? -7.690  -13.374 8.450   1.00 0.00 ? 7   LYS A CA  1 
ATOM   45   C  C   . LYS A 1 8   ? -7.479  -12.038 7.735   1.00 0.00 ? 7   LYS A C   1 
ATOM   46   O  O   . LYS A 1 8   ? -8.313  -11.127 7.831   1.00 0.00 ? 7   LYS A O   1 
ATOM   47   C  CB  . LYS A 1 8   ? -7.015  -13.375 9.817   1.00 0.00 ? 7   LYS A CB  1 
ATOM   48   C  CG  . LYS A 1 8   ? -6.708  -14.754 10.369  1.00 0.00 ? 7   LYS A CG  1 
ATOM   49   C  CD  . LYS A 1 8   ? -7.514  -15.027 11.634  1.00 0.00 ? 7   LYS A CD  1 
ATOM   50   C  CE  . LYS A 1 8   ? -7.267  -16.431 12.161  1.00 0.00 ? 7   LYS A CE  1 
ATOM   51   N  NZ  . LYS A 1 8   ? -8.504  -17.004 12.738  1.00 0.00 ? 7   LYS A NZ  1 
ATOM   52   N  N   . GLY A 1 9   ? -6.368  -11.943 7.030   1.00 0.00 ? 8   GLY A N   1 
ATOM   53   C  CA  . GLY A 1 9   ? -6.040  -10.712 6.299   1.00 0.00 ? 8   GLY A CA  1 
ATOM   54   C  C   . GLY A 1 9   ? -7.052  -10.245 5.252   1.00 0.00 ? 8   GLY A C   1 
ATOM   55   O  O   . GLY A 1 9   ? -7.343  -9.046  5.138   1.00 0.00 ? 8   GLY A O   1 
ATOM   56   N  N   . GLU A 1 10  ? -7.574  -11.199 4.505   1.00 0.00 ? 9   GLU A N   1 
ATOM   57   C  CA  . GLU A 1 10  ? -8.556  -10.887 3.458   1.00 0.00 ? 9   GLU A CA  1 
ATOM   58   C  C   . GLU A 1 10  ? -9.897  -10.617 4.143   1.00 0.00 ? 9   GLU A C   1 
ATOM   59   O  O   . GLU A 1 10  ? -10.628 -9.689  3.768   1.00 0.00 ? 9   GLU A O   1 
ATOM   60   C  CB  . GLU A 1 10  ? -8.712  -12.056 2.444   1.00 0.00 ? 9   GLU A CB  1 
ATOM   61   C  CG  . GLU A 1 10  ? -9.630  -13.222 2.865   1.00 0.00 ? 9   GLU A CG  1 
ATOM   62   C  CD  . GLU A 1 10  ? -10.224 -14.064 1.673   1.00 0.00 ? 9   GLU A CD  1 
ATOM   63   O  OE1 . GLU A 1 10  ? -11.238 -14.686 1.786   1.00 0.00 ? 9   GLU A OE1 1 
ATOM   64   O  OE2 . GLU A 1 10  ? -9.478  -13.932 0.703   1.00 0.00 ? 9   GLU A OE2 1 
ATOM   65   N  N   . LYS A 1 11  ? -10.200 -11.434 5.135   1.00 0.00 ? 10  LYS A N   1 
ATOM   66   C  CA  . LYS A 1 11  ? -11.462 -11.289 5.873   1.00 0.00 ? 10  LYS A CA  1 
ATOM   67   C  C   . LYS A 1 11  ? -11.579 -9.799  6.204   1.00 0.00 ? 10  LYS A C   1 
ATOM   68   O  O   . LYS A 1 11  ? -12.607 -9.166  5.928   1.00 0.00 ? 10  LYS A O   1 
ATOM   69   C  CB  . LYS A 1 11  ? -11.468 -12.143 7.136   1.00 0.00 ? 10  LYS A CB  1 
ATOM   70   C  CG  . LYS A 1 11  ? -12.655 -13.081 7.259   1.00 0.00 ? 10  LYS A CG  1 
ATOM   71   C  CD  . LYS A 1 11  ? -12.259 -14.374 7.965   1.00 0.00 ? 10  LYS A CD  1 
ATOM   72   C  CE  . LYS A 1 11  ? -13.480 -15.176 8.387   1.00 0.00 ? 10  LYS A CE  1 
ATOM   73   N  NZ  . LYS A 1 11  ? -13.099 -16.556 8.764   1.00 0.00 ? 10  LYS A NZ  1 
ATOM   74   N  N   . GLU A 1 12  ? -10.524 -9.265  6.789   1.00 0.00 ? 11  GLU A N   1 
ATOM   75   C  CA  . GLU A 1 12  ? -10.506 -7.844  7.165   1.00 0.00 ? 11  GLU A CA  1 
ATOM   76   C  C   . GLU A 1 12  ? -10.521 -6.816  6.033   1.00 0.00 ? 11  GLU A C   1 
ATOM   77   O  O   . GLU A 1 12  ? -11.019 -5.694  6.200   1.00 0.00 ? 11  GLU A O   1 
ATOM   78   C  CB  . GLU A 1 12  ? -9.245  -7.481  7.998   1.00 0.00 ? 11  GLU A CB  1 
ATOM   79   C  CG  . GLU A 1 12  ? -9.484  -6.743  9.330   1.00 0.00 ? 11  GLU A CG  1 
ATOM   80   C  CD  . GLU A 1 12  ? -9.307  -7.561  10.675  1.00 0.00 ? 11  GLU A CD  1 
ATOM   81   O  OE1 . GLU A 1 12  ? -9.841  -8.724  11.483  1.00 0.00 ? 11  GLU A OE1 1 
ATOM   82   O  OE2 . GLU A 1 12  ? -7.697  -7.378  11.270  1.00 0.00 ? 11  GLU A OE2 1 
ATOM   83   N  N   . PHE A 1 13  ? -9.973  -7.214  4.900   1.00 0.00 ? 12  PHE A N   1 
ATOM   84   C  CA  . PHE A 1 13  ? -9.917  -6.321  3.735   1.00 0.00 ? 12  PHE A CA  1 
ATOM   85   C  C   . PHE A 1 13  ? -11.320 -5.715  3.731   1.00 0.00 ? 12  PHE A C   1 
ATOM   86   O  O   . PHE A 1 13  ? -11.541 -4.626  3.182   1.00 0.00 ? 12  PHE A O   1 
ATOM   87   C  CB  . PHE A 1 13  ? -9.560  -7.130  2.500   1.00 0.00 ? 12  PHE A CB  1 
ATOM   88   C  CG  . PHE A 1 13  ? -9.176  -6.312  1.301   1.00 0.00 ? 12  PHE A CG  1 
ATOM   89   C  CD1 . PHE A 1 13  ? -9.395  -6.815  0.063   1.00 0.00 ? 12  PHE A CD1 1 
ATOM   90   C  CD2 . PHE A 1 13  ? -8.682  -5.037  1.420   1.00 0.00 ? 12  PHE A CD2 1 
ATOM   91   C  CE1 . PHE A 1 13  ? -9.068  -6.082  -1.115  1.00 0.00 ? 12  PHE A CE1 1 
ATOM   92   C  CE2 . PHE A 1 13  ? -8.395  -4.291  0.227   1.00 0.00 ? 12  PHE A CE2 1 
ATOM   93   C  CZ  . PHE A 1 13  ? -8.559  -4.830  -0.995  1.00 0.00 ? 12  PHE A CZ  1 
ATOM   94   N  N   . ASN A 1 14  ? -12.247 -6.428  4.342   1.00 0.00 ? 13  ASN A N   1 
ATOM   95   C  CA  . ASN A 1 14  ? -13.639 -5.962  4.408   1.00 0.00 ? 13  ASN A CA  1 
ATOM   96   C  C   . ASN A 1 14  ? -13.655 -4.569  5.038   1.00 0.00 ? 13  ASN A C   1 
ATOM   97   O  O   . ASN A 1 14  ? -14.681 -3.875  5.023   1.00 0.00 ? 13  ASN A O   1 
ATOM   98   C  CB  . ASN A 1 14  ? -14.487 -6.963  5.221   1.00 0.00 ? 13  ASN A CB  1 
ATOM   99   C  CG  . ASN A 1 14  ? -14.675 -8.257  4.473   1.00 0.00 ? 13  ASN A CG  1 
ATOM   100  O  OD1 . ASN A 1 14  ? -14.844 -8.349  3.270   1.00 0.00 ? 13  ASN A OD1 1 
ATOM   101  N  ND2 . ASN A 1 14  ? -14.579 -9.411  5.240   1.00 0.00 ? 13  ASN A ND2 1 
ATOM   102  N  N   . LYS A 1 15  ? -12.517 -4.180  5.584   1.00 0.00 ? 14  LYS A N   1 
ATOM   103  C  CA  . LYS A 1 15  ? -12.399 -2.865  6.229   1.00 0.00 ? 14  LYS A CA  1 
ATOM   104  C  C   . LYS A 1 15  ? -11.805 -1.845  5.257   1.00 0.00 ? 14  LYS A C   1 
ATOM   105  O  O   . LYS A 1 15  ? -11.695 -0.652  5.576   1.00 0.00 ? 14  LYS A O   1 
ATOM   106  C  CB  . LYS A 1 15  ? -11.521 -2.933  7.474   1.00 0.00 ? 14  LYS A CB  1 
ATOM   107  C  CG  . LYS A 1 15  ? -12.284 -2.999  8.783   1.00 0.00 ? 14  LYS A CG  1 
ATOM   108  C  CD  . LYS A 1 15  ? -11.397 -3.523  9.906   1.00 0.00 ? 14  LYS A CD  1 
ATOM   109  C  CE  . LYS A 1 15  ? -12.053 -4.680  10.644  1.00 0.00 ? 14  LYS A CE  1 
ATOM   110  N  NZ  . LYS A 1 15  ? -11.076 -5.760  10.908  1.00 0.00 ? 14  LYS A NZ  1 
ATOM   111  N  N   . CYS A 1 16  ? -11.202 -2.209  4.015   1.00 0.00 ? 15  CYS A N   1 
ATOM   112  C  CA  . CYS A 1 16  ? -10.387 -1.212  2.929   1.00 0.00 ? 15  CYS A CA  1 
ATOM   113  C  C   . CYS A 1 16  ? -11.606 -1.283  1.835   1.00 0.00 ? 15  CYS A C   1 
ATOM   114  O  O   . CYS A 1 16  ? -12.129 -0.211  1.495   1.00 0.00 ? 15  CYS A O   1 
ATOM   115  C  CB  . CYS A 1 16  ? -8.830  -1.632  2.413   1.00 0.00 ? 15  CYS A CB  1 
ATOM   116  S  SG  . CYS A 1 16  ? -7.813  -2.584  3.647   1.00 0.00 ? 15  CYS A SG  1 
ATOM   117  N  N   . LYS A 1 17  ? -12.083 -2.556  1.319   1.00 0.00 ? 16  LYS A N   1 
ATOM   118  C  CA  . LYS A 1 17  ? -13.018 -2.643  0.190   1.00 0.00 ? 16  LYS A CA  1 
ATOM   119  C  C   . LYS A 1 17  ? -13.904 -1.511  -0.333  1.00 0.00 ? 16  LYS A C   1 
ATOM   120  O  O   . LYS A 1 17  ? -13.972 -1.265  -1.545  1.00 0.00 ? 16  LYS A O   1 
ATOM   121  C  CB  . LYS A 1 17  ? -14.069 -3.724  0.418   1.00 0.00 ? 16  LYS A CB  1 
ATOM   122  C  CG  . LYS A 1 17  ? -13.949 -4.927  -0.497  1.00 0.00 ? 16  LYS A CG  1 
ATOM   123  C  CD  . LYS A 1 17  ? -15.229 -5.757  -0.481  1.00 0.00 ? 16  LYS A CD  1 
ATOM   124  C  CE  . LYS A 1 17  ? -16.329 -5.102  -1.300  1.00 0.00 ? 16  LYS A CE  1 
ATOM   125  N  NZ  . LYS A 1 17  ? -17.526 -5.969  -1.364  1.00 0.00 ? 16  LYS A NZ  1 
ATOM   126  N  N   . ALA A 1 18  ? -14.570 -0.841  0.589   1.00 0.00 ? 17  ALA A N   1 
ATOM   127  C  CA  . ALA A 1 18  ? -15.462 0.267   0.222   1.00 0.00 ? 17  ALA A CA  1 
ATOM   128  C  C   . ALA A 1 18  ? -14.769 1.397   -0.541  1.00 0.00 ? 17  ALA A C   1 
ATOM   129  O  O   . ALA A 1 18  ? -15.349 1.992   -1.460  1.00 0.00 ? 17  ALA A O   1 
ATOM   130  C  CB  . ALA A 1 18  ? -15.991 0.890   1.523   1.00 0.00 ? 17  ALA A CB  1 
ATOM   131  N  N   . CYS A 1 19  ? -13.315 1.796   -0.216  1.00 0.00 ? 18  CYS A N   1 
ATOM   132  C  CA  . CYS A 1 19  ? -12.312 2.981   -0.933  1.00 0.00 ? 18  CYS A CA  1 
ATOM   133  C  C   . CYS A 1 19  ? -11.636 2.211   -1.917  1.00 0.00 ? 18  CYS A C   1 
ATOM   134  O  O   . CYS A 1 19  ? -11.301 2.839   -2.922  1.00 0.00 ? 18  CYS A O   1 
ATOM   135  C  CB  . CYS A 1 19  ? -11.272 3.852   0.016   1.00 0.00 ? 18  CYS A CB  1 
ATOM   136  S  SG  . CYS A 1 19  ? -12.116 4.918   1.143   1.00 0.00 ? 18  CYS A SG  1 
ATOM   137  N  N   . HIS A 1 20  ? -11.371 1.056   -1.455  1.00 0.00 ? 19  HIS A N   1 
ATOM   138  C  CA  . HIS A 1 20  ? -10.365 0.547   -2.293  1.00 0.00 ? 19  HIS A CA  1 
ATOM   139  C  C   . HIS A 1 20  ? -10.749 -0.886  -3.293  1.00 0.00 ? 19  HIS A C   1 
ATOM   140  O  O   . HIS A 1 20  ? -11.349 -1.886  -2.878  1.00 0.00 ? 19  HIS A O   1 
ATOM   141  C  CB  . HIS A 1 20  ? -9.035  0.236   -1.420  1.00 0.00 ? 19  HIS A CB  1 
ATOM   142  C  CG  . HIS A 1 20  ? -7.828  1.056   -1.492  1.00 0.00 ? 19  HIS A CG  1 
ATOM   143  N  ND1 . HIS A 1 20  ? -7.025  1.720   -2.406  1.00 0.00 ? 19  HIS A ND1 1 
ATOM   144  C  CD2 . HIS A 1 20  ? -7.472  1.529   -0.263  1.00 0.00 ? 19  HIS A CD2 1 
ATOM   145  C  CE1 . HIS A 1 20  ? -6.229  2.540   -1.753  1.00 0.00 ? 19  HIS A CE1 1 
ATOM   146  N  NE2 . HIS A 1 20  ? -6.501  2.455   -0.469  1.00 0.00 ? 19  HIS A NE2 1 
ATOM   147  N  N   . MET A 1 21  ? -10.402 -0.969  -4.642  1.00 0.00 ? 20  MET A N   1 
ATOM   148  C  CA  . MET A 1 21  ? -10.580 -2.048  -5.623  1.00 0.00 ? 20  MET A CA  1 
ATOM   149  C  C   . MET A 1 21  ? -9.371  -2.965  -5.426  1.00 0.00 ? 20  MET A C   1 
ATOM   150  O  O   . MET A 1 21  ? -8.412  -2.612  -4.727  1.00 0.00 ? 20  MET A O   1 
ATOM   151  C  CB  . MET A 1 21  ? -10.655 -1.465  -7.056  1.00 0.00 ? 20  MET A CB  1 
ATOM   152  C  CG  . MET A 1 21  ? -10.363 -2.528  -8.091  1.00 0.00 ? 20  MET A CG  1 
ATOM   153  S  SD  . MET A 1 21  ? -11.682 -2.664  -9.289  1.00 0.00 ? 20  MET A SD  1 
ATOM   154  C  CE  . MET A 1 21  ? -12.775 -1.429  -8.647  1.00 0.00 ? 20  MET A CE  1 
ATOM   155  N  N   . ILE A 1 22  ? -9.438  -4.130  -6.043  1.00 0.00 ? 21  ILE A N   1 
ATOM   156  C  CA  . ILE A 1 22  ? -8.346  -5.107  -5.932  1.00 0.00 ? 21  ILE A CA  1 
ATOM   157  C  C   . ILE A 1 22  ? -8.070  -5.287  -7.425  1.00 0.00 ? 21  ILE A C   1 
ATOM   158  O  O   . ILE A 1 22  ? -6.985  -4.941  -7.917  1.00 0.00 ? 21  ILE A O   1 
ATOM   159  C  CB  . ILE A 1 22  ? -8.806  -6.400  -5.214  1.00 0.00 ? 21  ILE A CB  1 
ATOM   160  C  CG1 . ILE A 1 22  ? -7.644  -7.133  -4.491  1.00 0.00 ? 21  ILE A CG1 1 
ATOM   161  C  CG2 . ILE A 1 22  ? -9.485  -7.166  -6.352  1.00 0.00 ? 21  ILE A CG2 1 
ATOM   162  C  CD1 . ILE A 1 22  ? -6.857  -8.103  -5.400  1.00 0.00 ? 21  ILE A CD1 1 
ATOM   163  N  N   . GLN A 1 23  ? -9.052  -5.825  -8.124  1.00 0.00 ? 22  GLN A N   1 
ATOM   164  C  CA  . GLN A 1 23  ? -8.913  -6.057  -9.567  1.00 0.00 ? 22  GLN A CA  1 
ATOM   165  C  C   . GLN A 1 23  ? -7.501  -6.459  -9.993  1.00 0.00 ? 22  GLN A C   1 
ATOM   166  O  O   . GLN A 1 23  ? -6.564  -6.450  -9.182  1.00 0.00 ? 22  GLN A O   1 
ATOM   167  C  CB  . GLN A 1 23  ? -9.331  -4.807  -10.288 1.00 0.00 ? 22  GLN A CB  1 
ATOM   168  C  CG  . GLN A 1 23  ? -10.279 -5.055  -11.381 1.00 0.00 ? 22  GLN A CG  1 
ATOM   169  C  CD  . GLN A 1 23  ? -10.384 -3.930  -12.421 1.00 0.00 ? 22  GLN A CD  1 
ATOM   170  O  OE1 . GLN A 1 23  ? -9.336  -3.282  -12.711 1.00 0.00 ? 22  GLN A OE1 1 
ATOM   171  N  NE2 . GLN A 1 23  ? -11.536 -3.658  -12.901 1.00 0.00 ? 22  GLN A NE2 1 
ATOM   172  N  N   . ALA A 1 24  ? -7.368  -6.803  -11.261 1.00 0.00 ? 23  ALA A N   1 
ATOM   173  C  CA  . ALA A 1 24  ? -6.065  -7.216  -11.799 1.00 0.00 ? 23  ALA A CA  1 
ATOM   174  C  C   . ALA A 1 24  ? -6.043  -6.468  -13.132 1.00 0.00 ? 23  ALA A C   1 
ATOM   175  O  O   . ALA A 1 24  ? -6.975  -5.717  -13.455 1.00 0.00 ? 23  ALA A O   1 
ATOM   176  C  CB  . ALA A 1 24  ? -5.999  -8.712  -12.147 1.00 0.00 ? 23  ALA A CB  1 
ATOM   177  N  N   . PRO A 1 25  ? -4.981  -6.682  -13.885 1.00 0.00 ? 24  PRO A N   1 
ATOM   178  C  CA  . PRO A 1 25  ? -4.834  -6.020  -15.188 1.00 0.00 ? 24  PRO A CA  1 
ATOM   179  C  C   . PRO A 1 25  ? -6.089  -6.453  -15.946 1.00 0.00 ? 24  PRO A C   1 
ATOM   180  O  O   . PRO A 1 25  ? -6.309  -6.050  -17.096 1.00 0.00 ? 24  PRO A O   1 
ATOM   181  C  CB  . PRO A 1 25  ? -3.531  -6.536  -15.715 1.00 0.00 ? 24  PRO A CB  1 
ATOM   182  C  CG  . PRO A 1 25  ? -3.318  -7.880  -15.045 1.00 0.00 ? 24  PRO A CG  1 
ATOM   183  C  CD  . PRO A 1 25  ? -3.988  -7.728  -13.682 1.00 0.00 ? 24  PRO A CD  1 
ATOM   184  N  N   . ASP A 1 26  ? -6.893  -7.270  -15.291 1.00 0.00 ? 25  ASP A N   1 
ATOM   185  C  CA  . ASP A 1 26  ? -8.131  -7.766  -15.906 1.00 0.00 ? 25  ASP A CA  1 
ATOM   186  C  C   . ASP A 1 26  ? -9.501  -7.971  -15.258 1.00 0.00 ? 25  ASP A C   1 
ATOM   187  O  O   . ASP A 1 26  ? -10.502 -7.380  -15.686 1.00 0.00 ? 25  ASP A O   1 
ATOM   188  C  CB  . ASP A 1 26  ? -7.891  -9.169  -16.503 1.00 0.00 ? 25  ASP A CB  1 
ATOM   189  C  CG  . ASP A 1 26  ? -8.779  -10.200 -15.857 1.00 0.00 ? 25  ASP A CG  1 
ATOM   190  O  OD1 . ASP A 1 26  ? -8.500  -11.379 -15.732 1.00 0.00 ? 25  ASP A OD1 1 
ATOM   191  O  OD2 . ASP A 1 26  ? -9.802  -9.781  -15.391 1.00 0.00 ? 25  ASP A OD2 1 
ATOM   192  N  N   . GLY A 1 27  ? -9.526  -8.808  -14.237 1.00 0.00 ? 26  GLY A N   1 
ATOM   193  C  CA  . GLY A 1 27  ? -10.779 -9.100  -13.529 1.00 0.00 ? 26  GLY A CA  1 
ATOM   194  C  C   . GLY A 1 27  ? -10.590 -8.652  -12.081 1.00 0.00 ? 26  GLY A C   1 
ATOM   195  O  O   . GLY A 1 27  ? -9.482  -8.282  -11.669 1.00 0.00 ? 26  GLY A O   1 
ATOM   196  N  N   . THR A 1 28  ? -11.675 -8.691  -11.329 1.00 0.00 ? 27  THR A N   1 
ATOM   197  C  CA  . THR A 1 28  ? -11.632 -8.281  -9.919  1.00 0.00 ? 27  THR A CA  1 
ATOM   198  C  C   . THR A 1 28  ? -11.711 -9.271  -8.756  1.00 0.00 ? 27  THR A C   1 
ATOM   199  O  O   . THR A 1 28  ? -12.743 -9.921  -8.542  1.00 0.00 ? 27  THR A O   1 
ATOM   200  C  CB  . THR A 1 28  ? -12.787 -7.288  -9.694  1.00 0.00 ? 27  THR A CB  1 
ATOM   201  O  OG1 . THR A 1 28  ? -13.367 -7.133  -10.986 1.00 0.00 ? 27  THR A OG1 1 
ATOM   202  C  CG2 . THR A 1 28  ? -12.314 -5.960  -9.167  1.00 0.00 ? 27  THR A CG2 1 
ATOM   203  N  N   . ASP A 1 29  ? -10.618 -9.369  -8.021  1.00 0.00 ? 28  ASP A N   1 
ATOM   204  C  CA  . ASP A 1 29  ? -10.559 -10.288 -6.876  1.00 0.00 ? 28  ASP A CA  1 
ATOM   205  C  C   . ASP A 1 29  ? -11.231 -9.222  -6.010  1.00 0.00 ? 28  ASP A C   1 
ATOM   206  O  O   . ASP A 1 29  ? -11.064 -8.017  -6.242  1.00 0.00 ? 28  ASP A O   1 
ATOM   207  C  CB  . ASP A 1 29  ? -9.094  -10.697 -6.611  1.00 0.00 ? 28  ASP A CB  1 
ATOM   208  C  CG  . ASP A 1 29  ? -8.222  -10.425 -7.809  1.00 0.00 ? 28  ASP A CG  1 
ATOM   209  O  OD1 . ASP A 1 29  ? -8.476  -10.771 -8.950  1.00 0.00 ? 28  ASP A OD1 1 
ATOM   210  O  OD2 . ASP A 1 29  ? -7.242  -9.765  -7.595  1.00 0.00 ? 28  ASP A OD2 1 
ATOM   211  N  N   . ILE A 1 30  ? -11.980 -9.682  -5.026  1.00 0.00 ? 29  ILE A N   1 
ATOM   212  C  CA  . ILE A 1 30  ? -12.686 -8.763  -4.121  1.00 0.00 ? 29  ILE A CA  1 
ATOM   213  C  C   . ILE A 1 30  ? -13.373 -7.784  -5.073  1.00 0.00 ? 29  ILE A C   1 
ATOM   214  O  O   . ILE A 1 30  ? -13.336 -7.956  -6.300  1.00 0.00 ? 29  ILE A O   1 
ATOM   215  C  CB  . ILE A 1 30  ? -11.710 -8.034  -3.167  1.00 0.00 ? 29  ILE A CB  1 
ATOM   216  C  CG1 . ILE A 1 30  ? -10.760 -9.007  -2.418  1.00 0.00 ? 29  ILE A CG1 1 
ATOM   217  C  CG2 . ILE A 1 30  ? -12.671 -7.222  -2.297  1.00 0.00 ? 29  ILE A CG2 1 
ATOM   218  C  CD1 . ILE A 1 30  ? -11.369 -10.406 -2.173  1.00 0.00 ? 29  ILE A CD1 1 
ATOM   219  N  N   . LYS A 1 31  ? -13.991 -6.770  -4.494  1.00 0.00 ? 30  LYS A N   1 
ATOM   220  C  CA  . LYS A 1 31  ? -14.696 -5.759  -5.294  1.00 0.00 ? 30  LYS A CA  1 
ATOM   221  C  C   . LYS A 1 31  ? -14.724 -4.628  -4.266  1.00 0.00 ? 30  LYS A C   1 
ATOM   222  O  O   . LYS A 1 31  ? -15.137 -4.826  -3.115  1.00 0.00 ? 30  LYS A O   1 
ATOM   223  C  CB  . LYS A 1 31  ? -16.066 -6.257  -5.739  1.00 0.00 ? 30  LYS A CB  1 
ATOM   224  C  CG  . LYS A 1 31  ? -16.060 -7.627  -6.389  1.00 0.00 ? 30  LYS A CG  1 
ATOM   225  C  CD  . LYS A 1 31  ? -16.605 -8.687  -5.436  1.00 0.00 ? 30  LYS A CD  1 
ATOM   226  C  CE  . LYS A 1 31  ? -15.524 -9.205  -4.502  1.00 0.00 ? 30  LYS A CE  1 
ATOM   227  N  NZ  . LYS A 1 31  ? -16.087 -10.162 -3.524  1.00 0.00 ? 30  LYS A NZ  1 
ATOM   228  N  N   . GLY A 1 32  ? -14.284 -3.460  -4.695  1.00 0.00 ? 31  GLY A N   1 
ATOM   229  C  CA  . GLY A 1 32  ? -14.252 -2.291  -3.806  1.00 0.00 ? 31  GLY A CA  1 
ATOM   230  C  C   . GLY A 1 32  ? -14.398 -0.880  -4.377  1.00 0.00 ? 31  GLY A C   1 
ATOM   231  O  O   . GLY A 1 32  ? -14.027 -0.618  -5.529  1.00 0.00 ? 31  GLY A O   1 
ATOM   232  N  N   . GLY A 1 33  ? -14.935 0.009   -3.563  1.00 0.00 ? 32  GLY A N   1 
ATOM   233  C  CA  . GLY A 1 33  ? -15.137 1.401   -3.987  1.00 0.00 ? 32  GLY A CA  1 
ATOM   234  C  C   . GLY A 1 33  ? -13.993 1.842   -4.901  1.00 0.00 ? 32  GLY A C   1 
ATOM   235  O  O   . GLY A 1 33  ? -12.909 1.241   -4.897  1.00 0.00 ? 32  GLY A O   1 
ATOM   236  N  N   . LYS A 1 34  ? -14.250 2.883   -5.668  1.00 0.00 ? 33  LYS A N   1 
ATOM   237  C  CA  . LYS A 1 34  ? -13.238 3.406   -6.596  1.00 0.00 ? 33  LYS A CA  1 
ATOM   238  C  C   . LYS A 1 34  ? -12.541 4.607   -5.958  1.00 0.00 ? 33  LYS A C   1 
ATOM   239  O  O   . LYS A 1 34  ? -11.710 5.272   -6.592  1.00 0.00 ? 33  LYS A O   1 
ATOM   240  C  CB  . LYS A 1 34  ? -13.862 3.823   -7.924  1.00 0.00 ? 33  LYS A CB  1 
ATOM   241  C  CG  . LYS A 1 34  ? -14.734 2.766   -8.572  1.00 0.00 ? 33  LYS A CG  1 
ATOM   242  C  CD  . LYS A 1 34  ? -14.934 1.575   -7.640  1.00 0.00 ? 33  LYS A CD  1 
ATOM   243  C  CE  . LYS A 1 34  ? -15.861 0.537   -8.251  1.00 0.00 ? 33  LYS A CE  1 
ATOM   244  N  NZ  . LYS A 1 34  ? -15.734 -0.760  -7.550  1.00 0.00 ? 33  LYS A NZ  1 
ATOM   245  N  N   . THR A 1 35  ? -12.889 4.868   -4.712  1.00 0.00 ? 34  THR A N   1 
ATOM   246  C  CA  . THR A 1 35  ? -12.299 5.998   -3.982  1.00 0.00 ? 34  THR A CA  1 
ATOM   247  C  C   . THR A 1 35  ? -10.780 5.830   -4.044  1.00 0.00 ? 34  THR A C   1 
ATOM   248  O  O   . THR A 1 35  ? -10.068 6.687   -4.585  1.00 0.00 ? 34  THR A O   1 
ATOM   249  C  CB  . THR A 1 35  ? -12.872 5.971   -2.553  1.00 0.00 ? 34  THR A CB  1 
ATOM   250  O  OG1 . THR A 1 35  ? -14.276 5.843   -2.745  1.00 0.00 ? 34  THR A OG1 1 
ATOM   251  C  CG2 . THR A 1 35  ? -12.559 7.225   -1.782  1.00 0.00 ? 34  THR A CG2 1 
ATOM   252  N  N   . GLY A 1 36  ? -10.308 4.730   -3.487  1.00 0.00 ? 35  GLY A N   1 
ATOM   253  C  CA  . GLY A 1 36  ? -8.867  4.450   -3.473  1.00 0.00 ? 35  GLY A CA  1 
ATOM   254  C  C   . GLY A 1 36  ? -8.373  3.530   -4.590  1.00 0.00 ? 35  GLY A C   1 
ATOM   255  O  O   . GLY A 1 36  ? -9.167  2.825   -5.231  1.00 0.00 ? 35  GLY A O   1 
ATOM   256  N  N   . PRO A 1 37  ? -7.072  3.552   -4.809  1.00 0.00 ? 36  PRO A N   1 
ATOM   257  C  CA  . PRO A 1 37  ? -6.468  2.720   -5.859  1.00 0.00 ? 36  PRO A CA  1 
ATOM   258  C  C   . PRO A 1 37  ? -6.659  1.204   -5.842  1.00 0.00 ? 36  PRO A C   1 
ATOM   259  O  O   . PRO A 1 37  ? -7.265  0.648   -4.915  1.00 0.00 ? 36  PRO A O   1 
ATOM   260  C  CB  . PRO A 1 37  ? -5.006  3.019   -5.768  1.00 0.00 ? 36  PRO A CB  1 
ATOM   261  C  CG  . PRO A 1 37  ? -4.765  3.472   -4.341  1.00 0.00 ? 36  PRO A CG  1 
ATOM   262  C  CD  . PRO A 1 37  ? -6.071  4.156   -3.941  1.00 0.00 ? 36  PRO A CD  1 
ATOM   263  N  N   . ASN A 1 38  ? -6.140  0.555   -6.869  1.00 0.00 ? 37  ASN A N   1 
ATOM   264  C  CA  . ASN A 1 38  ? -6.258  -0.904  -6.978  1.00 0.00 ? 37  ASN A CA  1 
ATOM   265  C  C   . ASN A 1 38  ? -5.252  -1.259  -5.882  1.00 0.00 ? 37  ASN A C   1 
ATOM   266  O  O   . ASN A 1 38  ? -4.104  -0.795  -5.900  1.00 0.00 ? 37  ASN A O   1 
ATOM   267  C  CB  . ASN A 1 38  ? -5.915  -1.350  -8.416  1.00 0.00 ? 37  ASN A CB  1 
ATOM   268  C  CG  . ASN A 1 38  ? -6.811  -2.471  -8.872  1.00 0.00 ? 37  ASN A CG  1 
ATOM   269  O  OD1 . ASN A 1 38  ? -7.606  -3.061  -8.161  1.00 0.00 ? 37  ASN A OD1 1 
ATOM   270  N  ND2 . ASN A 1 38  ? -6.743  -2.780  -10.224 1.00 0.00 ? 37  ASN A ND2 1 
ATOM   271  N  N   . LEU A 1 39  ? -5.698  -2.074  -4.945  1.00 0.00 ? 38  LEU A N   1 
ATOM   272  C  CA  . LEU A 1 39  ? -4.835  -2.489  -3.831  1.00 0.00 ? 38  LEU A CA  1 
ATOM   273  C  C   . LEU A 1 39  ? -4.063  -3.737  -4.258  1.00 0.00 ? 38  LEU A C   1 
ATOM   274  O  O   . LEU A 1 39  ? -3.163  -4.203  -3.545  1.00 0.00 ? 38  LEU A O   1 
ATOM   275  C  CB  . LEU A 1 39  ? -5.683  -2.769  -2.576  1.00 0.00 ? 38  LEU A CB  1 
ATOM   276  C  CG  . LEU A 1 39  ? -5.786  -1.678  -1.531  1.00 0.00 ? 38  LEU A CG  1 
ATOM   277  C  CD1 . LEU A 1 39  ? -6.034  -2.299  -0.178  1.00 0.00 ? 38  LEU A CD1 1 
ATOM   278  C  CD2 . LEU A 1 39  ? -4.521  -0.856  -1.496  1.00 0.00 ? 38  LEU A CD2 1 
ATOM   279  N  N   . TYR A 1 40  ? -4.427  -4.261  -5.414  1.00 0.00 ? 39  TYR A N   1 
ATOM   280  C  CA  . TYR A 1 40  ? -3.769  -5.466  -5.936  1.00 0.00 ? 39  TYR A CA  1 
ATOM   281  C  C   . TYR A 1 40  ? -2.429  -4.928  -6.437  1.00 0.00 ? 39  TYR A C   1 
ATOM   282  O  O   . TYR A 1 40  ? -2.332  -3.777  -6.884  1.00 0.00 ? 39  TYR A O   1 
ATOM   283  C  CB  . TYR A 1 40  ? -4.665  -6.096  -7.019  1.00 0.00 ? 39  TYR A CB  1 
ATOM   284  C  CG  . TYR A 1 40  ? -3.863  -6.742  -8.158  1.00 0.00 ? 39  TYR A CG  1 
ATOM   285  C  CD1 . TYR A 1 40  ? -4.074  -8.108  -8.421  1.00 0.00 ? 39  TYR A CD1 1 
ATOM   286  C  CD2 . TYR A 1 40  ? -2.912  -6.044  -8.851  1.00 0.00 ? 39  TYR A CD2 1 
ATOM   287  C  CE1 . TYR A 1 40  ? -3.310  -8.734  -9.492  1.00 0.00 ? 39  TYR A CE1 1 
ATOM   288  C  CE2 . TYR A 1 40  ? -2.157  -6.648  -9.901  1.00 0.00 ? 39  TYR A CE2 1 
ATOM   289  C  CZ  . TYR A 1 40  ? -2.378  -8.010  -10.147 1.00 0.00 ? 39  TYR A CZ  1 
ATOM   290  O  OH  . TYR A 1 40  ? -1.638  -8.609  -11.143 1.00 0.00 ? 39  TYR A OH  1 
ATOM   291  N  N   . GLY A 1 41  ? -1.415  -5.769  -6.354  1.00 0.00 ? 40  GLY A N   1 
ATOM   292  C  CA  . GLY A 1 41  ? -0.070  -5.376  -6.795  1.00 0.00 ? 40  GLY A CA  1 
ATOM   293  C  C   . GLY A 1 41  ? 0.729   -4.753  -5.650  1.00 0.00 ? 40  GLY A C   1 
ATOM   294  O  O   . GLY A 1 41  ? 1.631   -5.385  -5.085  1.00 0.00 ? 40  GLY A O   1 
ATOM   295  N  N   . VAL A 1 42  ? 0.385   -3.520  -5.325  1.00 0.00 ? 41  VAL A N   1 
ATOM   296  C  CA  . VAL A 1 42  ? 1.076   -2.802  -4.245  1.00 0.00 ? 41  VAL A CA  1 
ATOM   297  C  C   . VAL A 1 42  ? 2.374   -3.577  -4.021  1.00 0.00 ? 41  VAL A C   1 
ATOM   298  O  O   . VAL A 1 42  ? 3.352   -3.411  -4.765  1.00 0.00 ? 41  VAL A O   1 
ATOM   299  C  CB  . VAL A 1 42  ? 0.188   -2.749  -3.011  1.00 0.00 ? 41  VAL A CB  1 
ATOM   300  C  CG1 . VAL A 1 42  ? -0.737  -1.511  -2.926  1.00 0.00 ? 41  VAL A CG1 1 
ATOM   301  C  CG2 . VAL A 1 42  ? -0.559  -4.038  -2.794  1.00 0.00 ? 41  VAL A CG2 1 
ATOM   302  N  N   . VAL A 1 43  ? 2.368   -4.411  -2.999  1.00 0.00 ? 42  VAL A N   1 
ATOM   303  C  CA  . VAL A 1 43  ? 3.555   -5.212  -2.668  1.00 0.00 ? 42  VAL A CA  1 
ATOM   304  C  C   . VAL A 1 43  ? 4.438   -5.567  -3.865  1.00 0.00 ? 42  VAL A C   1 
ATOM   305  O  O   . VAL A 1 43  ? 4.180   -6.546  -4.578  1.00 0.00 ? 42  VAL A O   1 
ATOM   306  C  CB  . VAL A 1 43  ? 3.129   -6.509  -1.991  1.00 0.00 ? 42  VAL A CB  1 
ATOM   307  C  CG1 . VAL A 1 43  ? 1.870   -7.177  -2.595  1.00 0.00 ? 42  VAL A CG1 1 
ATOM   308  C  CG2 . VAL A 1 43  ? 4.275   -7.473  -1.844  1.00 0.00 ? 42  VAL A CG2 1 
ATOM   309  N  N   . GLY A 1 44  ? 5.468   -4.765  -4.065  1.00 0.00 ? 43  GLY A N   1 
ATOM   310  C  CA  . GLY A 1 44  ? 6.394   -4.990  -5.184  1.00 0.00 ? 43  GLY A CA  1 
ATOM   311  C  C   . GLY A 1 44  ? 6.381   -3.644  -5.906  1.00 0.00 ? 43  GLY A C   1 
ATOM   312  O  O   . GLY A 1 44  ? 7.429   -3.145  -6.339  1.00 0.00 ? 43  GLY A O   1 
ATOM   313  N  N   . ARG A 1 45  ? 5.195   -3.077  -6.028  1.00 0.00 ? 44  ARG A N   1 
ATOM   314  C  CA  . ARG A 1 45  ? 4.873   -1.760  -6.713  1.00 0.00 ? 44  ARG A CA  1 
ATOM   315  C  C   . ARG A 1 45  ? 5.764   -0.454  -6.942  1.00 0.00 ? 44  ARG A C   1 
ATOM   316  O  O   . ARG A 1 45  ? 6.565   -0.323  -7.879  1.00 0.00 ? 44  ARG A O   1 
ATOM   317  C  CB  . ARG A 1 45  ? 3.591   -1.051  -6.231  1.00 0.00 ? 44  ARG A CB  1 
ATOM   318  C  CG  . ARG A 1 45  ? 2.956   -0.110  -7.269  1.00 0.00 ? 44  ARG A CG  1 
ATOM   319  C  CD  . ARG A 1 45  ? 2.271   -0.919  -8.352  1.00 0.00 ? 44  ARG A CD  1 
ATOM   320  N  NE  . ARG A 1 45  ? 0.921   -1.328  -7.932  1.00 0.00 ? 44  ARG A NE  1 
ATOM   321  C  CZ  . ARG A 1 45  ? 0.100   -0.538  -7.208  1.00 0.00 ? 44  ARG A CZ  1 
ATOM   322  N  NH1 . ARG A 1 45  ? 0.617   0.479   -6.543  1.00 0.00 ? 44  ARG A NH1 1 
ATOM   323  N  NH2 . ARG A 1 45  ? -1.217  -0.779  -7.156  1.00 0.00 ? 44  ARG A NH2 1 
ATOM   324  N  N   . LYS A 1 46  ? 5.470   0.510   -6.090  1.00 0.00 ? 45  LYS A N   1 
ATOM   325  C  CA  . LYS A 1 46  ? 6.089   1.837   -6.207  1.00 0.00 ? 45  LYS A CA  1 
ATOM   326  C  C   . LYS A 1 46  ? 5.083   2.889   -5.736  1.00 0.00 ? 45  LYS A C   1 
ATOM   327  O  O   . LYS A 1 46  ? 4.167   3.271   -6.478  1.00 0.00 ? 45  LYS A O   1 
ATOM   328  C  CB  . LYS A 1 46  ? 6.511   2.130   -7.643  1.00 0.00 ? 45  LYS A CB  1 
ATOM   329  C  CG  . LYS A 1 46  ? 7.257   3.435   -7.829  1.00 0.00 ? 45  LYS A CG  1 
ATOM   330  C  CD  . LYS A 1 46  ? 7.889   3.511   -9.216  1.00 0.00 ? 45  LYS A CD  1 
ATOM   331  C  CE  . LYS A 1 46  ? 7.832   4.921   -9.779  1.00 0.00 ? 45  LYS A CE  1 
ATOM   332  N  NZ  . LYS A 1 46  ? 8.295   5.907   -8.779  1.00 0.00 ? 45  LYS A NZ  1 
ATOM   333  N  N   . ILE A 1 47  ? 5.268   3.340   -4.509  1.00 0.00 ? 46  ILE A N   1 
ATOM   334  C  CA  . ILE A 1 47  ? 4.369   4.348   -3.930  1.00 0.00 ? 46  ILE A CA  1 
ATOM   335  C  C   . ILE A 1 47  ? 3.734   5.264   -4.978  1.00 0.00 ? 46  ILE A C   1 
ATOM   336  O  O   . ILE A 1 47  ? 4.432   6.023   -5.666  1.00 0.00 ? 46  ILE A O   1 
ATOM   337  C  CB  . ILE A 1 47  ? 5.111   5.275   -2.937  1.00 0.00 ? 46  ILE A CB  1 
ATOM   338  C  CG1 . ILE A 1 47  ? 5.614   4.524   -1.674  1.00 0.00 ? 46  ILE A CG1 1 
ATOM   339  C  CG2 . ILE A 1 47  ? 4.074   6.376   -2.702  1.00 0.00 ? 46  ILE A CG2 1 
ATOM   340  C  CD1 . ILE A 1 47  ? 6.082   3.078   -1.956  1.00 0.00 ? 46  ILE A CD1 1 
ATOM   341  N  N   . ALA A 1 48  ? 2.422   5.180   -5.085  1.00 0.00 ? 47  ALA A N   1 
ATOM   342  C  CA  . ALA A 1 48  ? 1.688   6.001   -6.058  1.00 0.00 ? 47  ALA A CA  1 
ATOM   343  C  C   . ALA A 1 48  ? 1.720   5.804   -7.573  1.00 0.00 ? 47  ALA A C   1 
ATOM   344  O  O   . ALA A 1 48  ? 1.087   6.558   -8.326  1.00 0.00 ? 47  ALA A O   1 
ATOM   345  C  CB  . ALA A 1 48  ? 2.255   7.405   -5.795  1.00 0.00 ? 47  ALA A CB  1 
ATOM   346  N  N   . SER A 1 49  ? 2.457   4.794   -7.998  1.00 0.00 ? 48  SER A N   1 
ATOM   347  C  CA  . SER A 1 49  ? 2.578   4.499   -9.433  1.00 0.00 ? 48  SER A CA  1 
ATOM   348  C  C   . SER A 1 49  ? 1.151   4.451   -9.980  1.00 0.00 ? 48  SER A C   1 
ATOM   349  O  O   . SER A 1 49  ? 0.592   5.476   -10.393 1.00 0.00 ? 48  SER A O   1 
ATOM   350  C  CB  . SER A 1 49  ? 3.304   3.188   -9.645  1.00 0.00 ? 48  SER A CB  1 
ATOM   351  O  OG  . SER A 1 49  ? 2.512   2.251   -10.368 1.00 0.00 ? 48  SER A OG  1 
ATOM   352  N  N   . GLU A 1 50  ? 0.584   3.259   -9.977  1.00 0.00 ? 49  GLU A N   1 
ATOM   353  C  CA  . GLU A 1 50  ? -0.784  3.072   -10.482 1.00 0.00 ? 49  GLU A CA  1 
ATOM   354  C  C   . GLU A 1 50  ? -1.407  4.310   -11.128 1.00 0.00 ? 49  GLU A C   1 
ATOM   355  O  O   . GLU A 1 50  ? -1.667  5.317   -10.453 1.00 0.00 ? 49  GLU A O   1 
ATOM   356  C  CB  . GLU A 1 50  ? -1.764  2.647   -9.352  1.00 0.00 ? 49  GLU A CB  1 
ATOM   357  C  CG  . GLU A 1 50  ? -2.669  1.432   -9.641  1.00 0.00 ? 49  GLU A CG  1 
ATOM   358  C  CD  . GLU A 1 50  ? -4.056  1.778   -10.302 1.00 0.00 ? 49  GLU A CD  1 
ATOM   359  O  OE1 . GLU A 1 50  ? -4.845  2.499   -9.768  1.00 0.00 ? 49  GLU A OE1 1 
ATOM   360  O  OE2 . GLU A 1 50  ? -4.118  1.198   -11.386 1.00 0.00 ? 49  GLU A OE2 1 
ATOM   361  N  N   . GLU A 1 51  ? -1.637  4.218   -12.424 1.00 0.00 ? 50  GLU A N   1 
ATOM   362  C  CA  . GLU A 1 51  ? -2.228  5.340   -13.168 1.00 0.00 ? 50  GLU A CA  1 
ATOM   363  C  C   . GLU A 1 51  ? -3.690  5.775   -13.263 1.00 0.00 ? 50  GLU A C   1 
ATOM   364  O  O   . GLU A 1 51  ? -4.610  4.965   -13.073 1.00 0.00 ? 50  GLU A O   1 
ATOM   365  C  CB  . GLU A 1 51  ? -1.951  5.230   -14.694 1.00 0.00 ? 50  GLU A CB  1 
ATOM   366  C  CG  . GLU A 1 51  ? -2.988  5.877   -15.635 1.00 0.00 ? 50  GLU A CG  1 
ATOM   367  C  CD  . GLU A 1 51  ? -3.089  5.221   -17.065 1.00 0.00 ? 50  GLU A CD  1 
ATOM   368  O  OE1 . GLU A 1 51  ? -2.671  5.771   -18.039 1.00 0.00 ? 50  GLU A OE1 1 
ATOM   369  O  OE2 . GLU A 1 51  ? -3.633  4.124   -16.943 1.00 0.00 ? 50  GLU A OE2 1 
ATOM   370  N  N   . GLY A 1 52  ? -3.885  7.048   -13.552 1.00 0.00 ? 51  GLY A N   1 
ATOM   371  C  CA  . GLY A 1 52  ? -5.243  7.597   -13.668 1.00 0.00 ? 51  GLY A CA  1 
ATOM   372  C  C   . GLY A 1 52  ? -6.118  7.764   -12.426 1.00 0.00 ? 51  GLY A C   1 
ATOM   373  O  O   . GLY A 1 52  ? -7.349  7.638   -12.494 1.00 0.00 ? 51  GLY A O   1 
ATOM   374  N  N   . PHE A 1 53  ? -5.471  8.042   -11.309 1.00 0.00 ? 52  PHE A N   1 
ATOM   375  C  CA  . PHE A 1 53  ? -6.192  8.222   -10.042 1.00 0.00 ? 52  PHE A CA  1 
ATOM   376  C  C   . PHE A 1 53  ? -5.734  9.596   -9.551  1.00 0.00 ? 52  PHE A C   1 
ATOM   377  O  O   . PHE A 1 53  ? -4.734  10.143  -10.036 1.00 0.00 ? 52  PHE A O   1 
ATOM   378  C  CB  . PHE A 1 53  ? -5.849  7.079   -9.104  1.00 0.00 ? 52  PHE A CB  1 
ATOM   379  C  CG  . PHE A 1 53  ? -6.289  7.278   -7.682  1.00 0.00 ? 52  PHE A CG  1 
ATOM   380  C  CD1 . PHE A 1 53  ? -7.491  6.791   -7.291  1.00 0.00 ? 52  PHE A CD1 1 
ATOM   381  C  CD2 . PHE A 1 53  ? -5.477  7.867   -6.747  1.00 0.00 ? 52  PHE A CD2 1 
ATOM   382  C  CE1 . PHE A 1 53  ? -7.960  6.932   -5.953  1.00 0.00 ? 52  PHE A CE1 1 
ATOM   383  C  CE2 . PHE A 1 53  ? -5.940  7.966   -5.390  1.00 0.00 ? 52  PHE A CE2 1 
ATOM   384  C  CZ  . PHE A 1 53  ? -7.165  7.534   -5.034  1.00 0.00 ? 52  PHE A CZ  1 
ATOM   385  N  N   . LYS A 1 54  ? -6.472  10.132  -8.598  1.00 0.00 ? 53  LYS A N   1 
ATOM   386  C  CA  . LYS A 1 54  ? -6.145  11.453  -8.040  1.00 0.00 ? 53  LYS A CA  1 
ATOM   387  C  C   . LYS A 1 54  ? -5.360  11.325  -6.734  1.00 0.00 ? 53  LYS A C   1 
ATOM   388  O  O   . LYS A 1 54  ? -5.917  11.485  -5.638  1.00 0.00 ? 53  LYS A O   1 
ATOM   389  C  CB  . LYS A 1 54  ? -7.404  12.269  -7.770  1.00 0.00 ? 53  LYS A CB  1 
ATOM   390  C  CG  . LYS A 1 54  ? -7.470  13.592  -8.509  1.00 0.00 ? 53  LYS A CG  1 
ATOM   391  C  CD  . LYS A 1 54  ? -6.122  14.304  -8.473  1.00 0.00 ? 53  LYS A CD  1 
ATOM   392  C  CE  . LYS A 1 54  ? -5.157  13.726  -9.494  1.00 0.00 ? 53  LYS A CE  1 
ATOM   393  N  NZ  . LYS A 1 54  ? -4.177  12.829  -8.844  1.00 0.00 ? 53  LYS A NZ  1 
ATOM   394  N  N   . TYR A 1 55  ? -4.079  11.038  -6.870  1.00 0.00 ? 54  TYR A N   1 
ATOM   395  C  CA  . TYR A 1 55  ? -3.211  10.882  -5.694  1.00 0.00 ? 54  TYR A CA  1 
ATOM   396  C  C   . TYR A 1 55  ? -3.082  12.159  -4.860  1.00 0.00 ? 54  TYR A C   1 
ATOM   397  O  O   . TYR A 1 55  ? -3.025  13.271  -5.405  1.00 0.00 ? 54  TYR A O   1 
ATOM   398  C  CB  . TYR A 1 55  ? -1.819  10.420  -6.157  1.00 0.00 ? 54  TYR A CB  1 
ATOM   399  C  CG  . TYR A 1 55  ? -1.693  8.890   -6.236  1.00 0.00 ? 54  TYR A CG  1 
ATOM   400  C  CD1 . TYR A 1 55  ? -1.694  8.293   -7.510  1.00 0.00 ? 54  TYR A CD1 1 
ATOM   401  C  CD2 . TYR A 1 55  ? -1.659  8.114   -5.110  1.00 0.00 ? 54  TYR A CD2 1 
ATOM   402  C  CE1 . TYR A 1 55  ? -1.586  6.842   -7.597  1.00 0.00 ? 54  TYR A CE1 1 
ATOM   403  C  CE2 . TYR A 1 55  ? -1.555  6.692   -5.183  1.00 0.00 ? 54  TYR A CE2 1 
ATOM   404  C  CZ  . TYR A 1 55  ? -1.561  6.114   -6.460  1.00 0.00 ? 54  TYR A CZ  1 
ATOM   405  O  OH  . TYR A 1 55  ? -1.485  4.741   -6.540  1.00 0.00 ? 54  TYR A OH  1 
ATOM   406  N  N   . GLY A 1 56  ? -3.039  11.981  -3.553  1.00 0.00 ? 55  GLY A N   1 
ATOM   407  C  CA  . GLY A 1 56  ? -2.921  13.124  -2.637  1.00 0.00 ? 55  GLY A CA  1 
ATOM   408  C  C   . GLY A 1 56  ? -1.535  13.663  -2.995  1.00 0.00 ? 55  GLY A C   1 
ATOM   409  O  O   . GLY A 1 56  ? -0.606  12.892  -3.274  1.00 0.00 ? 55  GLY A O   1 
ATOM   410  N  N   . GLU A 1 57  ? -1.418  14.977  -2.983  1.00 0.00 ? 56  GLU A N   1 
ATOM   411  C  CA  . GLU A 1 57  ? -0.140  15.626  -3.313  1.00 0.00 ? 56  GLU A CA  1 
ATOM   412  C  C   . GLU A 1 57  ? 1.116   15.149  -2.584  1.00 0.00 ? 56  GLU A C   1 
ATOM   413  O  O   . GLU A 1 57  ? 2.233   15.237  -3.116  1.00 0.00 ? 56  GLU A O   1 
ATOM   414  C  CB  . GLU A 1 57  ? -0.179  17.155  -3.036  1.00 0.00 ? 56  GLU A CB  1 
ATOM   415  C  CG  . GLU A 1 57  ? -0.088  18.084  -4.262  1.00 0.00 ? 56  GLU A CG  1 
ATOM   416  C  CD  . GLU A 1 57  ? -0.367  19.605  -3.966  1.00 0.00 ? 56  GLU A CD  1 
ATOM   417  O  OE1 . GLU A 1 57  ? -0.696  20.364  -4.828  1.00 0.00 ? 56  GLU A OE1 1 
ATOM   418  O  OE2 . GLU A 1 57  ? -0.192  19.796  -2.763  1.00 0.00 ? 56  GLU A OE2 1 
ATOM   419  N  N   . GLY A 1 58  ? 0.917   14.652  -1.377  1.00 0.00 ? 57  GLY A N   1 
ATOM   420  C  CA  . GLY A 1 58  ? 2.041   14.165  -0.566  1.00 0.00 ? 57  GLY A CA  1 
ATOM   421  C  C   . GLY A 1 58  ? 2.748   12.890  -1.028  1.00 0.00 ? 57  GLY A C   1 
ATOM   422  O  O   . GLY A 1 58  ? 3.968   12.885  -1.255  1.00 0.00 ? 57  GLY A O   1 
ATOM   423  N  N   . ILE A 1 59  ? 1.976   11.829  -1.158  1.00 0.00 ? 58  ILE A N   1 
ATOM   424  C  CA  . ILE A 1 59  ? 2.530   10.539  -1.590  1.00 0.00 ? 58  ILE A CA  1 
ATOM   425  C  C   . ILE A 1 59  ? 3.249   10.888  -2.893  1.00 0.00 ? 58  ILE A C   1 
ATOM   426  O  O   . ILE A 1 59  ? 4.307   10.324  -3.207  1.00 0.00 ? 58  ILE A O   1 
ATOM   427  C  CB  . ILE A 1 59  ? 1.418   9.485   -1.817  1.00 0.00 ? 58  ILE A CB  1 
ATOM   428  C  CG1 . ILE A 1 59  ? 1.960   8.154   -2.407  1.00 0.00 ? 58  ILE A CG1 1 
ATOM   429  C  CG2 . ILE A 1 59  ? 0.427   10.257  -2.690  1.00 0.00 ? 58  ILE A CG2 1 
ATOM   430  C  CD1 . ILE A 1 59  ? 1.824   6.947   -1.451  1.00 0.00 ? 58  ILE A CD1 1 
ATOM   431  N  N   . LEU A 1 60  ? 2.666   11.813  -3.633  1.00 0.00 ? 59  LEU A N   1 
ATOM   432  C  CA  . LEU A 1 60  ? 3.251   12.238  -4.912  1.00 0.00 ? 59  LEU A CA  1 
ATOM   433  C  C   . LEU A 1 60  ? 4.659   12.832  -4.865  1.00 0.00 ? 59  LEU A C   1 
ATOM   434  O  O   . LEU A 1 60  ? 5.525   12.482  -5.679  1.00 0.00 ? 59  LEU A O   1 
ATOM   435  C  CB  . LEU A 1 60  ? 2.354   13.297  -5.582  1.00 0.00 ? 59  LEU A CB  1 
ATOM   436  C  CG  . LEU A 1 60  ? 0.950   12.890  -5.977  1.00 0.00 ? 59  LEU A CG  1 
ATOM   437  C  CD1 . LEU A 1 60  ? 0.385   13.902  -6.945  1.00 0.00 ? 59  LEU A CD1 1 
ATOM   438  C  CD2 . LEU A 1 60  ? 0.952   11.519  -6.610  1.00 0.00 ? 59  LEU A CD2 1 
ATOM   439  N  N   . GLU A 1 61  ? 4.866   13.723  -3.914  1.00 0.00 ? 60  GLU A N   1 
ATOM   440  C  CA  . GLU A 1 61  ? 6.175   14.375  -3.761  1.00 0.00 ? 60  GLU A CA  1 
ATOM   441  C  C   . GLU A 1 61  ? 7.200   13.411  -3.165  1.00 0.00 ? 60  GLU A C   1 
ATOM   442  O  O   . GLU A 1 61  ? 8.390   13.454  -3.510  1.00 0.00 ? 60  GLU A O   1 
ATOM   443  C  CB  . GLU A 1 61  ? 6.037   15.647  -2.998  1.00 0.00 ? 60  GLU A CB  1 
ATOM   444  C  CG  . GLU A 1 61  ? 7.221   16.625  -3.116  1.00 0.00 ? 60  GLU A CG  1 
ATOM   445  C  CD  . GLU A 1 61  ? 7.367   17.324  -4.520  1.00 0.00 ? 60  GLU A CD  1 
ATOM   446  O  OE1 . GLU A 1 61  ? 7.454   18.510  -4.625  1.00 0.00 ? 60  GLU A OE1 1 
ATOM   447  O  OE2 . GLU A 1 61  ? 7.377   16.448  -5.383  1.00 0.00 ? 60  GLU A OE2 1 
ATOM   448  N  N   . VAL A 1 62  ? 6.726   12.559  -2.276  1.00 0.00 ? 61  VAL A N   1 
ATOM   449  C  CA  . VAL A 1 62  ? 7.608   11.581  -1.621  1.00 0.00 ? 61  VAL A CA  1 
ATOM   450  C  C   . VAL A 1 62  ? 8.056   10.542  -2.650  1.00 0.00 ? 61  VAL A C   1 
ATOM   451  O  O   . VAL A 1 62  ? 9.238   10.174  -2.709  1.00 0.00 ? 61  VAL A O   1 
ATOM   452  C  CB  . VAL A 1 62  ? 6.874   10.925  -0.459  1.00 0.00 ? 61  VAL A CB  1 
ATOM   453  C  CG1 . VAL A 1 62  ? 6.130   11.906  0.478   1.00 0.00 ? 61  VAL A CG1 1 
ATOM   454  C  CG2 . VAL A 1 62  ? 5.999   9.786   -0.912  1.00 0.00 ? 61  VAL A CG2 1 
ATOM   455  N  N   . ALA A 1 63  ? 7.106   10.084  -3.444  1.00 0.00 ? 62  ALA A N   1 
ATOM   456  C  CA  . ALA A 1 63  ? 7.401   9.077   -4.473  1.00 0.00 ? 62  ALA A CA  1 
ATOM   457  C  C   . ALA A 1 63  ? 8.568   9.820   -5.123  1.00 0.00 ? 62  ALA A C   1 
ATOM   458  O  O   . ALA A 1 63  ? 9.600   9.218   -5.455  1.00 0.00 ? 62  ALA A O   1 
ATOM   459  C  CB  . ALA A 1 63  ? 6.325   8.931   -5.560  1.00 0.00 ? 62  ALA A CB  1 
ATOM   460  N  N   . GLU A 1 64  ? 8.388   11.116  -5.300  1.00 0.00 ? 63  GLU A N   1 
ATOM   461  C  CA  . GLU A 1 64  ? 9.431   11.947  -5.920  1.00 0.00 ? 63  GLU A CA  1 
ATOM   462  C  C   . GLU A 1 64  ? 10.808  12.077  -5.269  1.00 0.00 ? 63  GLU A C   1 
ATOM   463  O  O   . GLU A 1 64  ? 11.843  11.944  -5.938  1.00 0.00 ? 63  GLU A O   1 
ATOM   464  C  CB  . GLU A 1 64  ? 8.981   13.428  -6.061  1.00 0.00 ? 63  GLU A CB  1 
ATOM   465  C  CG  . GLU A 1 64  ? 7.805   13.708  -7.019  1.00 0.00 ? 63  GLU A CG  1 
ATOM   466  C  CD  . GLU A 1 64  ? 7.865   15.099  -7.756  1.00 0.00 ? 63  GLU A CD  1 
ATOM   467  O  OE1 . GLU A 1 64  ? 7.952   15.177  -8.945  1.00 0.00 ? 63  GLU A OE1 1 
ATOM   468  O  OE2 . GLU A 1 64  ? 7.800   15.984  -6.905  1.00 0.00 ? 63  GLU A OE2 1 
ATOM   469  N  N   . LYS A 1 65  ? 10.801  12.335  -3.974  1.00 0.00 ? 64  LYS A N   1 
ATOM   470  C  CA  . LYS A 1 65  ? 12.058  12.491  -3.228  1.00 0.00 ? 64  LYS A CA  1 
ATOM   471  C  C   . LYS A 1 65  ? 12.681  11.096  -3.287  1.00 0.00 ? 64  LYS A C   1 
ATOM   472  O  O   . LYS A 1 65  ? 13.908  10.951  -3.379  1.00 0.00 ? 64  LYS A O   1 
ATOM   473  C  CB  . LYS A 1 65  ? 11.801  12.959  -1.800  1.00 0.00 ? 64  LYS A CB  1 
ATOM   474  C  CG  . LYS A 1 65  ? 11.340  14.400  -1.680  1.00 0.00 ? 64  LYS A CG  1 
ATOM   475  C  CD  . LYS A 1 65  ? 11.755  15.209  -2.903  1.00 0.00 ? 64  LYS A CD  1 
ATOM   476  C  CE  . LYS A 1 65  ? 10.842  16.408  -3.116  1.00 0.00 ? 64  LYS A CE  1 
ATOM   477  N  NZ  . LYS A 1 65  ? 11.378  17.298  -4.168  1.00 0.00 ? 64  LYS A NZ  1 
ATOM   478  N  N   . ASN A 1 66  ? 11.826  10.091  -3.232  1.00 0.00 ? 65  ASN A N   1 
ATOM   479  C  CA  . ASN A 1 66  ? 12.294  8.699   -3.274  1.00 0.00 ? 65  ASN A CA  1 
ATOM   480  C  C   . ASN A 1 66  ? 11.760  7.992   -4.520  1.00 0.00 ? 65  ASN A C   1 
ATOM   481  O  O   . ASN A 1 66  ? 10.787  7.226   -4.449  1.00 0.00 ? 65  ASN A O   1 
ATOM   482  C  CB  . ASN A 1 66  ? 11.843  7.959   -1.996  1.00 0.00 ? 65  ASN A CB  1 
ATOM   483  C  CG  . ASN A 1 66  ? 12.645  8.396   -0.798  1.00 0.00 ? 65  ASN A CG  1 
ATOM   484  O  OD1 . ASN A 1 66  ? 12.268  9.199   0.036   1.00 0.00 ? 65  ASN A OD1 1 
ATOM   485  N  ND2 . ASN A 1 66  ? 13.869  7.760   -0.634  1.00 0.00 ? 65  ASN A ND2 1 
ATOM   486  N  N   . PRO A 1 67  ? 12.401  8.259   -5.642  1.00 0.00 ? 66  PRO A N   1 
ATOM   487  C  CA  . PRO A 1 67  ? 11.987  7.649   -6.913  1.00 0.00 ? 66  PRO A CA  1 
ATOM   488  C  C   . PRO A 1 67  ? 12.092  6.167   -6.552  1.00 0.00 ? 66  PRO A C   1 
ATOM   489  O  O   . PRO A 1 67  ? 11.631  5.295   -7.304  1.00 0.00 ? 66  PRO A O   1 
ATOM   490  C  CB  . PRO A 1 67  ? 12.963  8.187   -7.912  1.00 0.00 ? 66  PRO A CB  1 
ATOM   491  C  CG  . PRO A 1 67  ? 14.212  8.533   -7.125  1.00 0.00 ? 66  PRO A CG  1 
ATOM   492  C  CD  . PRO A 1 67  ? 13.686  8.939   -5.751  1.00 0.00 ? 66  PRO A CD  1 
ATOM   493  N  N   . ASP A 1 68  ? 12.695  5.904   -5.409  1.00 0.00 ? 67  ASP A N   1 
ATOM   494  C  CA  . ASP A 1 68  ? 12.869  4.520   -4.947  1.00 0.00 ? 67  ASP A CA  1 
ATOM   495  C  C   . ASP A 1 68  ? 11.685  3.656   -4.508  1.00 0.00 ? 67  ASP A C   1 
ATOM   496  O  O   . ASP A 1 68  ? 11.291  2.714   -5.209  1.00 0.00 ? 67  ASP A O   1 
ATOM   497  C  CB  . ASP A 1 68  ? 13.827  4.488   -3.737  1.00 0.00 ? 67  ASP A CB  1 
ATOM   498  C  CG  . ASP A 1 68  ? 14.932  5.500   -3.888  1.00 0.00 ? 67  ASP A CG  1 
ATOM   499  O  OD1 . ASP A 1 68  ? 16.107  5.229   -4.064  1.00 0.00 ? 67  ASP A OD1 1 
ATOM   500  O  OD2 . ASP A 1 68  ? 14.584  6.649   -3.887  1.00 0.00 ? 67  ASP A OD2 1 
ATOM   501  N  N   . LEU A 1 69  ? 11.138  3.990   -3.354  1.00 0.00 ? 68  LEU A N   1 
ATOM   502  C  CA  . LEU A 1 69  ? 9.997   3.239   -2.813  1.00 0.00 ? 68  LEU A CA  1 
ATOM   503  C  C   . LEU A 1 69  ? 8.935   2.313   -3.405  1.00 0.00 ? 68  LEU A C   1 
ATOM   504  O  O   . LEU A 1 69  ? 7.850   2.760   -3.803  1.00 0.00 ? 68  LEU A O   1 
ATOM   505  C  CB  . LEU A 1 69  ? 9.006   4.196   -2.125  1.00 0.00 ? 68  LEU A CB  1 
ATOM   506  C  CG  . LEU A 1 69  ? 9.359   4.711   -0.746  1.00 0.00 ? 68  LEU A CG  1 
ATOM   507  C  CD1 . LEU A 1 69  ? 8.210   5.528   -0.204  1.00 0.00 ? 68  LEU A CD1 1 
ATOM   508  C  CD2 . LEU A 1 69  ? 9.659   3.563   0.188   1.00 0.00 ? 68  LEU A CD2 1 
ATOM   509  N  N   . THR A 1 70  ? 9.261   1.035   -3.456  1.00 0.00 ? 69  THR A N   1 
ATOM   510  C  CA  . THR A 1 70  ? 8.334   0.039   -4.007  1.00 0.00 ? 69  THR A CA  1 
ATOM   511  C  C   . THR A 1 70  ? 7.590   -0.713  -2.901  1.00 0.00 ? 69  THR A C   1 
ATOM   512  O  O   . THR A 1 70  ? 7.892   -1.879  -2.611  1.00 0.00 ? 69  THR A O   1 
ATOM   513  C  CB  . THR A 1 70  ? 9.157   -0.918  -4.890  1.00 0.00 ? 69  THR A CB  1 
ATOM   514  O  OG1 . THR A 1 70  ? 10.167  -1.410  -4.017  1.00 0.00 ? 69  THR A OG1 1 
ATOM   515  C  CG2 . THR A 1 70  ? 9.776   -0.223  -6.071  1.00 0.00 ? 69  THR A CG2 1 
ATOM   516  N  N   . TRP A 1 71  ? 6.630   -0.034  -2.301  1.00 0.00 ? 70  TRP A N   1 
ATOM   517  C  CA  . TRP A 1 71  ? 5.842   -0.636  -1.218  1.00 0.00 ? 70  TRP A CA  1 
ATOM   518  C  C   . TRP A 1 71  ? 6.074   -2.055  -0.697  1.00 0.00 ? 70  TRP A C   1 
ATOM   519  O  O   . TRP A 1 71  ? 5.286   -2.970  -0.970  1.00 0.00 ? 70  TRP A O   1 
ATOM   520  C  CB  . TRP A 1 71  ? 4.364   -0.611  -1.609  1.00 0.00 ? 70  TRP A CB  1 
ATOM   521  C  CG  . TRP A 1 71  ? 3.622   0.769   -1.461  1.00 0.00 ? 70  TRP A CG  1 
ATOM   522  C  CD1 . TRP A 1 71  ? 2.959   1.476   -2.384  1.00 0.00 ? 70  TRP A CD1 1 
ATOM   523  C  CD2 . TRP A 1 71  ? 3.476   1.491   -0.273  1.00 0.00 ? 70  TRP A CD2 1 
ATOM   524  N  NE1 . TRP A 1 71  ? 2.454   2.700   -1.792  1.00 0.00 ? 70  TRP A NE1 1 
ATOM   525  C  CE2 . TRP A 1 71  ? 2.726   2.671   -0.547  1.00 0.00 ? 70  TRP A CE2 1 
ATOM   526  C  CE3 . TRP A 1 71  ? 3.913   1.257   1.011   1.00 0.00 ? 70  TRP A CE3 1 
ATOM   527  C  CZ2 . TRP A 1 71  ? 2.375   3.641   0.397   1.00 0.00 ? 70  TRP A CZ2 1 
ATOM   528  C  CZ3 . TRP A 1 71  ? 3.565   2.250   1.952   1.00 0.00 ? 70  TRP A CZ3 1 
ATOM   529  C  CH2 . TRP A 1 71  ? 2.797   3.366   1.662   1.00 0.00 ? 70  TRP A CH2 1 
ATOM   530  N  N   . THR A 1 72  ? 7.154   -2.215  0.045   1.00 0.00 ? 71  THR A N   1 
ATOM   531  C  CA  . THR A 1 72  ? 7.497   -3.529  0.606   1.00 0.00 ? 71  THR A CA  1 
ATOM   532  C  C   . THR A 1 72  ? 6.121   -4.005  1.070   1.00 0.00 ? 71  THR A C   1 
ATOM   533  O  O   . THR A 1 72  ? 5.218   -4.231  0.252   1.00 0.00 ? 71  THR A O   1 
ATOM   534  C  CB  . THR A 1 72  ? 8.559   -3.301  1.698   1.00 0.00 ? 71  THR A CB  1 
ATOM   535  O  OG1 . THR A 1 72  ? 9.450   -2.352  1.121   1.00 0.00 ? 71  THR A OG1 1 
ATOM   536  C  CG2 . THR A 1 72  ? 9.297   -4.562  2.060   1.00 0.00 ? 71  THR A CG2 1 
ATOM   537  N  N   . GLU A 1 73  ? 5.980   -4.151  2.375   1.00 0.00 ? 72  GLU A N   1 
ATOM   538  C  CA  . GLU A 1 73  ? 4.710   -4.607  2.952   1.00 0.00 ? 72  GLU A CA  1 
ATOM   539  C  C   . GLU A 1 73  ? 5.055   -4.467  4.435   1.00 0.00 ? 72  GLU A C   1 
ATOM   540  O  O   . GLU A 1 73  ? 4.292   -4.902  5.308   1.00 0.00 ? 72  GLU A O   1 
ATOM   541  C  CB  . GLU A 1 73  ? 4.365   -6.060  2.517   1.00 0.00 ? 72  GLU A CB  1 
ATOM   542  C  CG  . GLU A 1 73  ? 5.550   -7.032  2.344   1.00 0.00 ? 72  GLU A CG  1 
ATOM   543  C  CD  . GLU A 1 73  ? 5.172   -8.560  2.405   1.00 0.00 ? 72  GLU A CD  1 
ATOM   544  O  OE1 . GLU A 1 73  ? 5.444   -9.311  1.518   1.00 0.00 ? 72  GLU A OE1 1 
ATOM   545  O  OE2 . GLU A 1 73  ? 4.599   -8.768  3.475   1.00 0.00 ? 72  GLU A OE2 1 
ATOM   546  N  N   . ALA A 1 74  ? 6.200   -3.865  4.696   1.00 0.00 ? 73  ALA A N   1 
ATOM   547  C  CA  . ALA A 1 74  ? 6.654   -3.670  6.080   1.00 0.00 ? 73  ALA A CA  1 
ATOM   548  C  C   . ALA A 1 74  ? 6.342   -2.175  6.035   1.00 0.00 ? 73  ALA A C   1 
ATOM   549  O  O   . ALA A 1 74  ? 6.296   -1.504  7.075   1.00 0.00 ? 73  ALA A O   1 
ATOM   550  C  CB  . ALA A 1 74  ? 8.166   -3.785  6.327   1.00 0.00 ? 73  ALA A CB  1 
ATOM   551  N  N   . ASN A 1 75  ? 6.133   -1.674  4.832   1.00 0.00 ? 74  ASN A N   1 
ATOM   552  C  CA  . ASN A 1 75  ? 5.830   -0.249  4.648   1.00 0.00 ? 74  ASN A CA  1 
ATOM   553  C  C   . ASN A 1 75  ? 4.304   -0.310  4.702   1.00 0.00 ? 74  ASN A C   1 
ATOM   554  O  O   . ASN A 1 75  ? 3.652   0.579   5.267   1.00 0.00 ? 74  ASN A O   1 
ATOM   555  C  CB  . ASN A 1 75  ? 6.441   0.248   3.320   1.00 0.00 ? 74  ASN A CB  1 
ATOM   556  C  CG  . ASN A 1 75  ? 7.722   1.005   3.554   1.00 0.00 ? 74  ASN A CG  1 
ATOM   557  O  OD1 . ASN A 1 75  ? 7.990   1.620   4.570   1.00 0.00 ? 74  ASN A OD1 1 
ATOM   558  N  ND2 . ASN A 1 75  ? 8.664   0.915   2.537   1.00 0.00 ? 74  ASN A ND2 1 
ATOM   559  N  N   . LEU A 1 76  ? 3.756   -1.358  4.115   1.00 0.00 ? 75  LEU A N   1 
ATOM   560  C  CA  . LEU A 1 76  ? 2.299   -1.535  4.091   1.00 0.00 ? 75  LEU A CA  1 
ATOM   561  C  C   . LEU A 1 76  ? 1.834   -1.541  5.547   1.00 0.00 ? 75  LEU A C   1 
ATOM   562  O  O   . LEU A 1 76  ? 0.876   -0.844  5.911   1.00 0.00 ? 75  LEU A O   1 
ATOM   563  C  CB  . LEU A 1 76  ? 1.933   -2.845  3.368   1.00 0.00 ? 75  LEU A CB  1 
ATOM   564  C  CG  . LEU A 1 76  ? 1.924   -2.841  1.854   1.00 0.00 ? 75  LEU A CG  1 
ATOM   565  C  CD1 . LEU A 1 76  ? 2.816   -1.734  1.348   1.00 0.00 ? 75  LEU A CD1 1 
ATOM   566  C  CD2 . LEU A 1 76  ? 2.399   -4.169  1.316   1.00 0.00 ? 75  LEU A CD2 1 
ATOM   567  N  N   . ILE A 1 77  ? 2.517   -2.326  6.358   1.00 0.00 ? 76  ILE A N   1 
ATOM   568  C  CA  . ILE A 1 77  ? 2.170   -2.428  7.781   1.00 0.00 ? 76  ILE A CA  1 
ATOM   569  C  C   . ILE A 1 77  ? 2.144   -1.042  8.424   1.00 0.00 ? 76  ILE A C   1 
ATOM   570  O  O   . ILE A 1 77  ? 1.181   -0.678  9.112   1.00 0.00 ? 76  ILE A O   1 
ATOM   571  C  CB  . ILE A 1 77  ? 3.193   -3.292  8.560   1.00 0.00 ? 76  ILE A CB  1 
ATOM   572  C  CG1 . ILE A 1 77  ? 3.422   -4.684  7.912   1.00 0.00 ? 76  ILE A CG1 1 
ATOM   573  C  CG2 . ILE A 1 77  ? 2.596   -3.292  9.968   1.00 0.00 ? 76  ILE A CG2 1 
ATOM   574  C  CD1 . ILE A 1 77  ? 4.235   -5.655  8.798   1.00 0.00 ? 76  ILE A CD1 1 
ATOM   575  N  N   . GLU A 1 78  ? 3.203   -0.288  8.191   1.00 0.00 ? 77  GLU A N   1 
ATOM   576  C  CA  . GLU A 1 78  ? 3.307   1.065   8.754   1.00 0.00 ? 77  GLU A CA  1 
ATOM   577  C  C   . GLU A 1 78  ? 2.195   1.944   8.184   1.00 0.00 ? 77  GLU A C   1 
ATOM   578  O  O   . GLU A 1 78  ? 1.254   2.321   8.897   1.00 0.00 ? 77  GLU A O   1 
ATOM   579  C  CB  . GLU A 1 78  ? 4.676   1.723   8.428   1.00 0.00 ? 77  GLU A CB  1 
ATOM   580  C  CG  . GLU A 1 78  ? 5.664   1.884   9.601   1.00 0.00 ? 77  GLU A CG  1 
ATOM   581  C  CD  . GLU A 1 78  ? 6.896   2.821   9.309   1.00 0.00 ? 77  GLU A CD  1 
ATOM   582  O  OE1 . GLU A 1 78  ? 7.057   3.848   9.894   1.00 0.00 ? 77  GLU A OE1 1 
ATOM   583  O  OE2 . GLU A 1 78  ? 7.580   2.290   8.435   1.00 0.00 ? 77  GLU A OE2 1 
ATOM   584  N  N   . TYR A 1 79  ? 2.319   2.260   6.909   1.00 0.00 ? 78  TYR A N   1 
ATOM   585  C  CA  . TYR A 1 79  ? 1.321   3.104   6.239   1.00 0.00 ? 78  TYR A CA  1 
ATOM   586  C  C   . TYR A 1 79  ? -0.063  2.932   6.864   1.00 0.00 ? 78  TYR A C   1 
ATOM   587  O  O   . TYR A 1 79  ? -0.459  3.700   7.751   1.00 0.00 ? 78  TYR A O   1 
ATOM   588  C  CB  . TYR A 1 79  ? 1.292   2.754   4.740   1.00 0.00 ? 78  TYR A CB  1 
ATOM   589  C  CG  . TYR A 1 79  ? 0.451   3.735   3.912   1.00 0.00 ? 78  TYR A CG  1 
ATOM   590  C  CD1 . TYR A 1 79  ? 1.011   4.988   3.602   1.00 0.00 ? 78  TYR A CD1 1 
ATOM   591  C  CD2 . TYR A 1 79  ? -0.837  3.445   3.548   1.00 0.00 ? 78  TYR A CD2 1 
ATOM   592  C  CE1 . TYR A 1 79  ? 0.216   5.930   2.826   1.00 0.00 ? 78  TYR A CE1 1 
ATOM   593  C  CE2 . TYR A 1 79  ? -1.625  4.364   2.790   1.00 0.00 ? 78  TYR A CE2 1 
ATOM   594  C  CZ  . TYR A 1 79  ? -1.050  5.607   2.493   1.00 0.00 ? 78  TYR A CZ  1 
ATOM   595  O  OH  . TYR A 1 79  ? -1.812  6.509   1.782   1.00 0.00 ? 78  TYR A OH  1 
ATOM   596  N  N   . VAL A 1 80  ? -0.778  1.929   6.390   1.00 0.00 ? 79  VAL A N   1 
ATOM   597  C  CA  . VAL A 1 80  ? -2.128  1.657   6.900   1.00 0.00 ? 79  VAL A CA  1 
ATOM   598  C  C   . VAL A 1 80  ? -2.338  1.826   8.404   1.00 0.00 ? 79  VAL A C   1 
ATOM   599  O  O   . VAL A 1 80  ? -3.403  2.276   8.850   1.00 0.00 ? 79  VAL A O   1 
ATOM   600  C  CB  . VAL A 1 80  ? -2.534  0.233   6.547   1.00 0.00 ? 79  VAL A CB  1 
ATOM   601  C  CG1 . VAL A 1 80  ? -2.154  -0.218  5.116   1.00 0.00 ? 79  VAL A CG1 1 
ATOM   602  C  CG2 . VAL A 1 80  ? -2.097  -0.757  7.593   1.00 0.00 ? 79  VAL A CG2 1 
ATOM   603  N  N   . THR A 1 81  ? -1.322  1.464   9.165   1.00 0.00 ? 80  THR A N   1 
ATOM   604  C  CA  . THR A 1 81  ? -1.395  1.571   10.628  1.00 0.00 ? 80  THR A CA  1 
ATOM   605  C  C   . THR A 1 81  ? -2.023  2.957   10.774  1.00 0.00 ? 80  THR A C   1 
ATOM   606  O  O   . THR A 1 81  ? -3.178  3.090   11.200  1.00 0.00 ? 80  THR A O   1 
ATOM   607  C  CB  . THR A 1 81  ? 0.034   1.390   11.174  1.00 0.00 ? 80  THR A CB  1 
ATOM   608  O  OG1 . THR A 1 81  ? 0.409   0.089   10.737  1.00 0.00 ? 80  THR A OG1 1 
ATOM   609  C  CG2 . THR A 1 81  ? 0.093   1.478   12.675  1.00 0.00 ? 80  THR A CG2 1 
ATOM   610  N  N   . ASP A 1 82  ? -1.253  3.969   10.420  1.00 0.00 ? 81  ASP A N   1 
ATOM   611  C  CA  . ASP A 1 82  ? -1.732  5.354   10.517  1.00 0.00 ? 81  ASP A CA  1 
ATOM   612  C  C   . ASP A 1 82  ? -0.831  6.066   9.507   1.00 0.00 ? 81  ASP A C   1 
ATOM   613  O  O   . ASP A 1 82  ? 0.281   6.496   9.841   1.00 0.00 ? 81  ASP A O   1 
ATOM   614  C  CB  . ASP A 1 82  ? -1.599  5.853   11.971  1.00 0.00 ? 81  ASP A CB  1 
ATOM   615  C  CG  . ASP A 1 82  ? -2.107  7.262   12.117  1.00 0.00 ? 81  ASP A CG  1 
ATOM   616  O  OD1 . ASP A 1 82  ? -2.009  7.938   13.126  1.00 0.00 ? 81  ASP A OD1 1 
ATOM   617  O  OD2 . ASP A 1 82  ? -2.589  7.742   11.127  1.00 0.00 ? 81  ASP A OD2 1 
ATOM   618  N  N   . PRO A 1 83  ? -1.324  6.179   8.288   1.00 0.00 ? 82  PRO A N   1 
ATOM   619  C  CA  . PRO A 1 83  ? -0.557  6.837   7.221   1.00 0.00 ? 82  PRO A CA  1 
ATOM   620  C  C   . PRO A 1 83  ? 0.045   8.238   7.098   1.00 0.00 ? 82  PRO A C   1 
ATOM   621  O  O   . PRO A 1 83  ? 1.016   8.448   6.360   1.00 0.00 ? 82  PRO A O   1 
ATOM   622  C  CB  . PRO A 1 83  ? -1.460  6.772   6.029   1.00 0.00 ? 82  PRO A CB  1 
ATOM   623  C  CG  . PRO A 1 83  ? -2.869  6.680   6.582   1.00 0.00 ? 82  PRO A CG  1 
ATOM   624  C  CD  . PRO A 1 83  ? -2.704  5.925   7.899   1.00 0.00 ? 82  PRO A CD  1 
ATOM   625  N  N   . LYS A 1 84  ? -0.540  9.172   7.824   1.00 0.00 ? 83  LYS A N   1 
ATOM   626  C  CA  . LYS A 1 84  ? -0.063  10.562  7.795   1.00 0.00 ? 83  LYS A CA  1 
ATOM   627  C  C   . LYS A 1 84  ? 1.340   10.494  8.397   1.00 0.00 ? 83  LYS A C   1 
ATOM   628  O  O   . LYS A 1 84  ? 2.312   10.978  7.801   1.00 0.00 ? 83  LYS A O   1 
ATOM   629  C  CB  . LYS A 1 84  ? -0.985  11.482  8.587   1.00 0.00 ? 83  LYS A CB  1 
ATOM   630  C  CG  . LYS A 1 84  ? -0.401  11.993  9.890   1.00 0.00 ? 83  LYS A CG  1 
ATOM   631  C  CD  . LYS A 1 84  ? 0.001   13.459  9.769   1.00 0.00 ? 83  LYS A CD  1 
ATOM   632  C  CE  . LYS A 1 84  ? -1.212  14.357  9.589   1.00 0.00 ? 83  LYS A CE  1 
ATOM   633  N  NZ  . LYS A 1 84  ? -0.826  15.642  8.966   1.00 0.00 ? 83  LYS A NZ  1 
ATOM   634  N  N   . PRO A 1 85  ? 1.426   9.893   9.569   1.00 0.00 ? 84  PRO A N   1 
ATOM   635  C  CA  . PRO A 1 85  ? 2.716   9.764   10.260  1.00 0.00 ? 84  PRO A CA  1 
ATOM   636  C  C   . PRO A 1 85  ? 3.877   9.061   9.556   1.00 0.00 ? 84  PRO A C   1 
ATOM   637  O  O   . PRO A 1 85  ? 4.982   8.951   10.105  1.00 0.00 ? 84  PRO A O   1 
ATOM   638  C  CB  . PRO A 1 85  ? 2.385   9.024   11.517  1.00 0.00 ? 84  PRO A CB  1 
ATOM   639  C  CG  . PRO A 1 85  ? 1.129   8.232   11.212  1.00 0.00 ? 84  PRO A CG  1 
ATOM   640  C  CD  . PRO A 1 85  ? 0.381   9.093   10.196  1.00 0.00 ? 84  PRO A CD  1 
ATOM   641  N  N   . LEU A 1 86  ? 3.609   8.595   8.351   1.00 0.00 ? 85  LEU A N   1 
ATOM   642  C  CA  . LEU A 1 86  ? 4.641   7.843   7.507   1.00 0.00 ? 85  LEU A CA  1 
ATOM   643  C  C   . LEU A 1 86  ? 4.701   8.917   6.432   1.00 0.00 ? 85  LEU A C   1 
ATOM   644  O  O   . LEU A 1 86  ? 5.752   9.527   6.185   1.00 0.00 ? 85  LEU A O   1 
ATOM   645  C  CB  . LEU A 1 86  ? 4.181   6.272   6.948   1.00 0.00 ? 85  LEU A CB  1 
ATOM   646  C  CG  . LEU A 1 86  ? 4.645   5.536   5.424   1.00 0.00 ? 85  LEU A CG  1 
ATOM   647  C  CD1 . LEU A 1 86  ? 4.797   6.489   4.220   1.00 0.00 ? 85  LEU A CD1 1 
ATOM   648  C  CD2 . LEU A 1 86  ? 5.986   4.661   5.385   1.00 0.00 ? 85  LEU A CD2 1 
ATOM   649  N  N   . VAL A 1 87  ? 3.579   9.088   5.760   1.00 0.00 ? 86  VAL A N   1 
ATOM   650  C  CA  . VAL A 1 87  ? 3.508   10.039  4.641   1.00 0.00 ? 86  VAL A CA  1 
ATOM   651  C  C   . VAL A 1 87  ? 3.746   11.085  5.731   1.00 0.00 ? 86  VAL A C   1 
ATOM   652  O  O   . VAL A 1 87  ? 3.360   10.892  6.895   1.00 0.00 ? 86  VAL A O   1 
ATOM   653  C  CB  . VAL A 1 87  ? 2.169   9.896   3.929   1.00 0.00 ? 86  VAL A CB  1 
ATOM   654  C  CG1 . VAL A 1 87  ? 1.049   10.827  4.455   1.00 0.00 ? 86  VAL A CG1 1 
ATOM   655  C  CG2 . VAL A 1 87  ? 2.313   9.960   2.431   1.00 0.00 ? 86  VAL A CG2 1 
ATOM   656  N  N   . LYS A 1 88  ? 4.376   12.177  5.342   1.00 0.00 ? 87  LYS A N   1 
ATOM   657  C  CA  . LYS A 1 88  ? 4.672   13.259  6.293   1.00 0.00 ? 87  LYS A CA  1 
ATOM   658  C  C   . LYS A 1 88  ? 5.983   12.567  6.669   1.00 0.00 ? 87  LYS A C   1 
ATOM   659  O  O   . LYS A 1 88  ? 6.591   11.864  5.849   1.00 0.00 ? 87  LYS A O   1 
ATOM   660  C  CB  . LYS A 1 88  ? 3.578   13.388  7.346   1.00 0.00 ? 87  LYS A CB  1 
ATOM   661  C  CG  . LYS A 1 88  ? 3.597   12.310  8.413   1.00 0.00 ? 87  LYS A CG  1 
ATOM   662  C  CD  . LYS A 1 88  ? 3.492   12.920  9.807   1.00 0.00 ? 87  LYS A CD  1 
ATOM   663  C  CE  . LYS A 1 88  ? 4.852   13.349  10.333  1.00 0.00 ? 87  LYS A CE  1 
ATOM   664  N  NZ  . LYS A 1 88  ? 5.362   14.519  9.584   1.00 0.00 ? 87  LYS A NZ  1 
ATOM   665  N  N   . LYS A 1 89  ? 6.400   12.777  7.904   1.00 0.00 ? 88  LYS A N   1 
ATOM   666  C  CA  . LYS A 1 89  ? 7.650   12.176  8.393   1.00 0.00 ? 88  LYS A CA  1 
ATOM   667  C  C   . LYS A 1 89  ? 8.548   12.137  7.156   1.00 0.00 ? 88  LYS A C   1 
ATOM   668  O  O   . LYS A 1 89  ? 9.509   12.913  7.043   1.00 0.00 ? 88  LYS A O   1 
ATOM   669  C  CB  . LYS A 1 89  ? 7.406   10.788  8.977   1.00 0.00 ? 88  LYS A CB  1 
ATOM   670  C  CG  . LYS A 1 89  ? 8.097   9.658   8.236   1.00 0.00 ? 88  LYS A CG  1 
ATOM   671  C  CD  . LYS A 1 89  ? 8.425   8.505   9.179   1.00 0.00 ? 88  LYS A CD  1 
ATOM   672  C  CE  . LYS A 1 89  ? 9.203   7.407   8.471   1.00 0.00 ? 88  LYS A CE  1 
ATOM   673  N  NZ  . LYS A 1 89  ? 8.970   6.096   9.116   1.00 0.00 ? 88  LYS A NZ  1 
ATOM   674  N  N   . MET A 1 90  ? 8.223   11.238  6.247   1.00 0.00 ? 89  MET A N   1 
ATOM   675  C  CA  . MET A 1 90  ? 9.009   11.093  5.014   1.00 0.00 ? 89  MET A CA  1 
ATOM   676  C  C   . MET A 1 90  ? 9.343   12.214  4.028   1.00 0.00 ? 89  MET A C   1 
ATOM   677  O  O   . MET A 1 90  ? 10.351  12.149  3.309   1.00 0.00 ? 89  MET A O   1 
ATOM   678  C  CB  . MET A 1 90  ? 8.344   10.054  4.075   1.00 0.00 ? 89  MET A CB  1 
ATOM   679  C  CG  . MET A 1 90  ? 8.237   8.703   4.750   1.00 0.00 ? 89  MET A CG  1 
ATOM   680  S  SD  . MET A 1 90  ? 9.352   7.510   4.021   1.00 0.00 ? 89  MET A SD  1 
ATOM   681  C  CE  . MET A 1 90  ? 10.545  7.406   5.324   1.00 0.00 ? 89  MET A CE  1 
ATOM   682  N  N   . THR A 1 91  ? 8.494   13.224  4.009   1.00 0.00 ? 90  THR A N   1 
ATOM   683  C  CA  . THR A 1 91  ? 8.695   14.365  3.105   1.00 0.00 ? 90  THR A CA  1 
ATOM   684  C  C   . THR A 1 91  ? 9.368   15.252  4.154   1.00 0.00 ? 90  THR A C   1 
ATOM   685  O  O   . THR A 1 91  ? 10.370  15.925  3.870   1.00 0.00 ? 90  THR A O   1 
ATOM   686  C  CB  . THR A 1 91  ? 7.313   14.764  2.556   1.00 0.00 ? 90  THR A CB  1 
ATOM   687  O  OG1 . THR A 1 91  ? 6.709   15.483  3.627   1.00 0.00 ? 90  THR A OG1 1 
ATOM   688  C  CG2 . THR A 1 91  ? 6.472   13.570  2.184   1.00 0.00 ? 90  THR A CG2 1 
ATOM   689  N  N   . ASP A 1 92  ? 8.808   15.239  5.349   1.00 0.00 ? 91  ASP A N   1 
ATOM   690  C  CA  . ASP A 1 92  ? 9.352   16.052  6.446   1.00 0.00 ? 91  ASP A CA  1 
ATOM   691  C  C   . ASP A 1 92  ? 8.387   17.239  6.421   1.00 0.00 ? 91  ASP A C   1 
ATOM   692  O  O   . ASP A 1 92  ? 8.284   17.997  7.397   1.00 0.00 ? 91  ASP A O   1 
ATOM   693  C  CB  . ASP A 1 92  ? 10.830  16.390  6.161   1.00 0.00 ? 91  ASP A CB  1 
ATOM   694  C  CG  . ASP A 1 92  ? 11.752  15.331  6.708   1.00 0.00 ? 91  ASP A CG  1 
ATOM   695  O  OD1 . ASP A 1 92  ? 12.041  14.295  6.134   1.00 0.00 ? 91  ASP A OD1 1 
ATOM   696  O  OD2 . ASP A 1 92  ? 12.263  15.584  7.764   1.00 0.00 ? 91  ASP A OD2 1 
ATOM   697  N  N   . ASP A 1 93  ? 7.697   17.384  5.306   1.00 0.00 ? 92  ASP A N   1 
ATOM   698  C  CA  . ASP A 1 93  ? 6.741   18.489  5.148   1.00 0.00 ? 92  ASP A CA  1 
ATOM   699  C  C   . ASP A 1 93  ? 5.563   18.153  6.065   1.00 0.00 ? 92  ASP A C   1 
ATOM   700  O  O   . ASP A 1 93  ? 4.789   17.224  5.793   1.00 0.00 ? 92  ASP A O   1 
ATOM   701  C  CB  . ASP A 1 93  ? 6.331   18.616  3.665   1.00 0.00 ? 92  ASP A CB  1 
ATOM   702  C  CG  . ASP A 1 93  ? 4.866   18.933  3.525   1.00 0.00 ? 92  ASP A CG  1 
ATOM   703  O  OD1 . ASP A 1 93  ? 4.123   18.442  2.692   1.00 0.00 ? 92  ASP A OD1 1 
ATOM   704  O  OD2 . ASP A 1 93  ? 4.419   19.686  4.346   1.00 0.00 ? 92  ASP A OD2 1 
ATOM   705  N  N   . LYS A 1 94  ? 5.445   18.914  7.137   1.00 0.00 ? 93  LYS A N   1 
ATOM   706  C  CA  . LYS A 1 94  ? 4.361   18.695  8.104   1.00 0.00 ? 93  LYS A CA  1 
ATOM   707  C  C   . LYS A 1 94  ? 3.093   19.244  7.449   1.00 0.00 ? 93  LYS A C   1 
ATOM   708  O  O   . LYS A 1 94  ? 3.111   20.317  6.827   1.00 0.00 ? 93  LYS A O   1 
ATOM   709  C  CB  . LYS A 1 94  ? 4.647   19.394  9.429   1.00 0.00 ? 93  LYS A CB  1 
ATOM   710  C  CG  . LYS A 1 94  ? 6.057   19.203  9.952   1.00 0.00 ? 93  LYS A CG  1 
ATOM   711  C  CD  . LYS A 1 94  ? 6.059   19.039  11.469  1.00 0.00 ? 93  LYS A CD  1 
ATOM   712  C  CE  . LYS A 1 94  ? 6.454   17.629  11.878  1.00 0.00 ? 93  LYS A CE  1 
ATOM   713  N  NZ  . LYS A 1 94  ? 7.854   17.342  11.498  1.00 0.00 ? 93  LYS A NZ  1 
ATOM   714  N  N   . GLY A 1 95  ? 2.012   18.503  7.599   1.00 0.00 ? 94  GLY A N   1 
ATOM   715  C  CA  . GLY A 1 95  ? 0.728   18.912  7.015   1.00 0.00 ? 94  GLY A CA  1 
ATOM   716  C  C   . GLY A 1 95  ? 0.650   17.916  5.858   1.00 0.00 ? 94  GLY A C   1 
ATOM   717  O  O   . GLY A 1 95  ? 0.450   18.301  4.697   1.00 0.00 ? 94  GLY A O   1 
ATOM   718  N  N   . ALA A 1 96  ? 0.812   16.648  6.191   1.00 0.00 ? 95  ALA A N   1 
ATOM   719  C  CA  . ALA A 1 96  ? 0.767   15.589  5.175   1.00 0.00 ? 95  ALA A CA  1 
ATOM   720  C  C   . ALA A 1 96  ? -0.503  15.932  4.394   1.00 0.00 ? 95  ALA A C   1 
ATOM   721  O  O   . ALA A 1 96  ? -0.482  16.774  3.483   1.00 0.00 ? 95  ALA A O   1 
ATOM   722  C  CB  . ALA A 1 96  ? 0.532   14.195  5.782   1.00 0.00 ? 95  ALA A CB  1 
ATOM   723  N  N   . LYS A 1 97  ? -1.588  15.276  4.759   1.00 0.00 ? 96  LYS A N   1 
ATOM   724  C  CA  . LYS A 1 97  ? -2.873  15.509  4.086   1.00 0.00 ? 96  LYS A CA  1 
ATOM   725  C  C   . LYS A 1 97  ? -3.518  14.141  3.855   1.00 0.00 ? 96  LYS A C   1 
ATOM   726  O  O   . LYS A 1 97  ? -4.592  13.842  4.398   1.00 0.00 ? 96  LYS A O   1 
ATOM   727  C  CB  . LYS A 1 97  ? -2.683  16.244  2.763   1.00 0.00 ? 96  LYS A CB  1 
ATOM   728  C  CG  . LYS A 1 97  ? -3.461  17.540  2.642   1.00 0.00 ? 96  LYS A CG  1 
ATOM   729  C  CD  . LYS A 1 97  ? -2.851  18.448  1.580   1.00 0.00 ? 96  LYS A CD  1 
ATOM   730  C  CE  . LYS A 1 97  ? -3.663  19.720  1.399   1.00 0.00 ? 96  LYS A CE  1 
ATOM   731  N  NZ  . LYS A 1 97  ? -3.289  20.409  0.143   1.00 0.00 ? 96  LYS A NZ  1 
ATOM   732  N  N   . THR A 1 98  ? -2.853  13.331  3.053   1.00 0.00 ? 97  THR A N   1 
ATOM   733  C  CA  . THR A 1 98  ? -3.364  11.988  2.743   1.00 0.00 ? 97  THR A CA  1 
ATOM   734  C  C   . THR A 1 98  ? -4.758  12.113  2.126   1.00 0.00 ? 97  THR A C   1 
ATOM   735  O  O   . THR A 1 98  ? -5.363  13.195  2.131   1.00 0.00 ? 97  THR A O   1 
ATOM   736  C  CB  . THR A 1 98  ? -3.547  11.204  3.948   1.00 0.00 ? 97  THR A CB  1 
ATOM   737  O  OG1 . THR A 1 98  ? -2.642  10.633  5.206   1.00 0.00 ? 97  THR A OG1 1 
ATOM   738  C  CG2 . THR A 1 98  ? -3.580  10.335  3.345   1.00 0.00 ? 97  THR A CG2 1 
ATOM   739  N  N   . LYS A 1 99  ? -5.245  11.005  1.601   1.00 0.00 ? 98  LYS A N   1 
ATOM   740  C  CA  . LYS A 1 99  ? -6.573  10.990  0.970   1.00 0.00 ? 98  LYS A CA  1 
ATOM   741  C  C   . LYS A 1 99  ? -7.157  9.762   1.673   1.00 0.00 ? 98  LYS A C   1 
ATOM   742  O  O   . LYS A 1 99  ? -8.337  9.427   1.493   1.00 0.00 ? 98  LYS A O   1 
ATOM   743  C  CB  . LYS A 1 99  ? -6.465  10.868  -0.547  1.00 0.00 ? 98  LYS A CB  1 
ATOM   744  C  CG  . LYS A 1 99  ? -5.905  12.094  -1.242  1.00 0.00 ? 98  LYS A CG  1 
ATOM   745  C  CD  . LYS A 1 99  ? -6.802  12.524  -2.398  1.00 0.00 ? 98  LYS A CD  1 
ATOM   746  C  CE  . LYS A 1 99  ? -6.018  12.660  -3.693  1.00 0.00 ? 98  LYS A CE  1 
ATOM   747  N  NZ  . LYS A 1 99  ? -6.930  12.778  -4.853  1.00 0.00 ? 98  LYS A NZ  1 
ATOM   748  N  N   . MET A 1 100 ? -6.323  9.111   2.462   1.00 0.00 ? 99  MET A N   1 
ATOM   749  C  CA  . MET A 1 100 ? -6.638  8.021   3.183   1.00 0.00 ? 99  MET A CA  1 
ATOM   750  C  C   . MET A 1 100 ? -6.786  8.361   4.655   1.00 0.00 ? 99  MET A C   1 
ATOM   751  O  O   . MET A 1 100 ? -5.783  8.856   5.191   1.00 0.00 ? 99  MET A O   1 
ATOM   752  C  CB  . MET A 1 100 ? -5.537  6.958   2.918   1.00 0.00 ? 99  MET A CB  1 
ATOM   753  C  CG  . MET A 1 100 ? -5.534  6.010   3.988   1.00 0.00 ? 99  MET A CG  1 
ATOM   754  S  SD  . MET A 1 100 ? -5.316  4.479   3.285   1.00 0.00 ? 99  MET A SD  1 
ATOM   755  C  CE  . MET A 1 100 ? -4.664  3.538   4.679   1.00 0.00 ? 99  MET A CE  1 
ATOM   756  N  N   . THR A 1 101 ? -7.980  8.031   5.286   1.00 0.00 ? 100 THR A N   1 
ATOM   757  C  CA  . THR A 1 101 ? -8.106  8.450   6.690   1.00 0.00 ? 100 THR A CA  1 
ATOM   758  C  C   . THR A 1 101 ? -8.295  7.239   7.604   1.00 0.00 ? 100 THR A C   1 
ATOM   759  O  O   . THR A 1 101 ? -8.341  7.372   8.837   1.00 0.00 ? 100 THR A O   1 
ATOM   760  C  CB  . THR A 1 101 ? -9.295  9.428   6.770   1.00 0.00 ? 100 THR A CB  1 
ATOM   761  O  OG1 . THR A 1 101 ? -8.969  10.279  7.865   1.00 0.00 ? 100 THR A OG1 1 
ATOM   762  C  CG2 . THR A 1 101 ? -10.604 8.727   7.019   1.00 0.00 ? 100 THR A CG2 1 
ATOM   763  N  N   . PHE A 1 102 ? -8.403  6.076   6.990   1.00 0.00 ? 101 PHE A N   1 
ATOM   764  C  CA  . PHE A 1 102 ? -8.594  4.834   7.751   1.00 0.00 ? 101 PHE A CA  1 
ATOM   765  C  C   . PHE A 1 102 ? -7.342  4.796   8.629   1.00 0.00 ? 101 PHE A C   1 
ATOM   766  O  O   . PHE A 1 102 ? -6.260  5.240   8.216   1.00 0.00 ? 101 PHE A O   1 
ATOM   767  C  CB  . PHE A 1 102 ? -8.736  3.671   6.787   1.00 0.00 ? 101 PHE A CB  1 
ATOM   768  C  CG  . PHE A 1 102 ? -9.609  2.551   7.274   1.00 0.00 ? 101 PHE A CG  1 
ATOM   769  C  CD1 . PHE A 1 102 ? -10.951 2.728   7.306   1.00 0.00 ? 101 PHE A CD1 1 
ATOM   770  C  CD2 . PHE A 1 102 ? -9.095  1.325   7.615   1.00 0.00 ? 101 PHE A CD2 1 
ATOM   771  C  CE1 . PHE A 1 102 ? -11.834 1.699   7.743   1.00 0.00 ? 101 PHE A CE1 1 
ATOM   772  C  CE2 . PHE A 1 102 ? -9.997  0.280   8.012   1.00 0.00 ? 101 PHE A CE2 1 
ATOM   773  C  CZ  . PHE A 1 102 ? -11.325 0.494   8.099   1.00 0.00 ? 101 PHE A CZ  1 
ATOM   774  N  N   . LYS A 1 103 ? -7.506  4.269   9.828   1.00 0.00 ? 102 LYS A N   1 
ATOM   775  C  CA  . LYS A 1 103 ? -6.385  4.178   10.775  1.00 0.00 ? 102 LYS A CA  1 
ATOM   776  C  C   . LYS A 1 103 ? -6.664  2.696   11.035  1.00 0.00 ? 102 LYS A C   1 
ATOM   777  O  O   . LYS A 1 103 ? -7.759  2.325   11.483  1.00 0.00 ? 102 LYS A O   1 
ATOM   778  C  CB  . LYS A 1 103 ? -6.552  5.156   11.931  1.00 0.00 ? 102 LYS A CB  1 
ATOM   779  C  CG  . LYS A 1 103 ? -6.718  6.606   11.514  1.00 0.00 ? 102 LYS A CG  1 
ATOM   780  C  CD  . LYS A 1 103 ? -7.236  7.451   12.673  1.00 0.00 ? 102 LYS A CD  1 
ATOM   781  C  CE  . LYS A 1 103 ? -6.107  7.890   13.593  1.00 0.00 ? 102 LYS A CE  1 
ATOM   782  N  NZ  . LYS A 1 103 ? -5.032  8.558   12.826  1.00 0.00 ? 102 LYS A NZ  1 
ATOM   783  N  N   . MET A 1 104 ? -5.690  1.846   10.985  1.00 0.00 ? 103 MET A N   1 
ATOM   784  C  CA  . MET A 1 104 ? -5.887  0.414   11.247  1.00 0.00 ? 103 MET A CA  1 
ATOM   785  C  C   . MET A 1 104 ? -4.803  -0.025  12.232  1.00 0.00 ? 103 MET A C   1 
ATOM   786  O  O   . MET A 1 104 ? -3.655  -0.289  11.842  1.00 0.00 ? 103 MET A O   1 
ATOM   787  C  CB  . MET A 1 104 ? -5.807  -0.389  9.923   1.00 0.00 ? 103 MET A CB  1 
ATOM   788  C  CG  . MET A 1 104 ? -7.129  -1.056  9.612   1.00 0.00 ? 103 MET A CG  1 
ATOM   789  S  SD  . MET A 1 104 ? -7.080  -2.811  9.954   1.00 0.00 ? 103 MET A SD  1 
ATOM   790  C  CE  . MET A 1 104 ? -5.524  -3.201  9.207   1.00 0.00 ? 103 MET A CE  1 
ATOM   791  N  N   . GLY A 1 105 ? -5.181  -0.097  13.496  1.00 0.00 ? 104 GLY A N   1 
ATOM   792  C  CA  . GLY A 1 105 ? -4.234  -0.500  14.545  1.00 0.00 ? 104 GLY A CA  1 
ATOM   793  C  C   . GLY A 1 105 ? -4.214  -1.802  15.349  1.00 0.00 ? 104 GLY A C   1 
ATOM   794  O  O   . GLY A 1 105 ? -3.559  -1.894  16.398  1.00 0.00 ? 104 GLY A O   1 
ATOM   795  N  N   . LYS A 1 106 ? -4.931  -2.789  14.846  1.00 0.00 ? 105 LYS A N   1 
ATOM   796  C  CA  . LYS A 1 106 ? -5.003  -4.091  15.522  1.00 0.00 ? 105 LYS A CA  1 
ATOM   797  C  C   . LYS A 1 106 ? -4.349  -5.301  14.850  1.00 0.00 ? 105 LYS A C   1 
ATOM   798  O  O   . LYS A 1 106 ? -3.717  -6.135  15.515  1.00 0.00 ? 105 LYS A O   1 
ATOM   799  C  CB  . LYS A 1 106 ? -6.448  -4.519  15.754  1.00 0.00 ? 105 LYS A CB  1 
ATOM   800  C  CG  . LYS A 1 106 ? -6.692  -5.238  17.068  1.00 0.00 ? 105 LYS A CG  1 
ATOM   801  C  CD  . LYS A 1 106 ? -7.910  -6.152  16.973  1.00 0.00 ? 105 LYS A CD  1 
ATOM   802  C  CE  . LYS A 1 106 ? -7.938  -7.167  18.106  1.00 0.00 ? 105 LYS A CE  1 
ATOM   803  N  NZ  . LYS A 1 106 ? -9.312  -7.667  18.332  1.00 0.00 ? 105 LYS A NZ  1 
ATOM   804  N  N   . ASN A 1 107 ? -4.513  -5.379  13.543  1.00 0.00 ? 106 ASN A N   1 
ATOM   805  C  CA  . ASN A 1 107 ? -3.941  -6.495  12.775  1.00 0.00 ? 106 ASN A CA  1 
ATOM   806  C  C   . ASN A 1 107 ? -3.135  -6.245  11.500  1.00 0.00 ? 106 ASN A C   1 
ATOM   807  O  O   . ASN A 1 107 ? -3.510  -6.701  10.409  1.00 0.00 ? 106 ASN A O   1 
ATOM   808  C  CB  . ASN A 1 107 ? -5.066  -7.463  12.347  1.00 0.00 ? 106 ASN A CB  1 
ATOM   809  C  CG  . ASN A 1 107 ? -5.761  -8.060  13.543  1.00 0.00 ? 106 ASN A CG  1 
ATOM   810  O  OD1 . ASN A 1 107 ? -5.913  -9.254  13.736  1.00 0.00 ? 106 ASN A OD1 1 
ATOM   811  N  ND2 . ASN A 1 107 ? -6.187  -7.152  14.503  1.00 0.00 ? 106 ASN A ND2 1 
ATOM   812  N  N   . GLN A 1 108 ? -2.039  -5.525  11.655  1.00 0.00 ? 107 GLN A N   1 
ATOM   813  C  CA  . GLN A 1 108 ? -1.175  -5.207  10.508  1.00 0.00 ? 107 GLN A CA  1 
ATOM   814  C  C   . GLN A 1 108 ? -0.497  -6.143  9.506   1.00 0.00 ? 107 GLN A C   1 
ATOM   815  O  O   . GLN A 1 108 ? -0.784  -6.100  8.300   1.00 0.00 ? 107 GLN A O   1 
ATOM   816  C  CB  . GLN A 1 108 ? 0.001   -4.416  11.009  1.00 0.00 ? 107 GLN A CB  1 
ATOM   817  C  CG  . GLN A 1 108 ? -0.312  -3.006  11.265  1.00 0.00 ? 107 GLN A CG  1 
ATOM   818  C  CD  . GLN A 1 108 ? -0.870  -2.704  12.664  1.00 0.00 ? 107 GLN A CD  1 
ATOM   819  O  OE1 . GLN A 1 108 ? -1.662  -3.542  13.186  1.00 0.00 ? 107 GLN A OE1 1 
ATOM   820  N  NE2 . GLN A 1 108 ? -0.561  -1.590  13.210  1.00 0.00 ? 107 GLN A NE2 1 
ATOM   821  N  N   . ALA A 1 109 ? 0.393   -6.971  10.018  1.00 0.00 ? 108 ALA A N   1 
ATOM   822  C  CA  . ALA A 1 109 ? 1.122   -7.919  9.163   1.00 0.00 ? 108 ALA A CA  1 
ATOM   823  C  C   . ALA A 1 109 ? 0.120   -8.937  8.616   1.00 0.00 ? 108 ALA A C   1 
ATOM   824  O  O   . ALA A 1 109 ? 0.277   -9.447  7.496   1.00 0.00 ? 108 ALA A O   1 
ATOM   825  C  CB  . ALA A 1 109 ? 2.134   -8.719  9.998   1.00 0.00 ? 108 ALA A CB  1 
ATOM   826  N  N   . ASP A 1 110 ? -0.893  -9.220  9.413   1.00 0.00 ? 109 ASP A N   1 
ATOM   827  C  CA  . ASP A 1 110 ? -1.923  -10.188 9.011   1.00 0.00 ? 109 ASP A CA  1 
ATOM   828  C  C   . ASP A 1 110 ? -2.273  -9.716  7.599   1.00 0.00 ? 109 ASP A C   1 
ATOM   829  O  O   . ASP A 1 110 ? -2.295  -10.513 6.648   1.00 0.00 ? 109 ASP A O   1 
ATOM   830  C  CB  . ASP A 1 110 ? -3.096  -10.148 10.015  1.00 0.00 ? 109 ASP A CB  1 
ATOM   831  C  CG  . ASP A 1 110 ? -3.077  -11.344 10.931  1.00 0.00 ? 109 ASP A CG  1 
ATOM   832  O  OD1 . ASP A 1 110 ? -4.016  -11.715 11.612  1.00 0.00 ? 109 ASP A OD1 1 
ATOM   833  O  OD2 . ASP A 1 110 ? -2.064  -11.990 10.917  1.00 0.00 ? 109 ASP A OD2 1 
ATOM   834  N  N   . VAL A 1 111 ? -2.541  -8.430  7.482   1.00 0.00 ? 110 VAL A N   1 
ATOM   835  C  CA  . VAL A 1 111 ? -2.898  -7.847  6.179   1.00 0.00 ? 110 VAL A CA  1 
ATOM   836  C  C   . VAL A 1 111 ? -1.882  -7.681  5.049   1.00 0.00 ? 110 VAL A C   1 
ATOM   837  O  O   . VAL A 1 111 ? -2.124  -8.102  3.907   1.00 0.00 ? 110 VAL A O   1 
ATOM   838  C  CB  . VAL A 1 111 ? -3.458  -6.446  6.379   1.00 0.00 ? 110 VAL A CB  1 
ATOM   839  C  CG1 . VAL A 1 111 ? -2.994  -5.405  5.329   1.00 0.00 ? 110 VAL A CG1 1 
ATOM   840  C  CG2 . VAL A 1 111 ? -4.953  -6.453  6.560   1.00 0.00 ? 110 VAL A CG2 1 
ATOM   841  N  N   . VAL A 1 112 ? -0.761  -7.068  5.381   1.00 0.00 ? 111 VAL A N   1 
ATOM   842  C  CA  . VAL A 1 112 ? 0.297   -6.837  4.385   1.00 0.00 ? 111 VAL A CA  1 
ATOM   843  C  C   . VAL A 1 112 ? 0.437   -8.256  3.831   1.00 0.00 ? 111 VAL A C   1 
ATOM   844  O  O   . VAL A 1 112 ? 0.593   -8.454  2.617   1.00 0.00 ? 111 VAL A O   1 
ATOM   845  C  CB  . VAL A 1 112 ? 1.530   -6.265  5.070   1.00 0.00 ? 111 VAL A CB  1 
ATOM   846  C  CG1 . VAL A 1 112 ? 2.870   -6.565  4.354   1.00 0.00 ? 111 VAL A CG1 1 
ATOM   847  C  CG2 . VAL A 1 112 ? 1.369   -4.804  5.399   1.00 0.00 ? 111 VAL A CG2 1 
ATOM   848  N  N   . ALA A 1 113 ? 0.381   -9.223  4.730   1.00 0.00 ? 112 ALA A N   1 
ATOM   849  C  CA  . ALA A 1 113 ? 0.508   -10.631 4.331   1.00 0.00 ? 112 ALA A CA  1 
ATOM   850  C  C   . ALA A 1 113 ? -0.343  -10.778 3.069   1.00 0.00 ? 112 ALA A C   1 
ATOM   851  O  O   . ALA A 1 113 ? 0.187   -10.892 1.953   1.00 0.00 ? 112 ALA A O   1 
ATOM   852  C  CB  . ALA A 1 113 ? -0.114  -11.568 5.379   1.00 0.00 ? 112 ALA A CB  1 
ATOM   853  N  N   . PHE A 1 114 ? -1.648  -10.774 3.262   1.00 0.00 ? 113 PHE A N   1 
ATOM   854  C  CA  . PHE A 1 114 ? -2.578  -10.914 2.133   1.00 0.00 ? 113 PHE A CA  1 
ATOM   855  C  C   . PHE A 1 114 ? -2.258  -10.104 0.876   1.00 0.00 ? 113 PHE A C   1 
ATOM   856  O  O   . PHE A 1 114 ? -2.316  -10.623 -0.249  1.00 0.00 ? 113 PHE A O   1 
ATOM   857  C  CB  . PHE A 1 114 ? -3.975  -10.526 2.584   1.00 0.00 ? 113 PHE A CB  1 
ATOM   858  C  CG  . PHE A 1 114 ? -5.036  -10.659 1.530   1.00 0.00 ? 113 PHE A CG  1 
ATOM   859  C  CD1 . PHE A 1 114 ? -5.872  -9.619  1.303   1.00 0.00 ? 113 PHE A CD1 1 
ATOM   860  C  CD2 . PHE A 1 114 ? -5.133  -11.772 0.732   1.00 0.00 ? 113 PHE A CD2 1 
ATOM   861  C  CE1 . PHE A 1 114 ? -6.890  -9.676  0.307   1.00 0.00 ? 113 PHE A CE1 1 
ATOM   862  C  CE2 . PHE A 1 114 ? -6.133  -11.802 -0.299  1.00 0.00 ? 113 PHE A CE2 1 
ATOM   863  C  CZ  . PHE A 1 114 ? -6.999  -10.784 -0.466  1.00 0.00 ? 113 PHE A CZ  1 
ATOM   864  N  N   . LEU A 1 115 ? -1.925  -8.844  1.083   1.00 0.00 ? 114 LEU A N   1 
ATOM   865  C  CA  . LEU A 1 115 ? -1.599  -7.954  -0.040  1.00 0.00 ? 114 LEU A CA  1 
ATOM   866  C  C   . LEU A 1 115 ? -0.213  -8.229  -0.625  1.00 0.00 ? 114 LEU A C   1 
ATOM   867  O  O   . LEU A 1 115 ? 0.102   -7.802  -1.745  1.00 0.00 ? 114 LEU A O   1 
ATOM   868  C  CB  . LEU A 1 115 ? -1.662  -6.482  0.411   1.00 0.00 ? 114 LEU A CB  1 
ATOM   869  C  CG  . LEU A 1 115 ? -2.818  -5.638  -0.084  1.00 0.00 ? 114 LEU A CG  1 
ATOM   870  C  CD1 . LEU A 1 115 ? -2.338  -4.722  -1.184  1.00 0.00 ? 114 LEU A CD1 1 
ATOM   871  C  CD2 . LEU A 1 115 ? -3.935  -6.515  -0.595  1.00 0.00 ? 114 LEU A CD2 1 
ATOM   872  N  N   . ALA A 1 116 ? 0.595   -8.938  0.142   1.00 0.00 ? 115 ALA A N   1 
ATOM   873  C  CA  . ALA A 1 116 ? 1.957   -9.268  -0.298  1.00 0.00 ? 115 ALA A CA  1 
ATOM   874  C  C   . ALA A 1 116 ? 1.467   -10.192 -1.414  1.00 0.00 ? 115 ALA A C   1 
ATOM   875  O  O   . ALA A 1 116 ? 1.683   -9.923  -2.605  1.00 0.00 ? 115 ALA A O   1 
ATOM   876  C  CB  . ALA A 1 116 ? 2.780   -10.149 0.656   1.00 0.00 ? 115 ALA A CB  1 
ATOM   877  N  N   . GLN A 1 117 ? 0.815   -11.267 -1.013  1.00 0.00 ? 116 GLN A N   1 
ATOM   878  C  CA  . GLN A 1 117 ? 0.295   -12.240 -1.984  1.00 0.00 ? 116 GLN A CA  1 
ATOM   879  C  C   . GLN A 1 117 ? -0.318  -11.892 -3.340  1.00 0.00 ? 116 GLN A C   1 
ATOM   880  O  O   . GLN A 1 117 ? 0.064   -12.456 -4.376  1.00 0.00 ? 116 GLN A O   1 
ATOM   881  C  CB  . GLN A 1 117 ? -0.772  -13.056 -1.308  1.00 0.00 ? 116 GLN A CB  1 
ATOM   882  C  CG  . GLN A 1 117 ? -1.535  -13.899 -2.237  1.00 0.00 ? 116 GLN A CG  1 
ATOM   883  C  CD  . GLN A 1 117 ? -2.587  -14.804 -1.581  1.00 0.00 ? 116 GLN A CD  1 
ATOM   884  O  OE1 . GLN A 1 117 ? -2.188  -15.796 -0.905  1.00 0.00 ? 116 GLN A OE1 1 
ATOM   885  N  NE2 . GLN A 1 117 ? -3.821  -14.552 -1.800  1.00 0.00 ? 116 GLN A NE2 1 
ATOM   886  N  N   . ASP A 1 118 ? -1.261  -10.969 -3.314  1.00 0.00 ? 117 ASP A N   1 
ATOM   887  C  CA  . ASP A 1 118 ? -1.938  -10.545 -4.548  1.00 0.00 ? 117 ASP A CA  1 
ATOM   888  C  C   . ASP A 1 118 ? -1.012  -9.969  -5.620  1.00 0.00 ? 117 ASP A C   1 
ATOM   889  O  O   . ASP A 1 118 ? -1.253  -10.134 -6.825  1.00 0.00 ? 117 ASP A O   1 
ATOM   890  C  CB  . ASP A 1 118 ? -3.012  -9.488  -4.217  1.00 0.00 ? 117 ASP A CB  1 
ATOM   891  C  CG  . ASP A 1 118 ? -4.396  -10.083 -4.239  1.00 0.00 ? 117 ASP A CG  1 
ATOM   892  O  OD1 . ASP A 1 118 ? -4.830  -10.802 -5.123  1.00 0.00 ? 117 ASP A OD1 1 
ATOM   893  O  OD2 . ASP A 1 118 ? -5.071  -9.859  -3.273  1.00 0.00 ? 117 ASP A OD2 1 
ATOM   894  N  N   . ASP A 1 119 ? 0.033   -9.301  -5.167  1.00 0.00 ? 118 ASP A N   1 
ATOM   895  C  CA  . ASP A 1 119 ? 0.998   -8.692  -6.093  1.00 0.00 ? 118 ASP A CA  1 
ATOM   896  C  C   . ASP A 1 119 ? 2.041   -9.809  -6.034  1.00 0.00 ? 118 ASP A C   1 
ATOM   897  O  O   . ASP A 1 119 ? 3.018   -9.731  -5.275  1.00 0.00 ? 118 ASP A O   1 
ATOM   898  C  CB  . ASP A 1 119 ? 1.422   -7.305  -5.564  1.00 0.00 ? 118 ASP A CB  1 
ATOM   899  C  CG  . ASP A 1 119 ? 1.130   -7.165  -4.092  1.00 0.00 ? 118 ASP A CG  1 
ATOM   900  O  OD1 . ASP A 1 119 ? 1.173   -6.118  -3.470  1.00 0.00 ? 118 ASP A OD1 1 
ATOM   901  O  OD2 . ASP A 1 119 ? 0.779   -8.170  -3.538  1.00 0.00 ? 118 ASP A OD2 1 
ATOM   902  N  N   . PRO A 1 120 ? 1.818   -10.834 -6.836  1.00 0.00 ? 119 PRO A N   1 
ATOM   903  C  CA  . PRO A 1 120 ? 2.739   -11.978 -6.874  1.00 0.00 ? 119 PRO A CA  1 
ATOM   904  C  C   . PRO A 1 120 ? 4.215   -11.753 -7.204  1.00 0.00 ? 119 PRO A C   1 
ATOM   905  O  O   . PRO A 1 120 ? 5.061   -12.629 -6.968  1.00 0.00 ? 119 PRO A O   1 
ATOM   906  C  CB  . PRO A 1 120 ? 2.146   -12.890 -7.902  1.00 0.00 ? 119 PRO A CB  1 
ATOM   907  C  CG  . PRO A 1 120 ? 1.332   -12.001 -8.824  1.00 0.00 ? 119 PRO A CG  1 
ATOM   908  C  CD  . PRO A 1 120 ? 0.842   -10.875 -7.919  1.00 0.00 ? 119 PRO A CD  1 
ATOM   909  N  N   . ASP A 1 121 ? 4.504   -10.585 -7.744  1.00 0.00 ? 120 ASP A N   1 
ATOM   910  C  CA  . ASP A 1 121 ? 5.885   -10.244 -8.115  1.00 0.00 ? 120 ASP A CA  1 
ATOM   911  C  C   . ASP A 1 121 ? 6.701   -9.616  -6.983  1.00 0.00 ? 120 ASP A C   1 
ATOM   912  O  O   . ASP A 1 121 ? 6.346   -8.552  -6.457  1.00 0.00 ? 120 ASP A O   1 
ATOM   913  C  CB  . ASP A 1 121 ? 5.878   -9.270  -9.314  1.00 0.00 ? 120 ASP A CB  1 
ATOM   914  C  CG  . ASP A 1 121 ? 5.569   -9.989  -10.602 1.00 0.00 ? 120 ASP A CG  1 
ATOM   915  O  OD1 . ASP A 1 121 ? 4.578   -9.797  -11.286 1.00 0.00 ? 120 ASP A OD1 1 
ATOM   916  O  OD2 . ASP A 1 121 ? 6.409   -10.759 -10.980 1.00 0.00 ? 120 ASP A OD2 1 
ATOM   917  N  N   . ALA A 1 122 ? 7.782   -10.284 -6.626  1.00 0.00 ? 121 ALA A N   1 
ATOM   918  C  CA  . ALA A 1 122 ? 8.652   -9.794  -5.548  1.00 0.00 ? 121 ALA A CA  1 
ATOM   919  C  C   . ALA A 1 122 ? 9.770   -10.461 -6.349  1.00 0.00 ? 121 ALA A C   1 
ATOM   920  O  O   . ALA A 1 122 ? 10.950  -10.395 -5.975  1.00 0.00 ? 121 ALA A O   1 
ATOM   921  C  CB  . ALA A 1 122 ? 8.615   -10.507 -4.186  1.00 0.00 ? 121 ALA A CB  1 
ATOM   922  N  N   . UNK A 1 123 ? 9.384   -11.095 -7.441  1.00 0.00 ? 122 UNK A N   1 
ATOM   923  C  CA  . UNK A 1 123 ? 10.358  -11.785 -8.298  1.00 0.00 ? 122 UNK A CA  1 
ATOM   924  C  C   . UNK A 1 123 ? 11.322  -12.816 -7.710  1.00 0.00 ? 122 UNK A C   1 
ATOM   925  O  O   . UNK A 1 123 ? 12.405  -13.063 -8.260  1.00 0.00 ? 122 UNK A O   1 
ATOM   926  N  N   . UNK A 1 124 ? 10.916  -13.401 -6.599  1.00 0.00 ? 123 UNK A N   1 
ATOM   927  C  CA  . UNK A 1 124 ? 11.749  -14.407 -5.925  1.00 0.00 ? 123 UNK A CA  1 
ATOM   928  C  C   . UNK A 1 124 ? 12.600  -13.537 -4.999  1.00 0.00 ? 123 UNK A C   1 
ATOM   929  O  O   . UNK A 1 124 ? 12.871  -13.908 -3.847  1.00 0.00 ? 123 UNK A O   1 
ATOM   930  N  N   . UNK A 1 125 ? 13.011  -12.394 -5.516  1.00 0.00 ? 124 UNK A N   1 
ATOM   931  C  CA  . UNK A 1 125 ? 13.841  -11.467 -4.733  1.00 0.00 ? 124 UNK A CA  1 
ATOM   932  C  C   . UNK A 1 125 ? 13.735  -10.056 -5.313  1.00 0.00 ? 124 UNK A C   1 
ATOM   933  O  O   . UNK A 1 125 ? 12.807  -9.301  -4.985  1.00 0.00 ? 124 UNK A O   1 
ATOM   934  N  N   . UNK A 1 126 ? 14.686  -9.719  -6.163  1.00 0.00 ? 125 UNK A N   1 
ATOM   935  C  CA  . UNK A 1 126 ? 14.705  -8.389  -6.788  1.00 0.00 ? 125 UNK A CA  1 
ATOM   936  C  C   . UNK A 1 126 ? 14.710  -7.122  -7.644  1.00 0.00 ? 125 UNK A C   1 
ATOM   937  O  O   . UNK A 1 126 ? 13.725  -6.813  -8.332  1.00 0.00 ? 125 UNK A O   1 
ATOM   938  N  N   . UNK A 1 127 ? 15.818  -6.406  -7.589  1.00 0.00 ? 126 UNK A N   1 
ATOM   939  C  CA  . UNK A 1 127 ? 15.952  -5.162  -8.359  1.00 0.00 ? 126 UNK A CA  1 
ATOM   940  C  C   . UNK A 1 127 ? 16.564  -3.913  -7.718  1.00 0.00 ? 126 UNK A C   1 
ATOM   941  O  O   . UNK A 1 127 ? 16.512  -2.815  -8.291  1.00 0.00 ? 126 UNK A O   1 
ATOM   942  N  N   . UNK A 1 128 ? 17.131  -4.100  -6.542  1.00 0.00 ? 127 UNK A N   1 
ATOM   943  C  CA  . UNK A 1 128 ? 17.752  -2.984  -5.816  1.00 0.00 ? 127 UNK A CA  1 
ATOM   944  C  C   . UNK A 1 128 ? 18.353  -3.000  -4.410  1.00 0.00 ? 127 UNK A C   1 
ATOM   945  O  O   . UNK A 1 128 ? 19.569  -3.174  -4.239  1.00 0.00 ? 127 UNK A O   1 
ATOM   946  N  N   . UNK A 1 129 ? 17.494  -2.818  -3.424  1.00 0.00 ? 128 UNK A N   1 
ATOM   947  C  CA  . UNK A 1 129 ? 17.943  -2.806  -2.024  1.00 0.00 ? 128 UNK A CA  1 
ATOM   948  C  C   . UNK A 1 129 ? 17.803  -1.650  -1.032  1.00 0.00 ? 128 UNK A C   1 
ATOM   949  O  O   . UNK A 1 129 ? 17.131  -1.776  0.001   1.00 0.00 ? 128 UNK A O   1 
ATOM   950  N  N   . UNK A 1 130 ? 18.440  -0.542  -1.361  1.00 0.00 ? 129 UNK A N   1 
ATOM   951  C  CA  . UNK A 1 130 ? 18.366  0.566   -0.393  1.00 0.00 ? 129 UNK A CA  1 
ATOM   952  C  C   . UNK A 1 130 ? 17.130  0.545   0.365   1.00 0.00 ? 129 UNK A C   1 
ATOM   953  O  O   . UNK A 1 130 ? 16.017  0.814   -0.110  1.00 0.00 ? 129 UNK A O   1 
ATOM   954  N  N   . UNK A 1 131 ? 17.320  0.161   1.613   1.00 0.00 ? 130 UNK A N   1 
ATOM   955  C  CA  . UNK A 1 131 ? 16.190  0.022   2.541   1.00 0.00 ? 130 UNK A CA  1 
ATOM   956  C  C   . UNK A 1 131 ? 14.843  0.708   2.312   1.00 0.00 ? 130 UNK A C   1 
ATOM   957  O  O   . UNK A 1 131 ? 14.781  1.840   1.808   1.00 0.00 ? 130 UNK A O   1 
ATOM   958  N  N   . UNK A 1 132 ? 13.784  0.015   2.684   1.00 0.00 ? 131 UNK A N   1 
ATOM   959  C  CA  . UNK A 1 132 ? 12.428  0.557   2.515   1.00 0.00 ? 131 UNK A CA  1 
ATOM   960  C  C   . UNK A 1 132 ? 12.061  0.177   1.079   1.00 0.00 ? 131 UNK A C   1 
ATOM   961  O  O   . UNK A 1 132 ? 10.924  -0.227  0.798   1.00 0.00 ? 131 UNK A O   1 
ATOM   962  N  N   . UNK A 1 133 ? 13.029  0.316   0.193   1.00 0.00 ? 132 UNK A N   1 
ATOM   963  C  CA  . UNK A 1 133 ? 12.808  -0.007  -1.224  1.00 0.00 ? 132 UNK A CA  1 
ATOM   964  C  C   . UNK A 1 133 ? 13.457  -1.380  -1.411  1.00 0.00 ? 132 UNK A C   1 
ATOM   965  O  O   . UNK A 1 133 ? 13.779  -2.071  -0.432  1.00 0.00 ? 132 UNK A O   1 
ATOM   966  N  N   . UNK A 1 134 ? 13.638  -1.755  -2.662  1.00 0.00 ? 133 UNK A N   1 
ATOM   967  C  CA  . UNK A 1 134 ? 14.247  -3.054  -2.982  1.00 0.00 ? 133 UNK A CA  1 
ATOM   968  C  C   . UNK A 1 134 ? 13.170  -3.761  -3.807  1.00 0.00 ? 133 UNK A C   1 
ATOM   969  O  O   . UNK A 1 134 ? 12.780  -4.898  -3.504  1.00 0.00 ? 133 UNK A O   1 
ATOM   970  N  N   . UNK A 1 135 ? 12.707  -3.078  -4.836  1.00 0.00 ? 134 UNK A N   1 
ATOM   971  C  CA  . UNK A 1 135 ? 11.666  -3.639  -5.709  1.00 0.00 ? 134 UNK A CA  1 
ATOM   972  C  C   . UNK A 1 135 ? 11.929  -3.050  -7.096  1.00 0.00 ? 134 UNK A C   1 
ATOM   973  O  O   . UNK A 1 135 ? 11.939  -3.773  -8.103  1.00 0.00 ? 134 UNK A O   1 
ATOM   974  O  OXT . UNK A 1 135 ? 12.136  -1.747  -7.127  1.00 0.00 ? 134 UNK A OXT 1 
HETATM 975  C  CHA . HEM B 2 .   ? -3.353  5.238   -0.552  1.00 0.00 ? 135 HEM A CHA 1 
HETATM 976  C  CHB . HEM B 2 .   ? -3.570  0.742   1.899   1.00 0.00 ? 135 HEM A CHB 1 
HETATM 977  C  CHC . HEM B 2 .   ? -8.362  1.579   3.403   1.00 0.00 ? 135 HEM A CHC 1 
HETATM 978  C  CHD . HEM B 2 .   ? -8.229  6.002   0.728   1.00 0.00 ? 135 HEM A CHD 1 
HETATM 979  C  C1A . HEM B 2 .   ? -3.038  4.004   0.008   1.00 0.00 ? 135 HEM A C1A 1 
HETATM 980  C  C2A . HEM B 2 .   ? -1.750  3.361   -0.196  1.00 0.00 ? 135 HEM A C2A 1 
HETATM 981  C  C3A . HEM B 2 .   ? -1.765  2.038   0.441   1.00 0.00 ? 135 HEM A C3A 1 
HETATM 982  C  C4A . HEM B 2 .   ? -3.099  1.983   1.106   1.00 0.00 ? 135 HEM A C4A 1 
HETATM 983  C  CMA . HEM B 2 .   ? -0.690  1.003   0.569   1.00 0.00 ? 135 HEM A CMA 1 
HETATM 984  C  CAA . HEM B 2 .   ? -0.577  3.987   -1.056  1.00 0.00 ? 135 HEM A CAA 1 
HETATM 985  C  CBA . HEM B 2 .   ? -0.597  3.457   -2.424  1.00 0.00 ? 135 HEM A CBA 1 
HETATM 986  C  CGA . HEM B 2 .   ? 0.217   4.221   -3.484  1.00 0.00 ? 135 HEM A CGA 1 
HETATM 987  O  O1A . HEM B 2 .   ? -0.207  4.355   -4.375  1.00 0.00 ? 135 HEM A O1A 1 
HETATM 988  O  O2A . HEM B 2 .   ? 1.335   4.593   -3.003  1.00 0.00 ? 135 HEM A O2A 1 
HETATM 989  C  C1B . HEM B 2 .   ? -4.866  0.674   2.572   1.00 0.00 ? 135 HEM A C1B 1 
HETATM 990  C  C2B . HEM B 2 .   ? -5.332  -0.424  3.344   1.00 0.00 ? 135 HEM A C2B 1 
HETATM 991  C  C3B . HEM B 2 .   ? -6.549  -0.293  3.551   1.00 0.00 ? 135 HEM A C3B 1 
HETATM 992  C  C4B . HEM B 2 .   ? -6.946  1.054   3.166   1.00 0.00 ? 135 HEM A C4B 1 
HETATM 993  C  CMB . HEM B 2 .   ? -4.465  -1.729  3.614   1.00 0.00 ? 135 HEM A CMB 1 
HETATM 994  C  CAB . HEM B 2 .   ? -7.342  -1.170  4.472   1.00 0.00 ? 135 HEM A CAB 1 
HETATM 995  C  CBB . HEM B 2 .   ? -6.456  -1.452  5.630   1.00 0.00 ? 135 HEM A CBB 1 
HETATM 996  C  C1C . HEM B 2 .   ? -8.723  2.848   2.721   1.00 0.00 ? 135 HEM A C1C 1 
HETATM 997  C  C2C . HEM B 2 .   ? -9.998  3.401   2.812   1.00 0.00 ? 135 HEM A C2C 1 
HETATM 998  C  C3C . HEM B 2 .   ? -10.017 4.615   2.074   1.00 0.00 ? 135 HEM A C3C 1 
HETATM 999  C  C4C . HEM B 2 .   ? -8.724  4.818   1.518   1.00 0.00 ? 135 HEM A C4C 1 
HETATM 1000 C  CMC . HEM B 2 .   ? -11.180 2.724   3.666   1.00 0.00 ? 135 HEM A CMC 1 
HETATM 1001 C  CAC . HEM B 2 .   ? -11.257 5.442   1.772   1.00 0.00 ? 135 HEM A CAC 1 
HETATM 1002 C  CBC . HEM B 2 .   ? -12.146 5.635   3.069   1.00 0.00 ? 135 HEM A CBC 1 
HETATM 1003 C  C1D . HEM B 2 .   ? -6.874  6.135   0.190   1.00 0.00 ? 135 HEM A C1D 1 
HETATM 1004 C  C2D . HEM B 2 .   ? -6.514  7.265   -0.618  1.00 0.00 ? 135 HEM A C2D 1 
HETATM 1005 C  C3D . HEM B 2 .   ? -5.165  7.067   -0.895  1.00 0.00 ? 135 HEM A C3D 1 
HETATM 1006 C  C4D . HEM B 2 .   ? -4.788  5.856   -0.341  1.00 0.00 ? 135 HEM A C4D 1 
HETATM 1007 C  CMD . HEM B 2 .   ? -7.308  8.451   -1.061  1.00 0.00 ? 135 HEM A CMD 1 
HETATM 1008 C  CAD . HEM B 2 .   ? -4.414  7.997   -1.773  1.00 0.00 ? 135 HEM A CAD 1 
HETATM 1009 C  CBD . HEM B 2 .   ? -3.500  8.714   -0.903  1.00 0.00 ? 135 HEM A CBD 1 
HETATM 1010 C  CGD . HEM B 2 .   ? -2.777  9.895   -1.755  1.00 0.00 ? 135 HEM A CGD 1 
HETATM 1011 O  O1D . HEM B 2 .   ? -2.154  10.801  -1.254  1.00 0.00 ? 135 HEM A O1D 1 
HETATM 1012 O  O2D . HEM B 2 .   ? -2.774  9.891   -2.896  1.00 0.00 ? 135 HEM A O2D 1 
HETATM 1013 N  NA  . HEM B 2 .   ? -3.793  3.118   0.805   1.00 0.00 ? 135 HEM A NA  1 
HETATM 1014 N  NB  . HEM B 2 .   ? -5.842  1.607   2.447   1.00 0.00 ? 135 HEM A NB  1 
HETATM 1015 N  NC  . HEM B 2 .   ? -7.970  3.752   1.954   1.00 0.00 ? 135 HEM A NC  1 
HETATM 1016 N  ND  . HEM B 2 .   ? -5.856  5.292   0.388   1.00 0.00 ? 135 HEM A ND  1 
HETATM 1017 FE FE  . HEM B 2 .   ? -5.890  3.492   1.447   1.00 0.00 ? 135 HEM A FE  1 
# 
